data_3CCY
# 
_entry.id   3CCY 
# 
_audit_conform.dict_name       mmcif_pdbx.dic 
_audit_conform.dict_version    5.398 
_audit_conform.dict_location   http://mmcif.pdb.org/dictionaries/ascii/mmcif_pdbx.dic 
# 
loop_
_database_2.database_id 
_database_2.database_code 
_database_2.pdbx_database_accession 
_database_2.pdbx_DOI 
PDB   3CCY         pdb_00003ccy 10.2210/pdb3ccy/pdb 
RCSB  RCSB046624   ?            ?                   
WWPDB D_1000046624 ?            ?                   
# 
loop_
_pdbx_audit_revision_history.ordinal 
_pdbx_audit_revision_history.data_content_type 
_pdbx_audit_revision_history.major_revision 
_pdbx_audit_revision_history.minor_revision 
_pdbx_audit_revision_history.revision_date 
1 'Structure model' 1 0 2008-03-18 
2 'Structure model' 1 1 2011-07-13 
3 'Structure model' 1 2 2024-11-06 
# 
_pdbx_audit_revision_details.ordinal             1 
_pdbx_audit_revision_details.revision_ordinal    1 
_pdbx_audit_revision_details.data_content_type   'Structure model' 
_pdbx_audit_revision_details.provider            repository 
_pdbx_audit_revision_details.type                'Initial release' 
_pdbx_audit_revision_details.description         ? 
_pdbx_audit_revision_details.details             ? 
# 
loop_
_pdbx_audit_revision_group.ordinal 
_pdbx_audit_revision_group.revision_ordinal 
_pdbx_audit_revision_group.data_content_type 
_pdbx_audit_revision_group.group 
1 2 'Structure model' Advisory                    
2 2 'Structure model' 'Version format compliance' 
3 3 'Structure model' 'Data collection'           
4 3 'Structure model' 'Database references'       
5 3 'Structure model' 'Derived calculations'      
6 3 'Structure model' 'Structure summary'         
# 
loop_
_pdbx_audit_revision_category.ordinal 
_pdbx_audit_revision_category.revision_ordinal 
_pdbx_audit_revision_category.data_content_type 
_pdbx_audit_revision_category.category 
1 3 'Structure model' chem_comp_atom            
2 3 'Structure model' chem_comp_bond            
3 3 'Structure model' database_2                
4 3 'Structure model' pdbx_entry_details        
5 3 'Structure model' pdbx_modification_feature 
6 3 'Structure model' struct_conn               
7 3 'Structure model' struct_ref_seq_dif        
# 
loop_
_pdbx_audit_revision_item.ordinal 
_pdbx_audit_revision_item.revision_ordinal 
_pdbx_audit_revision_item.data_content_type 
_pdbx_audit_revision_item.item 
1 3 'Structure model' '_database_2.pdbx_DOI'                
2 3 'Structure model' '_database_2.pdbx_database_accession' 
3 3 'Structure model' '_struct_conn.pdbx_leaving_atom_flag' 
4 3 'Structure model' '_struct_ref_seq_dif.details'         
# 
_pdbx_database_status.status_code                     REL 
_pdbx_database_status.entry_id                        3CCY 
_pdbx_database_status.recvd_initial_deposition_date   2008-02-26 
_pdbx_database_status.deposit_site                    RCSB 
_pdbx_database_status.process_site                    RCSB 
_pdbx_database_status.status_code_sf                  REL 
_pdbx_database_status.status_code_mr                  ? 
_pdbx_database_status.SG_entry                        Y 
_pdbx_database_status.pdb_format_compatible           Y 
_pdbx_database_status.status_code_cs                  ? 
_pdbx_database_status.status_code_nmr_data            ? 
_pdbx_database_status.methods_development_category    ? 
# 
_pdbx_database_related.db_name        TargetDB 
_pdbx_database_related.db_id          APC88698 
_pdbx_database_related.details        . 
_pdbx_database_related.content_type   unspecified 
# 
loop_
_audit_author.name 
_audit_author.pdbx_ordinal 
'Tan, K.'                                       1 
'Li, H.'                                        2 
'Clancy, S.'                                    3 
'Joachimiak, A.'                                4 
'Midwest Center for Structural Genomics (MCSG)' 5 
# 
_citation.id                        primary 
_citation.title                     
'The crystal structure of a TetR-family transcriptional regulator from Bordetella parapertussis 12822.' 
_citation.journal_abbrev            'To be Published' 
_citation.journal_volume            ? 
_citation.page_first                ? 
_citation.page_last                 ? 
_citation.year                      ? 
_citation.journal_id_ASTM           ? 
_citation.country                   ? 
_citation.journal_id_ISSN           ? 
_citation.journal_id_CSD            0353 
_citation.book_publisher            ? 
_citation.pdbx_database_id_PubMed   ? 
_citation.pdbx_database_id_DOI      ? 
# 
loop_
_citation_author.citation_id 
_citation_author.name 
_citation_author.ordinal 
_citation_author.identifier_ORCID 
primary 'Tan, K.'        1 ? 
primary 'Li, H.'         2 ? 
primary 'Clancy, S.'     3 ? 
primary 'Joachimiak, A.' 4 ? 
# 
loop_
_entity.id 
_entity.type 
_entity.src_method 
_entity.pdbx_description 
_entity.formula_weight 
_entity.pdbx_number_of_molecules 
_entity.pdbx_ec 
_entity.pdbx_mutation 
_entity.pdbx_fragment 
_entity.details 
1 polymer man 'Putative TetR-family transcriptional regulator' 23646.992 1   ? ? ? ? 
2 water   nat water                                            18.015    115 ? ? ? ? 
# 
_entity_poly.entity_id                      1 
_entity_poly.type                           'polypeptide(L)' 
_entity_poly.nstd_linkage                   no 
_entity_poly.nstd_monomer                   yes 
_entity_poly.pdbx_seq_one_letter_code       
;SNA(MSE)ARTRSADYENIRDTIIERAAA(MSE)FARQGYSETSIGDIARACECSKSRLYHYFDSKEAVLRD(MSE)LTT
HVDSLLERCRQVLYGSNEPKTRFLQIVKLFLEIYATSRDRHVV(MSE)LTCLDALPEDQRKALIAKQRELIAYVRDALLQ
LRPD(MSE)AANRTLAHVDT(MSE)LFFG(MSE)INWTYTWYKADGSVSPDALAERTVQLFLDGYLNLLSA
;
_entity_poly.pdbx_seq_one_letter_code_can   
;SNAMARTRSADYENIRDTIIERAAAMFARQGYSETSIGDIARACECSKSRLYHYFDSKEAVLRDMLTTHVDSLLERCRQV
LYGSNEPKTRFLQIVKLFLEIYATSRDRHVVMLTCLDALPEDQRKALIAKQRELIAYVRDALLQLRPDMAANRTLAHVDT
MLFFGMINWTYTWYKADGSVSPDALAERTVQLFLDGYLNLLSA
;
_entity_poly.pdbx_strand_id                 A 
_entity_poly.pdbx_target_identifier         APC88698 
# 
_pdbx_entity_nonpoly.entity_id   2 
_pdbx_entity_nonpoly.name        water 
_pdbx_entity_nonpoly.comp_id     HOH 
# 
loop_
_entity_poly_seq.entity_id 
_entity_poly_seq.num 
_entity_poly_seq.mon_id 
_entity_poly_seq.hetero 
1 1   SER n 
1 2   ASN n 
1 3   ALA n 
1 4   MSE n 
1 5   ALA n 
1 6   ARG n 
1 7   THR n 
1 8   ARG n 
1 9   SER n 
1 10  ALA n 
1 11  ASP n 
1 12  TYR n 
1 13  GLU n 
1 14  ASN n 
1 15  ILE n 
1 16  ARG n 
1 17  ASP n 
1 18  THR n 
1 19  ILE n 
1 20  ILE n 
1 21  GLU n 
1 22  ARG n 
1 23  ALA n 
1 24  ALA n 
1 25  ALA n 
1 26  MSE n 
1 27  PHE n 
1 28  ALA n 
1 29  ARG n 
1 30  GLN n 
1 31  GLY n 
1 32  TYR n 
1 33  SER n 
1 34  GLU n 
1 35  THR n 
1 36  SER n 
1 37  ILE n 
1 38  GLY n 
1 39  ASP n 
1 40  ILE n 
1 41  ALA n 
1 42  ARG n 
1 43  ALA n 
1 44  CYS n 
1 45  GLU n 
1 46  CYS n 
1 47  SER n 
1 48  LYS n 
1 49  SER n 
1 50  ARG n 
1 51  LEU n 
1 52  TYR n 
1 53  HIS n 
1 54  TYR n 
1 55  PHE n 
1 56  ASP n 
1 57  SER n 
1 58  LYS n 
1 59  GLU n 
1 60  ALA n 
1 61  VAL n 
1 62  LEU n 
1 63  ARG n 
1 64  ASP n 
1 65  MSE n 
1 66  LEU n 
1 67  THR n 
1 68  THR n 
1 69  HIS n 
1 70  VAL n 
1 71  ASP n 
1 72  SER n 
1 73  LEU n 
1 74  LEU n 
1 75  GLU n 
1 76  ARG n 
1 77  CYS n 
1 78  ARG n 
1 79  GLN n 
1 80  VAL n 
1 81  LEU n 
1 82  TYR n 
1 83  GLY n 
1 84  SER n 
1 85  ASN n 
1 86  GLU n 
1 87  PRO n 
1 88  LYS n 
1 89  THR n 
1 90  ARG n 
1 91  PHE n 
1 92  LEU n 
1 93  GLN n 
1 94  ILE n 
1 95  VAL n 
1 96  LYS n 
1 97  LEU n 
1 98  PHE n 
1 99  LEU n 
1 100 GLU n 
1 101 ILE n 
1 102 TYR n 
1 103 ALA n 
1 104 THR n 
1 105 SER n 
1 106 ARG n 
1 107 ASP n 
1 108 ARG n 
1 109 HIS n 
1 110 VAL n 
1 111 VAL n 
1 112 MSE n 
1 113 LEU n 
1 114 THR n 
1 115 CYS n 
1 116 LEU n 
1 117 ASP n 
1 118 ALA n 
1 119 LEU n 
1 120 PRO n 
1 121 GLU n 
1 122 ASP n 
1 123 GLN n 
1 124 ARG n 
1 125 LYS n 
1 126 ALA n 
1 127 LEU n 
1 128 ILE n 
1 129 ALA n 
1 130 LYS n 
1 131 GLN n 
1 132 ARG n 
1 133 GLU n 
1 134 LEU n 
1 135 ILE n 
1 136 ALA n 
1 137 TYR n 
1 138 VAL n 
1 139 ARG n 
1 140 ASP n 
1 141 ALA n 
1 142 LEU n 
1 143 LEU n 
1 144 GLN n 
1 145 LEU n 
1 146 ARG n 
1 147 PRO n 
1 148 ASP n 
1 149 MSE n 
1 150 ALA n 
1 151 ALA n 
1 152 ASN n 
1 153 ARG n 
1 154 THR n 
1 155 LEU n 
1 156 ALA n 
1 157 HIS n 
1 158 VAL n 
1 159 ASP n 
1 160 THR n 
1 161 MSE n 
1 162 LEU n 
1 163 PHE n 
1 164 PHE n 
1 165 GLY n 
1 166 MSE n 
1 167 ILE n 
1 168 ASN n 
1 169 TRP n 
1 170 THR n 
1 171 TYR n 
1 172 THR n 
1 173 TRP n 
1 174 TYR n 
1 175 LYS n 
1 176 ALA n 
1 177 ASP n 
1 178 GLY n 
1 179 SER n 
1 180 VAL n 
1 181 SER n 
1 182 PRO n 
1 183 ASP n 
1 184 ALA n 
1 185 LEU n 
1 186 ALA n 
1 187 GLU n 
1 188 ARG n 
1 189 THR n 
1 190 VAL n 
1 191 GLN n 
1 192 LEU n 
1 193 PHE n 
1 194 LEU n 
1 195 ASP n 
1 196 GLY n 
1 197 TYR n 
1 198 LEU n 
1 199 ASN n 
1 200 LEU n 
1 201 LEU n 
1 202 SER n 
1 203 ALA n 
# 
_entity_src_gen.entity_id                          1 
_entity_src_gen.pdbx_src_id                        1 
_entity_src_gen.pdbx_alt_source_flag               sample 
_entity_src_gen.pdbx_seq_type                      ? 
_entity_src_gen.pdbx_beg_seq_num                   ? 
_entity_src_gen.pdbx_end_seq_num                   ? 
_entity_src_gen.gene_src_common_name               ? 
_entity_src_gen.gene_src_genus                     Bordetella 
_entity_src_gen.pdbx_gene_src_gene                 BPP2833 
_entity_src_gen.gene_src_species                   'Bordetella parapertussis' 
_entity_src_gen.gene_src_strain                    '12822 / NCTC 13253' 
_entity_src_gen.gene_src_tissue                    ? 
_entity_src_gen.gene_src_tissue_fraction           ? 
_entity_src_gen.gene_src_details                   ? 
_entity_src_gen.pdbx_gene_src_fragment             ? 
_entity_src_gen.pdbx_gene_src_scientific_name      'Bordetella parapertussis 12822' 
_entity_src_gen.pdbx_gene_src_ncbi_taxonomy_id     257311 
_entity_src_gen.pdbx_gene_src_variant              ? 
_entity_src_gen.pdbx_gene_src_cell_line            ? 
_entity_src_gen.pdbx_gene_src_atcc                 BAA-587 
_entity_src_gen.pdbx_gene_src_organ                ? 
_entity_src_gen.pdbx_gene_src_organelle            ? 
_entity_src_gen.pdbx_gene_src_cell                 ? 
_entity_src_gen.pdbx_gene_src_cellular_location    ? 
_entity_src_gen.host_org_common_name               ? 
_entity_src_gen.pdbx_host_org_scientific_name      'Escherichia coli BL21' 
_entity_src_gen.pdbx_host_org_ncbi_taxonomy_id     511693 
_entity_src_gen.host_org_genus                     Escherichia 
_entity_src_gen.pdbx_host_org_gene                 ? 
_entity_src_gen.pdbx_host_org_organ                ? 
_entity_src_gen.host_org_species                   'Escherichia coli' 
_entity_src_gen.pdbx_host_org_tissue               ? 
_entity_src_gen.pdbx_host_org_tissue_fraction      ? 
_entity_src_gen.pdbx_host_org_strain               BL21 
_entity_src_gen.pdbx_host_org_variant              ? 
_entity_src_gen.pdbx_host_org_cell_line            ? 
_entity_src_gen.pdbx_host_org_atcc                 ? 
_entity_src_gen.pdbx_host_org_culture_collection   ? 
_entity_src_gen.pdbx_host_org_cell                 ? 
_entity_src_gen.pdbx_host_org_organelle            ? 
_entity_src_gen.pdbx_host_org_cellular_location    ? 
_entity_src_gen.pdbx_host_org_vector_type          Plasmid 
_entity_src_gen.pdbx_host_org_vector               ? 
_entity_src_gen.host_org_details                   ? 
_entity_src_gen.expression_system_id               ? 
_entity_src_gen.plasmid_name                       pMCSG7 
_entity_src_gen.plasmid_details                    ? 
_entity_src_gen.pdbx_description                   ? 
# 
loop_
_chem_comp.id 
_chem_comp.type 
_chem_comp.mon_nstd_flag 
_chem_comp.name 
_chem_comp.pdbx_synonyms 
_chem_comp.formula 
_chem_comp.formula_weight 
ALA 'L-peptide linking' y ALANINE          ? 'C3 H7 N O2'     89.093  
ARG 'L-peptide linking' y ARGININE         ? 'C6 H15 N4 O2 1' 175.209 
ASN 'L-peptide linking' y ASPARAGINE       ? 'C4 H8 N2 O3'    132.118 
ASP 'L-peptide linking' y 'ASPARTIC ACID'  ? 'C4 H7 N O4'     133.103 
CYS 'L-peptide linking' y CYSTEINE         ? 'C3 H7 N O2 S'   121.158 
GLN 'L-peptide linking' y GLUTAMINE        ? 'C5 H10 N2 O3'   146.144 
GLU 'L-peptide linking' y 'GLUTAMIC ACID'  ? 'C5 H9 N O4'     147.129 
GLY 'peptide linking'   y GLYCINE          ? 'C2 H5 N O2'     75.067  
HIS 'L-peptide linking' y HISTIDINE        ? 'C6 H10 N3 O2 1' 156.162 
HOH non-polymer         . WATER            ? 'H2 O'           18.015  
ILE 'L-peptide linking' y ISOLEUCINE       ? 'C6 H13 N O2'    131.173 
LEU 'L-peptide linking' y LEUCINE          ? 'C6 H13 N O2'    131.173 
LYS 'L-peptide linking' y LYSINE           ? 'C6 H15 N2 O2 1' 147.195 
MSE 'L-peptide linking' n SELENOMETHIONINE ? 'C5 H11 N O2 Se' 196.106 
PHE 'L-peptide linking' y PHENYLALANINE    ? 'C9 H11 N O2'    165.189 
PRO 'L-peptide linking' y PROLINE          ? 'C5 H9 N O2'     115.130 
SER 'L-peptide linking' y SERINE           ? 'C3 H7 N O3'     105.093 
THR 'L-peptide linking' y THREONINE        ? 'C4 H9 N O3'     119.119 
TRP 'L-peptide linking' y TRYPTOPHAN       ? 'C11 H12 N2 O2'  204.225 
TYR 'L-peptide linking' y TYROSINE         ? 'C9 H11 N O3'    181.189 
VAL 'L-peptide linking' y VALINE           ? 'C5 H11 N O2'    117.146 
# 
loop_
_pdbx_poly_seq_scheme.asym_id 
_pdbx_poly_seq_scheme.entity_id 
_pdbx_poly_seq_scheme.seq_id 
_pdbx_poly_seq_scheme.mon_id 
_pdbx_poly_seq_scheme.ndb_seq_num 
_pdbx_poly_seq_scheme.pdb_seq_num 
_pdbx_poly_seq_scheme.auth_seq_num 
_pdbx_poly_seq_scheme.pdb_mon_id 
_pdbx_poly_seq_scheme.auth_mon_id 
_pdbx_poly_seq_scheme.pdb_strand_id 
_pdbx_poly_seq_scheme.pdb_ins_code 
_pdbx_poly_seq_scheme.hetero 
A 1 1   SER 1   -2  ?   ?   ?   A . n 
A 1 2   ASN 2   -1  ?   ?   ?   A . n 
A 1 3   ALA 3   0   ?   ?   ?   A . n 
A 1 4   MSE 4   1   ?   ?   ?   A . n 
A 1 5   ALA 5   2   ?   ?   ?   A . n 
A 1 6   ARG 6   3   ?   ?   ?   A . n 
A 1 7   THR 7   4   ?   ?   ?   A . n 
A 1 8   ARG 8   5   ?   ?   ?   A . n 
A 1 9   SER 9   6   ?   ?   ?   A . n 
A 1 10  ALA 10  7   ?   ?   ?   A . n 
A 1 11  ASP 11  8   ?   ?   ?   A . n 
A 1 12  TYR 12  9   9   TYR TYR A . n 
A 1 13  GLU 13  10  10  GLU GLU A . n 
A 1 14  ASN 14  11  11  ASN ASN A . n 
A 1 15  ILE 15  12  12  ILE ILE A . n 
A 1 16  ARG 16  13  13  ARG ARG A . n 
A 1 17  ASP 17  14  14  ASP ASP A . n 
A 1 18  THR 18  15  15  THR THR A . n 
A 1 19  ILE 19  16  16  ILE ILE A . n 
A 1 20  ILE 20  17  17  ILE ILE A . n 
A 1 21  GLU 21  18  18  GLU GLU A . n 
A 1 22  ARG 22  19  19  ARG ARG A . n 
A 1 23  ALA 23  20  20  ALA ALA A . n 
A 1 24  ALA 24  21  21  ALA ALA A . n 
A 1 25  ALA 25  22  22  ALA ALA A . n 
A 1 26  MSE 26  23  23  MSE MSE A . n 
A 1 27  PHE 27  24  24  PHE PHE A . n 
A 1 28  ALA 28  25  25  ALA ALA A . n 
A 1 29  ARG 29  26  26  ARG ARG A . n 
A 1 30  GLN 30  27  27  GLN GLN A . n 
A 1 31  GLY 31  28  28  GLY GLY A . n 
A 1 32  TYR 32  29  29  TYR TYR A . n 
A 1 33  SER 33  30  30  SER SER A . n 
A 1 34  GLU 34  31  31  GLU GLU A . n 
A 1 35  THR 35  32  32  THR THR A . n 
A 1 36  SER 36  33  33  SER SER A . n 
A 1 37  ILE 37  34  34  ILE ILE A . n 
A 1 38  GLY 38  35  35  GLY GLY A . n 
A 1 39  ASP 39  36  36  ASP ASP A . n 
A 1 40  ILE 40  37  37  ILE ILE A . n 
A 1 41  ALA 41  38  38  ALA ALA A . n 
A 1 42  ARG 42  39  39  ARG ARG A . n 
A 1 43  ALA 43  40  40  ALA ALA A . n 
A 1 44  CYS 44  41  41  CYS CYS A . n 
A 1 45  GLU 45  42  42  GLU GLU A . n 
A 1 46  CYS 46  43  43  CYS CYS A . n 
A 1 47  SER 47  44  44  SER SER A . n 
A 1 48  LYS 48  45  45  LYS LYS A . n 
A 1 49  SER 49  46  46  SER SER A . n 
A 1 50  ARG 50  47  47  ARG ARG A . n 
A 1 51  LEU 51  48  48  LEU LEU A . n 
A 1 52  TYR 52  49  49  TYR TYR A . n 
A 1 53  HIS 53  50  50  HIS HIS A . n 
A 1 54  TYR 54  51  51  TYR TYR A . n 
A 1 55  PHE 55  52  52  PHE PHE A . n 
A 1 56  ASP 56  53  53  ASP ASP A . n 
A 1 57  SER 57  54  54  SER SER A . n 
A 1 58  LYS 58  55  55  LYS LYS A . n 
A 1 59  GLU 59  56  56  GLU GLU A . n 
A 1 60  ALA 60  57  57  ALA ALA A . n 
A 1 61  VAL 61  58  58  VAL VAL A . n 
A 1 62  LEU 62  59  59  LEU LEU A . n 
A 1 63  ARG 63  60  60  ARG ARG A . n 
A 1 64  ASP 64  61  61  ASP ASP A . n 
A 1 65  MSE 65  62  62  MSE MSE A . n 
A 1 66  LEU 66  63  63  LEU LEU A . n 
A 1 67  THR 67  64  64  THR THR A . n 
A 1 68  THR 68  65  65  THR THR A . n 
A 1 69  HIS 69  66  66  HIS HIS A . n 
A 1 70  VAL 70  67  67  VAL VAL A . n 
A 1 71  ASP 71  68  68  ASP ASP A . n 
A 1 72  SER 72  69  69  SER SER A . n 
A 1 73  LEU 73  70  70  LEU LEU A . n 
A 1 74  LEU 74  71  71  LEU LEU A . n 
A 1 75  GLU 75  72  72  GLU GLU A . n 
A 1 76  ARG 76  73  73  ARG ARG A . n 
A 1 77  CYS 77  74  74  CYS CYS A . n 
A 1 78  ARG 78  75  75  ARG ARG A . n 
A 1 79  GLN 79  76  76  GLN GLN A . n 
A 1 80  VAL 80  77  77  VAL VAL A . n 
A 1 81  LEU 81  78  78  LEU LEU A . n 
A 1 82  TYR 82  79  79  TYR TYR A . n 
A 1 83  GLY 83  80  80  GLY GLY A . n 
A 1 84  SER 84  81  81  SER SER A . n 
A 1 85  ASN 85  82  82  ASN ASN A . n 
A 1 86  GLU 86  83  83  GLU GLU A . n 
A 1 87  PRO 87  84  84  PRO PRO A . n 
A 1 88  LYS 88  85  85  LYS LYS A . n 
A 1 89  THR 89  86  86  THR THR A . n 
A 1 90  ARG 90  87  87  ARG ARG A . n 
A 1 91  PHE 91  88  88  PHE PHE A . n 
A 1 92  LEU 92  89  89  LEU LEU A . n 
A 1 93  GLN 93  90  90  GLN GLN A . n 
A 1 94  ILE 94  91  91  ILE ILE A . n 
A 1 95  VAL 95  92  92  VAL VAL A . n 
A 1 96  LYS 96  93  93  LYS LYS A . n 
A 1 97  LEU 97  94  94  LEU LEU A . n 
A 1 98  PHE 98  95  95  PHE PHE A . n 
A 1 99  LEU 99  96  96  LEU LEU A . n 
A 1 100 GLU 100 97  97  GLU GLU A . n 
A 1 101 ILE 101 98  98  ILE ILE A . n 
A 1 102 TYR 102 99  99  TYR TYR A . n 
A 1 103 ALA 103 100 100 ALA ALA A . n 
A 1 104 THR 104 101 101 THR THR A . n 
A 1 105 SER 105 102 102 SER SER A . n 
A 1 106 ARG 106 103 103 ARG ARG A . n 
A 1 107 ASP 107 104 104 ASP ASP A . n 
A 1 108 ARG 108 105 105 ARG ARG A . n 
A 1 109 HIS 109 106 106 HIS HIS A . n 
A 1 110 VAL 110 107 107 VAL VAL A . n 
A 1 111 VAL 111 108 108 VAL VAL A . n 
A 1 112 MSE 112 109 109 MSE MSE A . n 
A 1 113 LEU 113 110 110 LEU LEU A . n 
A 1 114 THR 114 111 111 THR THR A . n 
A 1 115 CYS 115 112 112 CYS CYS A . n 
A 1 116 LEU 116 113 113 LEU LEU A . n 
A 1 117 ASP 117 114 114 ASP ASP A . n 
A 1 118 ALA 118 115 115 ALA ALA A . n 
A 1 119 LEU 119 116 116 LEU LEU A . n 
A 1 120 PRO 120 117 117 PRO PRO A . n 
A 1 121 GLU 121 118 118 GLU GLU A . n 
A 1 122 ASP 122 119 119 ASP ASP A . n 
A 1 123 GLN 123 120 120 GLN GLN A . n 
A 1 124 ARG 124 121 121 ARG ARG A . n 
A 1 125 LYS 125 122 122 LYS LYS A . n 
A 1 126 ALA 126 123 123 ALA ALA A . n 
A 1 127 LEU 127 124 124 LEU LEU A . n 
A 1 128 ILE 128 125 125 ILE ILE A . n 
A 1 129 ALA 129 126 126 ALA ALA A . n 
A 1 130 LYS 130 127 127 LYS LYS A . n 
A 1 131 GLN 131 128 128 GLN GLN A . n 
A 1 132 ARG 132 129 129 ARG ARG A . n 
A 1 133 GLU 133 130 130 GLU GLU A . n 
A 1 134 LEU 134 131 131 LEU LEU A . n 
A 1 135 ILE 135 132 132 ILE ILE A . n 
A 1 136 ALA 136 133 133 ALA ALA A . n 
A 1 137 TYR 137 134 134 TYR TYR A . n 
A 1 138 VAL 138 135 135 VAL VAL A . n 
A 1 139 ARG 139 136 136 ARG ARG A . n 
A 1 140 ASP 140 137 137 ASP ASP A . n 
A 1 141 ALA 141 138 138 ALA ALA A . n 
A 1 142 LEU 142 139 139 LEU LEU A . n 
A 1 143 LEU 143 140 140 LEU LEU A . n 
A 1 144 GLN 144 141 141 GLN GLN A . n 
A 1 145 LEU 145 142 142 LEU LEU A . n 
A 1 146 ARG 146 143 143 ARG ARG A . n 
A 1 147 PRO 147 144 144 PRO PRO A . n 
A 1 148 ASP 148 145 145 ASP ASP A . n 
A 1 149 MSE 149 146 146 MSE MSE A . n 
A 1 150 ALA 150 147 147 ALA ALA A . n 
A 1 151 ALA 151 148 148 ALA ALA A . n 
A 1 152 ASN 152 149 149 ASN ASN A . n 
A 1 153 ARG 153 150 150 ARG ARG A . n 
A 1 154 THR 154 151 151 THR THR A . n 
A 1 155 LEU 155 152 152 LEU LEU A . n 
A 1 156 ALA 156 153 153 ALA ALA A . n 
A 1 157 HIS 157 154 154 HIS HIS A . n 
A 1 158 VAL 158 155 155 VAL VAL A . n 
A 1 159 ASP 159 156 156 ASP ASP A . n 
A 1 160 THR 160 157 157 THR THR A . n 
A 1 161 MSE 161 158 158 MSE MSE A . n 
A 1 162 LEU 162 159 159 LEU LEU A . n 
A 1 163 PHE 163 160 160 PHE PHE A . n 
A 1 164 PHE 164 161 161 PHE PHE A . n 
A 1 165 GLY 165 162 162 GLY GLY A . n 
A 1 166 MSE 166 163 163 MSE MSE A . n 
A 1 167 ILE 167 164 164 ILE ILE A . n 
A 1 168 ASN 168 165 165 ASN ASN A . n 
A 1 169 TRP 169 166 166 TRP TRP A . n 
A 1 170 THR 170 167 167 THR THR A . n 
A 1 171 TYR 171 168 168 TYR TYR A . n 
A 1 172 THR 172 169 169 THR THR A . n 
A 1 173 TRP 173 170 170 TRP TRP A . n 
A 1 174 TYR 174 171 171 TYR TYR A . n 
A 1 175 LYS 175 172 172 LYS LYS A . n 
A 1 176 ALA 176 173 173 ALA ALA A . n 
A 1 177 ASP 177 174 174 ASP ASP A . n 
A 1 178 GLY 178 175 175 GLY GLY A . n 
A 1 179 SER 179 176 176 SER SER A . n 
A 1 180 VAL 180 177 177 VAL VAL A . n 
A 1 181 SER 181 178 178 SER SER A . n 
A 1 182 PRO 182 179 179 PRO PRO A . n 
A 1 183 ASP 183 180 180 ASP ASP A . n 
A 1 184 ALA 184 181 181 ALA ALA A . n 
A 1 185 LEU 185 182 182 LEU LEU A . n 
A 1 186 ALA 186 183 183 ALA ALA A . n 
A 1 187 GLU 187 184 184 GLU GLU A . n 
A 1 188 ARG 188 185 185 ARG ARG A . n 
A 1 189 THR 189 186 186 THR THR A . n 
A 1 190 VAL 190 187 187 VAL VAL A . n 
A 1 191 GLN 191 188 188 GLN GLN A . n 
A 1 192 LEU 192 189 189 LEU LEU A . n 
A 1 193 PHE 193 190 190 PHE PHE A . n 
A 1 194 LEU 194 191 191 LEU LEU A . n 
A 1 195 ASP 195 192 192 ASP ASP A . n 
A 1 196 GLY 196 193 193 GLY GLY A . n 
A 1 197 TYR 197 194 194 TYR TYR A . n 
A 1 198 LEU 198 195 195 LEU LEU A . n 
A 1 199 ASN 199 196 196 ASN ASN A . n 
A 1 200 LEU 200 197 197 LEU LEU A . n 
A 1 201 LEU 201 198 198 LEU LEU A . n 
A 1 202 SER 202 199 199 SER SER A . n 
A 1 203 ALA 203 200 200 ALA ALA A . n 
# 
loop_
_pdbx_nonpoly_scheme.asym_id 
_pdbx_nonpoly_scheme.entity_id 
_pdbx_nonpoly_scheme.mon_id 
_pdbx_nonpoly_scheme.ndb_seq_num 
_pdbx_nonpoly_scheme.pdb_seq_num 
_pdbx_nonpoly_scheme.auth_seq_num 
_pdbx_nonpoly_scheme.pdb_mon_id 
_pdbx_nonpoly_scheme.auth_mon_id 
_pdbx_nonpoly_scheme.pdb_strand_id 
_pdbx_nonpoly_scheme.pdb_ins_code 
B 2 HOH 1   201 1   HOH HOH A . 
B 2 HOH 2   202 2   HOH HOH A . 
B 2 HOH 3   203 3   HOH HOH A . 
B 2 HOH 4   204 4   HOH HOH A . 
B 2 HOH 5   205 5   HOH HOH A . 
B 2 HOH 6   206 6   HOH HOH A . 
B 2 HOH 7   207 7   HOH HOH A . 
B 2 HOH 8   208 8   HOH HOH A . 
B 2 HOH 9   209 9   HOH HOH A . 
B 2 HOH 10  210 10  HOH HOH A . 
B 2 HOH 11  211 11  HOH HOH A . 
B 2 HOH 12  212 12  HOH HOH A . 
B 2 HOH 13  213 13  HOH HOH A . 
B 2 HOH 14  214 14  HOH HOH A . 
B 2 HOH 15  215 15  HOH HOH A . 
B 2 HOH 16  216 16  HOH HOH A . 
B 2 HOH 17  217 17  HOH HOH A . 
B 2 HOH 18  218 18  HOH HOH A . 
B 2 HOH 19  219 19  HOH HOH A . 
B 2 HOH 20  220 20  HOH HOH A . 
B 2 HOH 21  221 21  HOH HOH A . 
B 2 HOH 22  222 22  HOH HOH A . 
B 2 HOH 23  223 23  HOH HOH A . 
B 2 HOH 24  224 24  HOH HOH A . 
B 2 HOH 25  225 25  HOH HOH A . 
B 2 HOH 26  226 26  HOH HOH A . 
B 2 HOH 27  227 27  HOH HOH A . 
B 2 HOH 28  228 28  HOH HOH A . 
B 2 HOH 29  229 29  HOH HOH A . 
B 2 HOH 30  230 30  HOH HOH A . 
B 2 HOH 31  231 31  HOH HOH A . 
B 2 HOH 32  232 32  HOH HOH A . 
B 2 HOH 33  233 33  HOH HOH A . 
B 2 HOH 34  234 34  HOH HOH A . 
B 2 HOH 35  235 35  HOH HOH A . 
B 2 HOH 36  236 36  HOH HOH A . 
B 2 HOH 37  237 37  HOH HOH A . 
B 2 HOH 38  238 38  HOH HOH A . 
B 2 HOH 39  239 39  HOH HOH A . 
B 2 HOH 40  240 40  HOH HOH A . 
B 2 HOH 41  241 41  HOH HOH A . 
B 2 HOH 42  242 42  HOH HOH A . 
B 2 HOH 43  243 43  HOH HOH A . 
B 2 HOH 44  244 44  HOH HOH A . 
B 2 HOH 45  245 45  HOH HOH A . 
B 2 HOH 46  246 46  HOH HOH A . 
B 2 HOH 47  247 47  HOH HOH A . 
B 2 HOH 48  248 48  HOH HOH A . 
B 2 HOH 49  249 49  HOH HOH A . 
B 2 HOH 50  250 50  HOH HOH A . 
B 2 HOH 51  251 51  HOH HOH A . 
B 2 HOH 52  252 52  HOH HOH A . 
B 2 HOH 53  253 53  HOH HOH A . 
B 2 HOH 54  254 54  HOH HOH A . 
B 2 HOH 55  255 55  HOH HOH A . 
B 2 HOH 56  256 56  HOH HOH A . 
B 2 HOH 57  257 57  HOH HOH A . 
B 2 HOH 58  258 58  HOH HOH A . 
B 2 HOH 59  259 59  HOH HOH A . 
B 2 HOH 60  260 60  HOH HOH A . 
B 2 HOH 61  261 61  HOH HOH A . 
B 2 HOH 62  262 62  HOH HOH A . 
B 2 HOH 63  263 63  HOH HOH A . 
B 2 HOH 64  264 64  HOH HOH A . 
B 2 HOH 65  265 65  HOH HOH A . 
B 2 HOH 66  266 66  HOH HOH A . 
B 2 HOH 67  267 67  HOH HOH A . 
B 2 HOH 68  268 68  HOH HOH A . 
B 2 HOH 69  269 69  HOH HOH A . 
B 2 HOH 70  270 70  HOH HOH A . 
B 2 HOH 71  271 71  HOH HOH A . 
B 2 HOH 72  272 72  HOH HOH A . 
B 2 HOH 73  273 73  HOH HOH A . 
B 2 HOH 74  274 74  HOH HOH A . 
B 2 HOH 75  275 75  HOH HOH A . 
B 2 HOH 76  276 76  HOH HOH A . 
B 2 HOH 77  277 77  HOH HOH A . 
B 2 HOH 78  278 78  HOH HOH A . 
B 2 HOH 79  279 79  HOH HOH A . 
B 2 HOH 80  280 80  HOH HOH A . 
B 2 HOH 81  281 81  HOH HOH A . 
B 2 HOH 82  282 82  HOH HOH A . 
B 2 HOH 83  283 83  HOH HOH A . 
B 2 HOH 84  284 84  HOH HOH A . 
B 2 HOH 85  285 85  HOH HOH A . 
B 2 HOH 86  286 86  HOH HOH A . 
B 2 HOH 87  287 87  HOH HOH A . 
B 2 HOH 88  288 88  HOH HOH A . 
B 2 HOH 89  289 89  HOH HOH A . 
B 2 HOH 90  290 90  HOH HOH A . 
B 2 HOH 91  291 91  HOH HOH A . 
B 2 HOH 92  292 92  HOH HOH A . 
B 2 HOH 93  293 93  HOH HOH A . 
B 2 HOH 94  294 94  HOH HOH A . 
B 2 HOH 95  295 95  HOH HOH A . 
B 2 HOH 96  296 96  HOH HOH A . 
B 2 HOH 97  297 97  HOH HOH A . 
B 2 HOH 98  298 98  HOH HOH A . 
B 2 HOH 99  299 99  HOH HOH A . 
B 2 HOH 100 300 100 HOH HOH A . 
B 2 HOH 101 301 101 HOH HOH A . 
B 2 HOH 102 302 102 HOH HOH A . 
B 2 HOH 103 303 103 HOH HOH A . 
B 2 HOH 104 304 104 HOH HOH A . 
B 2 HOH 105 305 105 HOH HOH A . 
B 2 HOH 106 306 106 HOH HOH A . 
B 2 HOH 107 307 107 HOH HOH A . 
B 2 HOH 108 308 108 HOH HOH A . 
B 2 HOH 109 309 109 HOH HOH A . 
B 2 HOH 110 310 110 HOH HOH A . 
B 2 HOH 111 311 111 HOH HOH A . 
B 2 HOH 112 312 112 HOH HOH A . 
B 2 HOH 113 313 113 HOH HOH A . 
B 2 HOH 114 314 114 HOH HOH A . 
B 2 HOH 115 315 115 HOH HOH A . 
# 
loop_
_software.name 
_software.classification 
_software.version 
_software.citation_id 
_software.pdbx_ordinal 
REFMAC      refinement        5.2.0019 ? 1 
SBC-Collect 'data collection' .        ? 2 
HKL-3000    'data reduction'  .        ? 3 
HKL-3000    'data scaling'    .        ? 4 
SHELXD      phasing           .        ? 5 
MLPHARE     phasing           .        ? 6 
DM          phasing           .        ? 7 
RESOLVE     phasing           .        ? 8 
HKL-3000    phasing           .        ? 9 
# 
_cell.entry_id           3CCY 
_cell.length_a           56.920 
_cell.length_b           56.989 
_cell.length_c           168.271 
_cell.angle_alpha        90.00 
_cell.angle_beta         90.00 
_cell.angle_gamma        90.00 
_cell.Z_PDB              8 
_cell.pdbx_unique_axis   ? 
_cell.length_a_esd       ? 
_cell.length_b_esd       ? 
_cell.length_c_esd       ? 
_cell.angle_alpha_esd    ? 
_cell.angle_beta_esd     ? 
_cell.angle_gamma_esd    ? 
# 
_symmetry.entry_id                         3CCY 
_symmetry.space_group_name_H-M             'I 2 2 2' 
_symmetry.pdbx_full_space_group_name_H-M   ? 
_symmetry.cell_setting                     ? 
_symmetry.Int_Tables_number                23 
_symmetry.space_group_name_Hall            ? 
# 
_exptl.entry_id          3CCY 
_exptl.method            'X-RAY DIFFRACTION' 
_exptl.crystals_number   1 
# 
_exptl_crystal.id                    1 
_exptl_crystal.density_meas          ? 
_exptl_crystal.density_Matthews      2.89 
_exptl_crystal.density_percent_sol   57.37 
_exptl_crystal.description           ? 
_exptl_crystal.F_000                 ? 
_exptl_crystal.preparation           ? 
# 
_exptl_crystal_grow.crystal_id      1 
_exptl_crystal_grow.method          'VAPOR DIFFUSION, SITTING DROP' 
_exptl_crystal_grow.temp            289 
_exptl_crystal_grow.temp_details    ? 
_exptl_crystal_grow.pH              8.5 
_exptl_crystal_grow.pdbx_details    '1.5M NH4Cl, 0.1M Tris-HCl, pH 8.5, VAPOR DIFFUSION, SITTING DROP, temperature 289K' 
_exptl_crystal_grow.pdbx_pH_range   . 
# 
_diffrn.id                     1 
_diffrn.ambient_temp           100 
_diffrn.ambient_temp_details   ? 
_diffrn.crystal_id             1 
# 
_diffrn_detector.diffrn_id              1 
_diffrn_detector.detector               CCD 
_diffrn_detector.type                   'ADSC QUANTUM 315' 
_diffrn_detector.pdbx_collection_date   2007-12-17 
_diffrn_detector.details                Mirrors 
# 
_diffrn_radiation.diffrn_id                        1 
_diffrn_radiation.wavelength_id                    1 
_diffrn_radiation.pdbx_monochromatic_or_laue_m_l   M 
_diffrn_radiation.monochromator                    'Si(111) Crystal' 
_diffrn_radiation.pdbx_diffrn_protocol             'SINGLE WAVELENGTH' 
_diffrn_radiation.pdbx_scattering_type             x-ray 
# 
_diffrn_radiation_wavelength.id           1 
_diffrn_radiation_wavelength.wavelength   0.97904 
_diffrn_radiation_wavelength.wt           1.0 
# 
_diffrn_source.diffrn_id                   1 
_diffrn_source.source                      SYNCHROTRON 
_diffrn_source.type                        'APS BEAMLINE 19-ID' 
_diffrn_source.pdbx_synchrotron_site       APS 
_diffrn_source.pdbx_synchrotron_beamline   19-ID 
_diffrn_source.pdbx_wavelength             ? 
_diffrn_source.pdbx_wavelength_list        0.97904 
# 
_reflns.entry_id                     3CCY 
_reflns.observed_criterion_sigma_F   0 
_reflns.observed_criterion_sigma_I   0 
_reflns.d_resolution_high            2.0 
_reflns.d_resolution_low             29.0 
_reflns.number_all                   18617 
_reflns.number_obs                   18617 
_reflns.percent_possible_obs         99.6 
_reflns.pdbx_Rmerge_I_obs            0.114 
_reflns.pdbx_Rsym_value              ? 
_reflns.pdbx_netI_over_sigmaI        22.4 
_reflns.B_iso_Wilson_estimate        ? 
_reflns.pdbx_redundancy              6.2 
_reflns.R_free_details               ? 
_reflns.limit_h_max                  ? 
_reflns.limit_h_min                  ? 
_reflns.limit_k_max                  ? 
_reflns.limit_k_min                  ? 
_reflns.limit_l_max                  ? 
_reflns.limit_l_min                  ? 
_reflns.observed_criterion_F_max     ? 
_reflns.observed_criterion_F_min     ? 
_reflns.pdbx_chi_squared             ? 
_reflns.pdbx_scaling_rejects         ? 
_reflns.pdbx_ordinal                 1 
_reflns.pdbx_diffrn_id               1 
# 
_reflns_shell.d_res_high             2.00 
_reflns_shell.d_res_low              2.06 
_reflns_shell.percent_possible_all   97.6 
_reflns_shell.Rmerge_I_obs           0.672 
_reflns_shell.pdbx_Rsym_value        ? 
_reflns_shell.meanI_over_sigI_obs    2.17 
_reflns_shell.pdbx_redundancy        5.5 
_reflns_shell.percent_possible_obs   ? 
_reflns_shell.number_unique_all      1505 
_reflns_shell.number_measured_all    ? 
_reflns_shell.number_measured_obs    ? 
_reflns_shell.number_unique_obs      ? 
_reflns_shell.pdbx_chi_squared       ? 
_reflns_shell.pdbx_ordinal           1 
_reflns_shell.pdbx_diffrn_id         1 
# 
_refine.entry_id                                 3CCY 
_refine.ls_number_reflns_obs                     17644 
_refine.ls_number_reflns_all                     17644 
_refine.pdbx_ls_sigma_I                          0 
_refine.pdbx_ls_sigma_F                          0 
_refine.pdbx_data_cutoff_high_absF               ? 
_refine.pdbx_data_cutoff_low_absF                ? 
_refine.pdbx_data_cutoff_high_rms_absF           ? 
_refine.ls_d_res_low                             28.98 
_refine.ls_d_res_high                            2.01 
_refine.ls_percent_reflns_obs                    99.13 
_refine.ls_R_factor_obs                          0.20036 
_refine.ls_R_factor_all                          0.20036 
_refine.ls_R_factor_R_work                       0.19826 
_refine.ls_R_factor_R_free                       0.24183 
_refine.ls_R_factor_R_free_error                 ? 
_refine.ls_R_factor_R_free_error_details         ? 
_refine.ls_percent_reflns_R_free                 5.1 
_refine.ls_number_reflns_R_free                  957 
_refine.ls_number_parameters                     ? 
_refine.ls_number_restraints                     ? 
_refine.occupancy_min                            ? 
_refine.occupancy_max                            ? 
_refine.correlation_coeff_Fo_to_Fc               0.949 
_refine.correlation_coeff_Fo_to_Fc_free          0.928 
_refine.B_iso_mean                               40.686 
_refine.aniso_B[1][1]                            -0.03 
_refine.aniso_B[2][2]                            0.33 
_refine.aniso_B[3][3]                            -0.30 
_refine.aniso_B[1][2]                            0.00 
_refine.aniso_B[1][3]                            0.00 
_refine.aniso_B[2][3]                            0.00 
_refine.solvent_model_details                    MASK 
_refine.solvent_model_param_ksol                 ? 
_refine.solvent_model_param_bsol                 ? 
_refine.pdbx_solvent_vdw_probe_radii             1.20 
_refine.pdbx_solvent_ion_probe_radii             0.80 
_refine.pdbx_solvent_shrinkage_radii             0.80 
_refine.pdbx_ls_cross_valid_method               THROUGHOUT 
_refine.details                                  'HYDROGENS HAVE BEEN ADDED IN THE RIDING POSITIONS' 
_refine.pdbx_starting_model                      ? 
_refine.pdbx_method_to_determine_struct          SAD 
_refine.pdbx_isotropic_thermal_model             ? 
_refine.pdbx_stereochemistry_target_values       'MAXIMUM LIKELIHOOD' 
_refine.pdbx_stereochem_target_val_spec_case     ? 
_refine.pdbx_R_Free_selection_details            RANDOM 
_refine.pdbx_overall_ESU_R                       0.161 
_refine.pdbx_overall_ESU_R_Free                  0.154 
_refine.overall_SU_ML                            0.098 
_refine.overall_SU_B                             6.706 
_refine.ls_redundancy_reflns_obs                 ? 
_refine.B_iso_min                                ? 
_refine.B_iso_max                                ? 
_refine.overall_SU_R_Cruickshank_DPI             ? 
_refine.overall_SU_R_free                        ? 
_refine.ls_wR_factor_R_free                      ? 
_refine.ls_wR_factor_R_work                      ? 
_refine.overall_FOM_free_R_set                   ? 
_refine.overall_FOM_work_R_set                   ? 
_refine.pdbx_overall_phase_error                 ? 
_refine.pdbx_refine_id                           'X-RAY DIFFRACTION' 
_refine.pdbx_TLS_residual_ADP_flag               'LIKELY RESIDUAL' 
_refine.pdbx_diffrn_id                           1 
_refine.pdbx_overall_SU_R_free_Cruickshank_DPI   ? 
_refine.pdbx_overall_SU_R_Blow_DPI               ? 
_refine.pdbx_overall_SU_R_free_Blow_DPI          ? 
# 
_refine_hist.pdbx_refine_id                   'X-RAY DIFFRACTION' 
_refine_hist.cycle_id                         LAST 
_refine_hist.pdbx_number_atoms_protein        1553 
_refine_hist.pdbx_number_atoms_nucleic_acid   0 
_refine_hist.pdbx_number_atoms_ligand         0 
_refine_hist.number_atoms_solvent             115 
_refine_hist.number_atoms_total               1668 
_refine_hist.d_res_high                       2.01 
_refine_hist.d_res_low                        28.98 
# 
loop_
_refine_ls_restr.type 
_refine_ls_restr.dev_ideal 
_refine_ls_restr.dev_ideal_target 
_refine_ls_restr.weight 
_refine_ls_restr.number 
_refine_ls_restr.pdbx_refine_id 
_refine_ls_restr.pdbx_restraint_function 
r_bond_refined_d             0.016  0.022  ? 1622 'X-RAY DIFFRACTION' ? 
r_bond_other_d               ?      ?      ? ?    'X-RAY DIFFRACTION' ? 
r_angle_refined_deg          1.437  1.965  ? 2201 'X-RAY DIFFRACTION' ? 
r_angle_other_deg            ?      ?      ? ?    'X-RAY DIFFRACTION' ? 
r_dihedral_angle_1_deg       5.157  5.000  ? 202  'X-RAY DIFFRACTION' ? 
r_dihedral_angle_2_deg       38.311 22.375 ? 80   'X-RAY DIFFRACTION' ? 
r_dihedral_angle_3_deg       17.743 15.000 ? 296  'X-RAY DIFFRACTION' ? 
r_dihedral_angle_4_deg       17.879 15.000 ? 19   'X-RAY DIFFRACTION' ? 
r_chiral_restr               0.098  0.200  ? 250  'X-RAY DIFFRACTION' ? 
r_gen_planes_refined         0.006  0.020  ? 1224 'X-RAY DIFFRACTION' ? 
r_gen_planes_other           ?      ?      ? ?    'X-RAY DIFFRACTION' ? 
r_nbd_refined                0.232  0.200  ? 776  'X-RAY DIFFRACTION' ? 
r_nbd_other                  ?      ?      ? ?    'X-RAY DIFFRACTION' ? 
r_nbtor_refined              0.302  0.200  ? 1117 'X-RAY DIFFRACTION' ? 
r_nbtor_other                ?      ?      ? ?    'X-RAY DIFFRACTION' ? 
r_xyhbond_nbd_refined        0.148  0.200  ? 87   'X-RAY DIFFRACTION' ? 
r_xyhbond_nbd_other          ?      ?      ? ?    'X-RAY DIFFRACTION' ? 
r_metal_ion_refined          ?      ?      ? ?    'X-RAY DIFFRACTION' ? 
r_metal_ion_other            ?      ?      ? ?    'X-RAY DIFFRACTION' ? 
r_symmetry_vdw_refined       0.270  0.200  ? 50   'X-RAY DIFFRACTION' ? 
r_symmetry_vdw_other         ?      ?      ? ?    'X-RAY DIFFRACTION' ? 
r_symmetry_hbond_refined     0.127  0.200  ? 19   'X-RAY DIFFRACTION' ? 
r_symmetry_hbond_other       ?      ?      ? ?    'X-RAY DIFFRACTION' ? 
r_symmetry_metal_ion_refined ?      ?      ? ?    'X-RAY DIFFRACTION' ? 
r_symmetry_metal_ion_other   ?      ?      ? ?    'X-RAY DIFFRACTION' ? 
r_mcbond_it                  1.082  1.500  ? 1013 'X-RAY DIFFRACTION' ? 
r_mcbond_other               ?      ?      ? ?    'X-RAY DIFFRACTION' ? 
r_mcangle_it                 1.524  2.000  ? 1575 'X-RAY DIFFRACTION' ? 
r_scbond_it                  2.513  3.000  ? 703  'X-RAY DIFFRACTION' ? 
r_scangle_it                 3.543  4.500  ? 620  'X-RAY DIFFRACTION' ? 
r_rigid_bond_restr           ?      ?      ? ?    'X-RAY DIFFRACTION' ? 
r_sphericity_free            ?      ?      ? ?    'X-RAY DIFFRACTION' ? 
r_sphericity_bonded          ?      ?      ? ?    'X-RAY DIFFRACTION' ? 
# 
_refine_ls_shell.pdbx_total_number_of_bins_used   20 
_refine_ls_shell.d_res_high                       2.01 
_refine_ls_shell.d_res_low                        2.06 
_refine_ls_shell.number_reflns_R_work             1191 
_refine_ls_shell.R_factor_R_work                  0.231 
_refine_ls_shell.percent_reflns_obs               91.35 
_refine_ls_shell.R_factor_R_free                  0.246 
_refine_ls_shell.R_factor_R_free_error            ? 
_refine_ls_shell.percent_reflns_R_free            ? 
_refine_ls_shell.number_reflns_R_free             55 
_refine_ls_shell.number_reflns_all                ? 
_refine_ls_shell.R_factor_all                     ? 
_refine_ls_shell.number_reflns_obs                1246 
_refine_ls_shell.redundancy_reflns_obs            ? 
_refine_ls_shell.pdbx_refine_id                   'X-RAY DIFFRACTION' 
# 
_struct.entry_id                  3CCY 
_struct.title                     
'Crystal structure of a TetR-family transcriptional regulator from Bordetella parapertussis 12822' 
_struct.pdbx_model_details        ? 
_struct.pdbx_CASP_flag            ? 
_struct.pdbx_model_type_details   ? 
# 
_struct_keywords.entry_id        3CCY 
_struct_keywords.pdbx_keywords   'TRANSCRIPTION REGULATOR' 
_struct_keywords.text            
;APC88698, TetR, Bordetella parapertussis 12822, structural genomics, PSI-2, Protein Structure Initiative, Midwest Center for Structural Genomics, MCSG, DNA-binding, Transcription, Transcription regulation, TRANSCRIPTION REGULATOR
;
# 
loop_
_struct_asym.id 
_struct_asym.pdbx_blank_PDB_chainid_flag 
_struct_asym.pdbx_modified 
_struct_asym.entity_id 
_struct_asym.details 
A N N 1 ? 
B N N 2 ? 
# 
_struct_ref.id                         1 
_struct_ref.db_name                    UNP 
_struct_ref.db_code                    Q7W6R8_BORPA 
_struct_ref.pdbx_db_accession          Q7W6R8 
_struct_ref.entity_id                  1 
_struct_ref.pdbx_seq_one_letter_code   
;MARTRSADYENIRDTIIERAAAMFARQGYSETSIGDIARACECSKSRLYHYFDSKEAVLRDMLTTHVDSLLERCRQVLYG
SNEPKTRFLQIVKLFLEIYATSRDRHVVMLTCLDALPEDQRKALIAKQRELIAYVRDALLQLRPDMAANRTLAHVDTMLF
FGMINWTYTWYKADGSVSPDALAERTVQLFLDGYLNLLSA
;
_struct_ref.pdbx_align_begin           1 
_struct_ref.pdbx_db_isoform            ? 
# 
_struct_ref_seq.align_id                      1 
_struct_ref_seq.ref_id                        1 
_struct_ref_seq.pdbx_PDB_id_code              3CCY 
_struct_ref_seq.pdbx_strand_id                A 
_struct_ref_seq.seq_align_beg                 4 
_struct_ref_seq.pdbx_seq_align_beg_ins_code   ? 
_struct_ref_seq.seq_align_end                 203 
_struct_ref_seq.pdbx_seq_align_end_ins_code   ? 
_struct_ref_seq.pdbx_db_accession             Q7W6R8 
_struct_ref_seq.db_align_beg                  1 
_struct_ref_seq.pdbx_db_align_beg_ins_code    ? 
_struct_ref_seq.db_align_end                  200 
_struct_ref_seq.pdbx_db_align_end_ins_code    ? 
_struct_ref_seq.pdbx_auth_seq_align_beg       1 
_struct_ref_seq.pdbx_auth_seq_align_end       200 
# 
loop_
_struct_ref_seq_dif.align_id 
_struct_ref_seq_dif.pdbx_pdb_id_code 
_struct_ref_seq_dif.mon_id 
_struct_ref_seq_dif.pdbx_pdb_strand_id 
_struct_ref_seq_dif.seq_num 
_struct_ref_seq_dif.pdbx_pdb_ins_code 
_struct_ref_seq_dif.pdbx_seq_db_name 
_struct_ref_seq_dif.pdbx_seq_db_accession_code 
_struct_ref_seq_dif.db_mon_id 
_struct_ref_seq_dif.pdbx_seq_db_seq_num 
_struct_ref_seq_dif.details 
_struct_ref_seq_dif.pdbx_auth_seq_num 
_struct_ref_seq_dif.pdbx_ordinal 
1 3CCY SER A 1 ? UNP Q7W6R8 ? ? 'expression tag' -2 1 
1 3CCY ASN A 2 ? UNP Q7W6R8 ? ? 'expression tag' -1 2 
1 3CCY ALA A 3 ? UNP Q7W6R8 ? ? 'expression tag' 0  3 
# 
_pdbx_struct_assembly.id                   1 
_pdbx_struct_assembly.details              author_and_software_defined_assembly 
_pdbx_struct_assembly.method_details       PISA 
_pdbx_struct_assembly.oligomeric_details   dimeric 
_pdbx_struct_assembly.oligomeric_count     2 
# 
loop_
_pdbx_struct_assembly_prop.biol_id 
_pdbx_struct_assembly_prop.type 
_pdbx_struct_assembly_prop.value 
_pdbx_struct_assembly_prop.details 
1 'ABSA (A^2)' 3930  ? 
1 MORE         -28.9 ? 
1 'SSA (A^2)'  17970 ? 
# 
_pdbx_struct_assembly_gen.assembly_id       1 
_pdbx_struct_assembly_gen.oper_expression   1,2 
_pdbx_struct_assembly_gen.asym_id_list      A,B 
# 
loop_
_pdbx_struct_oper_list.id 
_pdbx_struct_oper_list.type 
_pdbx_struct_oper_list.name 
_pdbx_struct_oper_list.symmetry_operation 
_pdbx_struct_oper_list.matrix[1][1] 
_pdbx_struct_oper_list.matrix[1][2] 
_pdbx_struct_oper_list.matrix[1][3] 
_pdbx_struct_oper_list.vector[1] 
_pdbx_struct_oper_list.matrix[2][1] 
_pdbx_struct_oper_list.matrix[2][2] 
_pdbx_struct_oper_list.matrix[2][3] 
_pdbx_struct_oper_list.vector[2] 
_pdbx_struct_oper_list.matrix[3][1] 
_pdbx_struct_oper_list.matrix[3][2] 
_pdbx_struct_oper_list.matrix[3][3] 
_pdbx_struct_oper_list.vector[3] 
1 'identity operation'         1_555 x,y,z   1.0000000000 0.0000000000  0.0000000000  0.0000000000  0.0000000000  1.0000000000  0.0000000000 0.0000000000   0.0000000000  0.0000000000 1.0000000000  0.0000000000  
2 'crystal symmetry operation' 2_555 -x,-y,z 0.0591736490 -0.7607263979 -0.6463697292 -0.1965349146 -0.7607263979 -0.4536262746 0.4642397554 -15.3277223220 -0.6463697292 0.4642397554 -0.6055473745 17.7174732529 
# 
_struct_biol.id        1 
_struct_biol.details   ? 
# 
loop_
_struct_conf.conf_type_id 
_struct_conf.id 
_struct_conf.pdbx_PDB_helix_id 
_struct_conf.beg_label_comp_id 
_struct_conf.beg_label_asym_id 
_struct_conf.beg_label_seq_id 
_struct_conf.pdbx_beg_PDB_ins_code 
_struct_conf.end_label_comp_id 
_struct_conf.end_label_asym_id 
_struct_conf.end_label_seq_id 
_struct_conf.pdbx_end_PDB_ins_code 
_struct_conf.beg_auth_comp_id 
_struct_conf.beg_auth_asym_id 
_struct_conf.beg_auth_seq_id 
_struct_conf.end_auth_comp_id 
_struct_conf.end_auth_asym_id 
_struct_conf.end_auth_seq_id 
_struct_conf.pdbx_PDB_helix_class 
_struct_conf.details 
_struct_conf.pdbx_PDB_helix_length 
HELX_P HELX_P1  1  ASN A 14  ? GLN A 30  ? ASN A 11  GLN A 27  1 ? 17 
HELX_P HELX_P2  2  SER A 36  ? CYS A 44  ? SER A 33  CYS A 41  1 ? 9  
HELX_P HELX_P3  3  SER A 47  ? TYR A 52  ? SER A 44  TYR A 49  5 ? 6  
HELX_P HELX_P4  4  SER A 57  ? TYR A 82  ? SER A 54  TYR A 79  1 ? 26 
HELX_P HELX_P5  5  GLU A 86  ? LEU A 116 ? GLU A 83  LEU A 113 1 ? 31 
HELX_P HELX_P6  6  ASP A 117 ? LEU A 119 ? ASP A 114 LEU A 116 5 ? 3  
HELX_P HELX_P7  7  GLU A 121 ? ARG A 146 ? GLU A 118 ARG A 143 1 ? 26 
HELX_P HELX_P8  8  PRO A 147 ? ALA A 150 ? PRO A 144 ALA A 147 5 ? 4  
HELX_P HELX_P9  9  ASN A 152 ? TRP A 169 ? ASN A 149 TRP A 166 1 ? 18 
HELX_P HELX_P10 10 THR A 170 ? TRP A 173 ? THR A 167 TRP A 170 5 ? 4  
HELX_P HELX_P11 11 SER A 181 ? GLY A 196 ? SER A 178 GLY A 193 1 ? 16 
HELX_P HELX_P12 12 TYR A 197 ? LEU A 200 ? TYR A 194 LEU A 197 5 ? 4  
# 
_struct_conf_type.id          HELX_P 
_struct_conf_type.criteria    ? 
_struct_conf_type.reference   ? 
# 
loop_
_struct_conn.id 
_struct_conn.conn_type_id 
_struct_conn.pdbx_leaving_atom_flag 
_struct_conn.pdbx_PDB_id 
_struct_conn.ptnr1_label_asym_id 
_struct_conn.ptnr1_label_comp_id 
_struct_conn.ptnr1_label_seq_id 
_struct_conn.ptnr1_label_atom_id 
_struct_conn.pdbx_ptnr1_label_alt_id 
_struct_conn.pdbx_ptnr1_PDB_ins_code 
_struct_conn.pdbx_ptnr1_standard_comp_id 
_struct_conn.ptnr1_symmetry 
_struct_conn.ptnr2_label_asym_id 
_struct_conn.ptnr2_label_comp_id 
_struct_conn.ptnr2_label_seq_id 
_struct_conn.ptnr2_label_atom_id 
_struct_conn.pdbx_ptnr2_label_alt_id 
_struct_conn.pdbx_ptnr2_PDB_ins_code 
_struct_conn.ptnr1_auth_asym_id 
_struct_conn.ptnr1_auth_comp_id 
_struct_conn.ptnr1_auth_seq_id 
_struct_conn.ptnr2_auth_asym_id 
_struct_conn.ptnr2_auth_comp_id 
_struct_conn.ptnr2_auth_seq_id 
_struct_conn.ptnr2_symmetry 
_struct_conn.pdbx_ptnr3_label_atom_id 
_struct_conn.pdbx_ptnr3_label_seq_id 
_struct_conn.pdbx_ptnr3_label_comp_id 
_struct_conn.pdbx_ptnr3_label_asym_id 
_struct_conn.pdbx_ptnr3_label_alt_id 
_struct_conn.pdbx_ptnr3_PDB_ins_code 
_struct_conn.details 
_struct_conn.pdbx_dist_value 
_struct_conn.pdbx_value_order 
_struct_conn.pdbx_role 
covale1  covale both ? A ALA 25  C ? ? ? 1_555 A MSE 26  N ? ? A ALA 22  A MSE 23  1_555 ? ? ? ? ? ? ? 1.328 ? ? 
covale2  covale both ? A MSE 26  C ? ? ? 1_555 A PHE 27  N ? ? A MSE 23  A PHE 24  1_555 ? ? ? ? ? ? ? 1.336 ? ? 
covale3  covale both ? A ASP 64  C ? ? ? 1_555 A MSE 65  N ? ? A ASP 61  A MSE 62  1_555 ? ? ? ? ? ? ? 1.332 ? ? 
covale4  covale both ? A MSE 65  C ? ? ? 1_555 A LEU 66  N ? ? A MSE 62  A LEU 63  1_555 ? ? ? ? ? ? ? 1.325 ? ? 
covale5  covale both ? A VAL 111 C ? ? ? 1_555 A MSE 112 N ? ? A VAL 108 A MSE 109 1_555 ? ? ? ? ? ? ? 1.341 ? ? 
covale6  covale both ? A MSE 112 C ? ? ? 1_555 A LEU 113 N ? ? A MSE 109 A LEU 110 1_555 ? ? ? ? ? ? ? 1.337 ? ? 
covale7  covale both ? A ASP 148 C ? ? ? 1_555 A MSE 149 N ? ? A ASP 145 A MSE 146 1_555 ? ? ? ? ? ? ? 1.329 ? ? 
covale8  covale both ? A MSE 149 C ? ? ? 1_555 A ALA 150 N ? ? A MSE 146 A ALA 147 1_555 ? ? ? ? ? ? ? 1.323 ? ? 
covale9  covale both ? A THR 160 C ? ? ? 1_555 A MSE 161 N ? ? A THR 157 A MSE 158 1_555 ? ? ? ? ? ? ? 1.330 ? ? 
covale10 covale both ? A MSE 161 C ? ? ? 1_555 A LEU 162 N ? ? A MSE 158 A LEU 159 1_555 ? ? ? ? ? ? ? 1.339 ? ? 
covale11 covale both ? A GLY 165 C ? ? ? 1_555 A MSE 166 N ? ? A GLY 162 A MSE 163 1_555 ? ? ? ? ? ? ? 1.339 ? ? 
covale12 covale both ? A MSE 166 C ? ? ? 1_555 A ILE 167 N ? ? A MSE 163 A ILE 164 1_555 ? ? ? ? ? ? ? 1.341 ? ? 
# 
_struct_conn_type.id          covale 
_struct_conn_type.criteria    ? 
_struct_conn_type.reference   ? 
# 
loop_
_pdbx_modification_feature.ordinal 
_pdbx_modification_feature.label_comp_id 
_pdbx_modification_feature.label_asym_id 
_pdbx_modification_feature.label_seq_id 
_pdbx_modification_feature.label_alt_id 
_pdbx_modification_feature.modified_residue_label_comp_id 
_pdbx_modification_feature.modified_residue_label_asym_id 
_pdbx_modification_feature.modified_residue_label_seq_id 
_pdbx_modification_feature.modified_residue_label_alt_id 
_pdbx_modification_feature.auth_comp_id 
_pdbx_modification_feature.auth_asym_id 
_pdbx_modification_feature.auth_seq_id 
_pdbx_modification_feature.PDB_ins_code 
_pdbx_modification_feature.symmetry 
_pdbx_modification_feature.modified_residue_auth_comp_id 
_pdbx_modification_feature.modified_residue_auth_asym_id 
_pdbx_modification_feature.modified_residue_auth_seq_id 
_pdbx_modification_feature.modified_residue_PDB_ins_code 
_pdbx_modification_feature.modified_residue_symmetry 
_pdbx_modification_feature.comp_id_linking_atom 
_pdbx_modification_feature.modified_residue_id_linking_atom 
_pdbx_modification_feature.modified_residue_id 
_pdbx_modification_feature.ref_pcm_id 
_pdbx_modification_feature.ref_comp_id 
_pdbx_modification_feature.type 
_pdbx_modification_feature.category 
1 MSE A 26  ? . . . . MSE A 23  ? 1_555 . . . . . . . MET 1 MSE Selenomethionine 'Named protein modification' 
2 MSE A 65  ? . . . . MSE A 62  ? 1_555 . . . . . . . MET 1 MSE Selenomethionine 'Named protein modification' 
3 MSE A 112 ? . . . . MSE A 109 ? 1_555 . . . . . . . MET 1 MSE Selenomethionine 'Named protein modification' 
4 MSE A 149 ? . . . . MSE A 146 ? 1_555 . . . . . . . MET 1 MSE Selenomethionine 'Named protein modification' 
5 MSE A 161 ? . . . . MSE A 158 ? 1_555 . . . . . . . MET 1 MSE Selenomethionine 'Named protein modification' 
6 MSE A 166 ? . . . . MSE A 163 ? 1_555 . . . . . . . MET 1 MSE Selenomethionine 'Named protein modification' 
# 
_pdbx_entry_details.entry_id                   3CCY 
_pdbx_entry_details.compound_details           ? 
_pdbx_entry_details.source_details             ? 
_pdbx_entry_details.nonpolymer_details         ? 
_pdbx_entry_details.sequence_details           ? 
_pdbx_entry_details.has_ligand_of_interest     ? 
_pdbx_entry_details.has_protein_modification   Y 
# 
loop_
_pdbx_validate_torsion.id 
_pdbx_validate_torsion.PDB_model_num 
_pdbx_validate_torsion.auth_comp_id 
_pdbx_validate_torsion.auth_asym_id 
_pdbx_validate_torsion.auth_seq_id 
_pdbx_validate_torsion.PDB_ins_code 
_pdbx_validate_torsion.label_alt_id 
_pdbx_validate_torsion.phi 
_pdbx_validate_torsion.psi 
1 1 ASN A 11  ? ? -103.83 -62.56  
2 1 ARG A 26  ? ? -81.27  -77.75  
3 1 GLU A 42  ? ? 39.78   62.89   
4 1 PRO A 117 ? ? -56.86  -140.32 
5 1 TRP A 170 ? ? -140.82 -29.86  
# 
_pdbx_SG_project.id                    1 
_pdbx_SG_project.project_name          'PSI, Protein Structure Initiative' 
_pdbx_SG_project.full_name_of_center   'Midwest Center for Structural Genomics' 
_pdbx_SG_project.initial_of_center     MCSG 
# 
loop_
_pdbx_struct_mod_residue.id 
_pdbx_struct_mod_residue.label_asym_id 
_pdbx_struct_mod_residue.label_comp_id 
_pdbx_struct_mod_residue.label_seq_id 
_pdbx_struct_mod_residue.auth_asym_id 
_pdbx_struct_mod_residue.auth_comp_id 
_pdbx_struct_mod_residue.auth_seq_id 
_pdbx_struct_mod_residue.PDB_ins_code 
_pdbx_struct_mod_residue.parent_comp_id 
_pdbx_struct_mod_residue.details 
1 A MSE 26  A MSE 23  ? MET SELENOMETHIONINE 
2 A MSE 65  A MSE 62  ? MET SELENOMETHIONINE 
3 A MSE 112 A MSE 109 ? MET SELENOMETHIONINE 
4 A MSE 149 A MSE 146 ? MET SELENOMETHIONINE 
5 A MSE 161 A MSE 158 ? MET SELENOMETHIONINE 
6 A MSE 166 A MSE 163 ? MET SELENOMETHIONINE 
# 
_pdbx_refine_tls.id               1 
_pdbx_refine_tls.details          ? 
_pdbx_refine_tls.method           refined 
_pdbx_refine_tls.origin_x         0.2419 
_pdbx_refine_tls.origin_y         -0.1027 
_pdbx_refine_tls.origin_z         -0.2063 
_pdbx_refine_tls.T[1][1]          -0.0983 
_pdbx_refine_tls.T[2][2]          -0.0422 
_pdbx_refine_tls.T[3][3]          -0.1382 
_pdbx_refine_tls.T[1][2]          -0.0054 
_pdbx_refine_tls.T[1][3]          0.0064 
_pdbx_refine_tls.T[2][3]          0.0241 
_pdbx_refine_tls.L[1][1]          1.5542 
_pdbx_refine_tls.L[2][2]          2.0799 
_pdbx_refine_tls.L[3][3]          2.2476 
_pdbx_refine_tls.L[1][2]          0.9580 
_pdbx_refine_tls.L[1][3]          0.4155 
_pdbx_refine_tls.L[2][3]          -0.1949 
_pdbx_refine_tls.S[1][1]          -0.0794 
_pdbx_refine_tls.S[1][2]          0.3401 
_pdbx_refine_tls.S[1][3]          -0.2015 
_pdbx_refine_tls.S[2][1]          -0.3469 
_pdbx_refine_tls.S[2][2]          0.0683 
_pdbx_refine_tls.S[2][3]          -0.2844 
_pdbx_refine_tls.S[3][1]          0.0955 
_pdbx_refine_tls.S[3][2]          0.5367 
_pdbx_refine_tls.S[3][3]          0.0111 
_pdbx_refine_tls.pdbx_refine_id   'X-RAY DIFFRACTION' 
# 
_pdbx_refine_tls_group.id                  1 
_pdbx_refine_tls_group.refine_tls_id       1 
_pdbx_refine_tls_group.beg_auth_asym_id    A 
_pdbx_refine_tls_group.beg_auth_seq_id     9 
_pdbx_refine_tls_group.beg_label_asym_id   A 
_pdbx_refine_tls_group.beg_label_seq_id    12 
_pdbx_refine_tls_group.end_auth_asym_id    A 
_pdbx_refine_tls_group.end_auth_seq_id     200 
_pdbx_refine_tls_group.end_label_asym_id   A 
_pdbx_refine_tls_group.end_label_seq_id    203 
_pdbx_refine_tls_group.selection           ? 
_pdbx_refine_tls_group.pdbx_refine_id      'X-RAY DIFFRACTION' 
_pdbx_refine_tls_group.selection_details   ? 
# 
loop_
_pdbx_unobs_or_zero_occ_residues.id 
_pdbx_unobs_or_zero_occ_residues.PDB_model_num 
_pdbx_unobs_or_zero_occ_residues.polymer_flag 
_pdbx_unobs_or_zero_occ_residues.occupancy_flag 
_pdbx_unobs_or_zero_occ_residues.auth_asym_id 
_pdbx_unobs_or_zero_occ_residues.auth_comp_id 
_pdbx_unobs_or_zero_occ_residues.auth_seq_id 
_pdbx_unobs_or_zero_occ_residues.PDB_ins_code 
_pdbx_unobs_or_zero_occ_residues.label_asym_id 
_pdbx_unobs_or_zero_occ_residues.label_comp_id 
_pdbx_unobs_or_zero_occ_residues.label_seq_id 
1  1 Y 1 A SER -2 ? A SER 1  
2  1 Y 1 A ASN -1 ? A ASN 2  
3  1 Y 1 A ALA 0  ? A ALA 3  
4  1 Y 1 A MSE 1  ? A MSE 4  
5  1 Y 1 A ALA 2  ? A ALA 5  
6  1 Y 1 A ARG 3  ? A ARG 6  
7  1 Y 1 A THR 4  ? A THR 7  
8  1 Y 1 A ARG 5  ? A ARG 8  
9  1 Y 1 A SER 6  ? A SER 9  
10 1 Y 1 A ALA 7  ? A ALA 10 
11 1 Y 1 A ASP 8  ? A ASP 11 
# 
loop_
_chem_comp_atom.comp_id 
_chem_comp_atom.atom_id 
_chem_comp_atom.type_symbol 
_chem_comp_atom.pdbx_aromatic_flag 
_chem_comp_atom.pdbx_stereo_config 
_chem_comp_atom.pdbx_ordinal 
ALA N    N  N N 1   
ALA CA   C  N S 2   
ALA C    C  N N 3   
ALA O    O  N N 4   
ALA CB   C  N N 5   
ALA OXT  O  N N 6   
ALA H    H  N N 7   
ALA H2   H  N N 8   
ALA HA   H  N N 9   
ALA HB1  H  N N 10  
ALA HB2  H  N N 11  
ALA HB3  H  N N 12  
ALA HXT  H  N N 13  
ARG N    N  N N 14  
ARG CA   C  N S 15  
ARG C    C  N N 16  
ARG O    O  N N 17  
ARG CB   C  N N 18  
ARG CG   C  N N 19  
ARG CD   C  N N 20  
ARG NE   N  N N 21  
ARG CZ   C  N N 22  
ARG NH1  N  N N 23  
ARG NH2  N  N N 24  
ARG OXT  O  N N 25  
ARG H    H  N N 26  
ARG H2   H  N N 27  
ARG HA   H  N N 28  
ARG HB2  H  N N 29  
ARG HB3  H  N N 30  
ARG HG2  H  N N 31  
ARG HG3  H  N N 32  
ARG HD2  H  N N 33  
ARG HD3  H  N N 34  
ARG HE   H  N N 35  
ARG HH11 H  N N 36  
ARG HH12 H  N N 37  
ARG HH21 H  N N 38  
ARG HH22 H  N N 39  
ARG HXT  H  N N 40  
ASN N    N  N N 41  
ASN CA   C  N S 42  
ASN C    C  N N 43  
ASN O    O  N N 44  
ASN CB   C  N N 45  
ASN CG   C  N N 46  
ASN OD1  O  N N 47  
ASN ND2  N  N N 48  
ASN OXT  O  N N 49  
ASN H    H  N N 50  
ASN H2   H  N N 51  
ASN HA   H  N N 52  
ASN HB2  H  N N 53  
ASN HB3  H  N N 54  
ASN HD21 H  N N 55  
ASN HD22 H  N N 56  
ASN HXT  H  N N 57  
ASP N    N  N N 58  
ASP CA   C  N S 59  
ASP C    C  N N 60  
ASP O    O  N N 61  
ASP CB   C  N N 62  
ASP CG   C  N N 63  
ASP OD1  O  N N 64  
ASP OD2  O  N N 65  
ASP OXT  O  N N 66  
ASP H    H  N N 67  
ASP H2   H  N N 68  
ASP HA   H  N N 69  
ASP HB2  H  N N 70  
ASP HB3  H  N N 71  
ASP HD2  H  N N 72  
ASP HXT  H  N N 73  
CYS N    N  N N 74  
CYS CA   C  N R 75  
CYS C    C  N N 76  
CYS O    O  N N 77  
CYS CB   C  N N 78  
CYS SG   S  N N 79  
CYS OXT  O  N N 80  
CYS H    H  N N 81  
CYS H2   H  N N 82  
CYS HA   H  N N 83  
CYS HB2  H  N N 84  
CYS HB3  H  N N 85  
CYS HG   H  N N 86  
CYS HXT  H  N N 87  
GLN N    N  N N 88  
GLN CA   C  N S 89  
GLN C    C  N N 90  
GLN O    O  N N 91  
GLN CB   C  N N 92  
GLN CG   C  N N 93  
GLN CD   C  N N 94  
GLN OE1  O  N N 95  
GLN NE2  N  N N 96  
GLN OXT  O  N N 97  
GLN H    H  N N 98  
GLN H2   H  N N 99  
GLN HA   H  N N 100 
GLN HB2  H  N N 101 
GLN HB3  H  N N 102 
GLN HG2  H  N N 103 
GLN HG3  H  N N 104 
GLN HE21 H  N N 105 
GLN HE22 H  N N 106 
GLN HXT  H  N N 107 
GLU N    N  N N 108 
GLU CA   C  N S 109 
GLU C    C  N N 110 
GLU O    O  N N 111 
GLU CB   C  N N 112 
GLU CG   C  N N 113 
GLU CD   C  N N 114 
GLU OE1  O  N N 115 
GLU OE2  O  N N 116 
GLU OXT  O  N N 117 
GLU H    H  N N 118 
GLU H2   H  N N 119 
GLU HA   H  N N 120 
GLU HB2  H  N N 121 
GLU HB3  H  N N 122 
GLU HG2  H  N N 123 
GLU HG3  H  N N 124 
GLU HE2  H  N N 125 
GLU HXT  H  N N 126 
GLY N    N  N N 127 
GLY CA   C  N N 128 
GLY C    C  N N 129 
GLY O    O  N N 130 
GLY OXT  O  N N 131 
GLY H    H  N N 132 
GLY H2   H  N N 133 
GLY HA2  H  N N 134 
GLY HA3  H  N N 135 
GLY HXT  H  N N 136 
HIS N    N  N N 137 
HIS CA   C  N S 138 
HIS C    C  N N 139 
HIS O    O  N N 140 
HIS CB   C  N N 141 
HIS CG   C  Y N 142 
HIS ND1  N  Y N 143 
HIS CD2  C  Y N 144 
HIS CE1  C  Y N 145 
HIS NE2  N  Y N 146 
HIS OXT  O  N N 147 
HIS H    H  N N 148 
HIS H2   H  N N 149 
HIS HA   H  N N 150 
HIS HB2  H  N N 151 
HIS HB3  H  N N 152 
HIS HD1  H  N N 153 
HIS HD2  H  N N 154 
HIS HE1  H  N N 155 
HIS HE2  H  N N 156 
HIS HXT  H  N N 157 
HOH O    O  N N 158 
HOH H1   H  N N 159 
HOH H2   H  N N 160 
ILE N    N  N N 161 
ILE CA   C  N S 162 
ILE C    C  N N 163 
ILE O    O  N N 164 
ILE CB   C  N S 165 
ILE CG1  C  N N 166 
ILE CG2  C  N N 167 
ILE CD1  C  N N 168 
ILE OXT  O  N N 169 
ILE H    H  N N 170 
ILE H2   H  N N 171 
ILE HA   H  N N 172 
ILE HB   H  N N 173 
ILE HG12 H  N N 174 
ILE HG13 H  N N 175 
ILE HG21 H  N N 176 
ILE HG22 H  N N 177 
ILE HG23 H  N N 178 
ILE HD11 H  N N 179 
ILE HD12 H  N N 180 
ILE HD13 H  N N 181 
ILE HXT  H  N N 182 
LEU N    N  N N 183 
LEU CA   C  N S 184 
LEU C    C  N N 185 
LEU O    O  N N 186 
LEU CB   C  N N 187 
LEU CG   C  N N 188 
LEU CD1  C  N N 189 
LEU CD2  C  N N 190 
LEU OXT  O  N N 191 
LEU H    H  N N 192 
LEU H2   H  N N 193 
LEU HA   H  N N 194 
LEU HB2  H  N N 195 
LEU HB3  H  N N 196 
LEU HG   H  N N 197 
LEU HD11 H  N N 198 
LEU HD12 H  N N 199 
LEU HD13 H  N N 200 
LEU HD21 H  N N 201 
LEU HD22 H  N N 202 
LEU HD23 H  N N 203 
LEU HXT  H  N N 204 
LYS N    N  N N 205 
LYS CA   C  N S 206 
LYS C    C  N N 207 
LYS O    O  N N 208 
LYS CB   C  N N 209 
LYS CG   C  N N 210 
LYS CD   C  N N 211 
LYS CE   C  N N 212 
LYS NZ   N  N N 213 
LYS OXT  O  N N 214 
LYS H    H  N N 215 
LYS H2   H  N N 216 
LYS HA   H  N N 217 
LYS HB2  H  N N 218 
LYS HB3  H  N N 219 
LYS HG2  H  N N 220 
LYS HG3  H  N N 221 
LYS HD2  H  N N 222 
LYS HD3  H  N N 223 
LYS HE2  H  N N 224 
LYS HE3  H  N N 225 
LYS HZ1  H  N N 226 
LYS HZ2  H  N N 227 
LYS HZ3  H  N N 228 
LYS HXT  H  N N 229 
MSE N    N  N N 230 
MSE CA   C  N S 231 
MSE C    C  N N 232 
MSE O    O  N N 233 
MSE OXT  O  N N 234 
MSE CB   C  N N 235 
MSE CG   C  N N 236 
MSE SE   SE N N 237 
MSE CE   C  N N 238 
MSE H    H  N N 239 
MSE H2   H  N N 240 
MSE HA   H  N N 241 
MSE HXT  H  N N 242 
MSE HB2  H  N N 243 
MSE HB3  H  N N 244 
MSE HG2  H  N N 245 
MSE HG3  H  N N 246 
MSE HE1  H  N N 247 
MSE HE2  H  N N 248 
MSE HE3  H  N N 249 
PHE N    N  N N 250 
PHE CA   C  N S 251 
PHE C    C  N N 252 
PHE O    O  N N 253 
PHE CB   C  N N 254 
PHE CG   C  Y N 255 
PHE CD1  C  Y N 256 
PHE CD2  C  Y N 257 
PHE CE1  C  Y N 258 
PHE CE2  C  Y N 259 
PHE CZ   C  Y N 260 
PHE OXT  O  N N 261 
PHE H    H  N N 262 
PHE H2   H  N N 263 
PHE HA   H  N N 264 
PHE HB2  H  N N 265 
PHE HB3  H  N N 266 
PHE HD1  H  N N 267 
PHE HD2  H  N N 268 
PHE HE1  H  N N 269 
PHE HE2  H  N N 270 
PHE HZ   H  N N 271 
PHE HXT  H  N N 272 
PRO N    N  N N 273 
PRO CA   C  N S 274 
PRO C    C  N N 275 
PRO O    O  N N 276 
PRO CB   C  N N 277 
PRO CG   C  N N 278 
PRO CD   C  N N 279 
PRO OXT  O  N N 280 
PRO H    H  N N 281 
PRO HA   H  N N 282 
PRO HB2  H  N N 283 
PRO HB3  H  N N 284 
PRO HG2  H  N N 285 
PRO HG3  H  N N 286 
PRO HD2  H  N N 287 
PRO HD3  H  N N 288 
PRO HXT  H  N N 289 
SER N    N  N N 290 
SER CA   C  N S 291 
SER C    C  N N 292 
SER O    O  N N 293 
SER CB   C  N N 294 
SER OG   O  N N 295 
SER OXT  O  N N 296 
SER H    H  N N 297 
SER H2   H  N N 298 
SER HA   H  N N 299 
SER HB2  H  N N 300 
SER HB3  H  N N 301 
SER HG   H  N N 302 
SER HXT  H  N N 303 
THR N    N  N N 304 
THR CA   C  N S 305 
THR C    C  N N 306 
THR O    O  N N 307 
THR CB   C  N R 308 
THR OG1  O  N N 309 
THR CG2  C  N N 310 
THR OXT  O  N N 311 
THR H    H  N N 312 
THR H2   H  N N 313 
THR HA   H  N N 314 
THR HB   H  N N 315 
THR HG1  H  N N 316 
THR HG21 H  N N 317 
THR HG22 H  N N 318 
THR HG23 H  N N 319 
THR HXT  H  N N 320 
TRP N    N  N N 321 
TRP CA   C  N S 322 
TRP C    C  N N 323 
TRP O    O  N N 324 
TRP CB   C  N N 325 
TRP CG   C  Y N 326 
TRP CD1  C  Y N 327 
TRP CD2  C  Y N 328 
TRP NE1  N  Y N 329 
TRP CE2  C  Y N 330 
TRP CE3  C  Y N 331 
TRP CZ2  C  Y N 332 
TRP CZ3  C  Y N 333 
TRP CH2  C  Y N 334 
TRP OXT  O  N N 335 
TRP H    H  N N 336 
TRP H2   H  N N 337 
TRP HA   H  N N 338 
TRP HB2  H  N N 339 
TRP HB3  H  N N 340 
TRP HD1  H  N N 341 
TRP HE1  H  N N 342 
TRP HE3  H  N N 343 
TRP HZ2  H  N N 344 
TRP HZ3  H  N N 345 
TRP HH2  H  N N 346 
TRP HXT  H  N N 347 
TYR N    N  N N 348 
TYR CA   C  N S 349 
TYR C    C  N N 350 
TYR O    O  N N 351 
TYR CB   C  N N 352 
TYR CG   C  Y N 353 
TYR CD1  C  Y N 354 
TYR CD2  C  Y N 355 
TYR CE1  C  Y N 356 
TYR CE2  C  Y N 357 
TYR CZ   C  Y N 358 
TYR OH   O  N N 359 
TYR OXT  O  N N 360 
TYR H    H  N N 361 
TYR H2   H  N N 362 
TYR HA   H  N N 363 
TYR HB2  H  N N 364 
TYR HB3  H  N N 365 
TYR HD1  H  N N 366 
TYR HD2  H  N N 367 
TYR HE1  H  N N 368 
TYR HE2  H  N N 369 
TYR HH   H  N N 370 
TYR HXT  H  N N 371 
VAL N    N  N N 372 
VAL CA   C  N S 373 
VAL C    C  N N 374 
VAL O    O  N N 375 
VAL CB   C  N N 376 
VAL CG1  C  N N 377 
VAL CG2  C  N N 378 
VAL OXT  O  N N 379 
VAL H    H  N N 380 
VAL H2   H  N N 381 
VAL HA   H  N N 382 
VAL HB   H  N N 383 
VAL HG11 H  N N 384 
VAL HG12 H  N N 385 
VAL HG13 H  N N 386 
VAL HG21 H  N N 387 
VAL HG22 H  N N 388 
VAL HG23 H  N N 389 
VAL HXT  H  N N 390 
# 
loop_
_chem_comp_bond.comp_id 
_chem_comp_bond.atom_id_1 
_chem_comp_bond.atom_id_2 
_chem_comp_bond.value_order 
_chem_comp_bond.pdbx_aromatic_flag 
_chem_comp_bond.pdbx_stereo_config 
_chem_comp_bond.pdbx_ordinal 
ALA N   CA   sing N N 1   
ALA N   H    sing N N 2   
ALA N   H2   sing N N 3   
ALA CA  C    sing N N 4   
ALA CA  CB   sing N N 5   
ALA CA  HA   sing N N 6   
ALA C   O    doub N N 7   
ALA C   OXT  sing N N 8   
ALA CB  HB1  sing N N 9   
ALA CB  HB2  sing N N 10  
ALA CB  HB3  sing N N 11  
ALA OXT HXT  sing N N 12  
ARG N   CA   sing N N 13  
ARG N   H    sing N N 14  
ARG N   H2   sing N N 15  
ARG CA  C    sing N N 16  
ARG CA  CB   sing N N 17  
ARG CA  HA   sing N N 18  
ARG C   O    doub N N 19  
ARG C   OXT  sing N N 20  
ARG CB  CG   sing N N 21  
ARG CB  HB2  sing N N 22  
ARG CB  HB3  sing N N 23  
ARG CG  CD   sing N N 24  
ARG CG  HG2  sing N N 25  
ARG CG  HG3  sing N N 26  
ARG CD  NE   sing N N 27  
ARG CD  HD2  sing N N 28  
ARG CD  HD3  sing N N 29  
ARG NE  CZ   sing N N 30  
ARG NE  HE   sing N N 31  
ARG CZ  NH1  sing N N 32  
ARG CZ  NH2  doub N N 33  
ARG NH1 HH11 sing N N 34  
ARG NH1 HH12 sing N N 35  
ARG NH2 HH21 sing N N 36  
ARG NH2 HH22 sing N N 37  
ARG OXT HXT  sing N N 38  
ASN N   CA   sing N N 39  
ASN N   H    sing N N 40  
ASN N   H2   sing N N 41  
ASN CA  C    sing N N 42  
ASN CA  CB   sing N N 43  
ASN CA  HA   sing N N 44  
ASN C   O    doub N N 45  
ASN C   OXT  sing N N 46  
ASN CB  CG   sing N N 47  
ASN CB  HB2  sing N N 48  
ASN CB  HB3  sing N N 49  
ASN CG  OD1  doub N N 50  
ASN CG  ND2  sing N N 51  
ASN ND2 HD21 sing N N 52  
ASN ND2 HD22 sing N N 53  
ASN OXT HXT  sing N N 54  
ASP N   CA   sing N N 55  
ASP N   H    sing N N 56  
ASP N   H2   sing N N 57  
ASP CA  C    sing N N 58  
ASP CA  CB   sing N N 59  
ASP CA  HA   sing N N 60  
ASP C   O    doub N N 61  
ASP C   OXT  sing N N 62  
ASP CB  CG   sing N N 63  
ASP CB  HB2  sing N N 64  
ASP CB  HB3  sing N N 65  
ASP CG  OD1  doub N N 66  
ASP CG  OD2  sing N N 67  
ASP OD2 HD2  sing N N 68  
ASP OXT HXT  sing N N 69  
CYS N   CA   sing N N 70  
CYS N   H    sing N N 71  
CYS N   H2   sing N N 72  
CYS CA  C    sing N N 73  
CYS CA  CB   sing N N 74  
CYS CA  HA   sing N N 75  
CYS C   O    doub N N 76  
CYS C   OXT  sing N N 77  
CYS CB  SG   sing N N 78  
CYS CB  HB2  sing N N 79  
CYS CB  HB3  sing N N 80  
CYS SG  HG   sing N N 81  
CYS OXT HXT  sing N N 82  
GLN N   CA   sing N N 83  
GLN N   H    sing N N 84  
GLN N   H2   sing N N 85  
GLN CA  C    sing N N 86  
GLN CA  CB   sing N N 87  
GLN CA  HA   sing N N 88  
GLN C   O    doub N N 89  
GLN C   OXT  sing N N 90  
GLN CB  CG   sing N N 91  
GLN CB  HB2  sing N N 92  
GLN CB  HB3  sing N N 93  
GLN CG  CD   sing N N 94  
GLN CG  HG2  sing N N 95  
GLN CG  HG3  sing N N 96  
GLN CD  OE1  doub N N 97  
GLN CD  NE2  sing N N 98  
GLN NE2 HE21 sing N N 99  
GLN NE2 HE22 sing N N 100 
GLN OXT HXT  sing N N 101 
GLU N   CA   sing N N 102 
GLU N   H    sing N N 103 
GLU N   H2   sing N N 104 
GLU CA  C    sing N N 105 
GLU CA  CB   sing N N 106 
GLU CA  HA   sing N N 107 
GLU C   O    doub N N 108 
GLU C   OXT  sing N N 109 
GLU CB  CG   sing N N 110 
GLU CB  HB2  sing N N 111 
GLU CB  HB3  sing N N 112 
GLU CG  CD   sing N N 113 
GLU CG  HG2  sing N N 114 
GLU CG  HG3  sing N N 115 
GLU CD  OE1  doub N N 116 
GLU CD  OE2  sing N N 117 
GLU OE2 HE2  sing N N 118 
GLU OXT HXT  sing N N 119 
GLY N   CA   sing N N 120 
GLY N   H    sing N N 121 
GLY N   H2   sing N N 122 
GLY CA  C    sing N N 123 
GLY CA  HA2  sing N N 124 
GLY CA  HA3  sing N N 125 
GLY C   O    doub N N 126 
GLY C   OXT  sing N N 127 
GLY OXT HXT  sing N N 128 
HIS N   CA   sing N N 129 
HIS N   H    sing N N 130 
HIS N   H2   sing N N 131 
HIS CA  C    sing N N 132 
HIS CA  CB   sing N N 133 
HIS CA  HA   sing N N 134 
HIS C   O    doub N N 135 
HIS C   OXT  sing N N 136 
HIS CB  CG   sing N N 137 
HIS CB  HB2  sing N N 138 
HIS CB  HB3  sing N N 139 
HIS CG  ND1  sing Y N 140 
HIS CG  CD2  doub Y N 141 
HIS ND1 CE1  doub Y N 142 
HIS ND1 HD1  sing N N 143 
HIS CD2 NE2  sing Y N 144 
HIS CD2 HD2  sing N N 145 
HIS CE1 NE2  sing Y N 146 
HIS CE1 HE1  sing N N 147 
HIS NE2 HE2  sing N N 148 
HIS OXT HXT  sing N N 149 
HOH O   H1   sing N N 150 
HOH O   H2   sing N N 151 
ILE N   CA   sing N N 152 
ILE N   H    sing N N 153 
ILE N   H2   sing N N 154 
ILE CA  C    sing N N 155 
ILE CA  CB   sing N N 156 
ILE CA  HA   sing N N 157 
ILE C   O    doub N N 158 
ILE C   OXT  sing N N 159 
ILE CB  CG1  sing N N 160 
ILE CB  CG2  sing N N 161 
ILE CB  HB   sing N N 162 
ILE CG1 CD1  sing N N 163 
ILE CG1 HG12 sing N N 164 
ILE CG1 HG13 sing N N 165 
ILE CG2 HG21 sing N N 166 
ILE CG2 HG22 sing N N 167 
ILE CG2 HG23 sing N N 168 
ILE CD1 HD11 sing N N 169 
ILE CD1 HD12 sing N N 170 
ILE CD1 HD13 sing N N 171 
ILE OXT HXT  sing N N 172 
LEU N   CA   sing N N 173 
LEU N   H    sing N N 174 
LEU N   H2   sing N N 175 
LEU CA  C    sing N N 176 
LEU CA  CB   sing N N 177 
LEU CA  HA   sing N N 178 
LEU C   O    doub N N 179 
LEU C   OXT  sing N N 180 
LEU CB  CG   sing N N 181 
LEU CB  HB2  sing N N 182 
LEU CB  HB3  sing N N 183 
LEU CG  CD1  sing N N 184 
LEU CG  CD2  sing N N 185 
LEU CG  HG   sing N N 186 
LEU CD1 HD11 sing N N 187 
LEU CD1 HD12 sing N N 188 
LEU CD1 HD13 sing N N 189 
LEU CD2 HD21 sing N N 190 
LEU CD2 HD22 sing N N 191 
LEU CD2 HD23 sing N N 192 
LEU OXT HXT  sing N N 193 
LYS N   CA   sing N N 194 
LYS N   H    sing N N 195 
LYS N   H2   sing N N 196 
LYS CA  C    sing N N 197 
LYS CA  CB   sing N N 198 
LYS CA  HA   sing N N 199 
LYS C   O    doub N N 200 
LYS C   OXT  sing N N 201 
LYS CB  CG   sing N N 202 
LYS CB  HB2  sing N N 203 
LYS CB  HB3  sing N N 204 
LYS CG  CD   sing N N 205 
LYS CG  HG2  sing N N 206 
LYS CG  HG3  sing N N 207 
LYS CD  CE   sing N N 208 
LYS CD  HD2  sing N N 209 
LYS CD  HD3  sing N N 210 
LYS CE  NZ   sing N N 211 
LYS CE  HE2  sing N N 212 
LYS CE  HE3  sing N N 213 
LYS NZ  HZ1  sing N N 214 
LYS NZ  HZ2  sing N N 215 
LYS NZ  HZ3  sing N N 216 
LYS OXT HXT  sing N N 217 
MSE N   CA   sing N N 218 
MSE N   H    sing N N 219 
MSE N   H2   sing N N 220 
MSE CA  C    sing N N 221 
MSE CA  CB   sing N N 222 
MSE CA  HA   sing N N 223 
MSE C   O    doub N N 224 
MSE C   OXT  sing N N 225 
MSE OXT HXT  sing N N 226 
MSE CB  CG   sing N N 227 
MSE CB  HB2  sing N N 228 
MSE CB  HB3  sing N N 229 
MSE CG  SE   sing N N 230 
MSE CG  HG2  sing N N 231 
MSE CG  HG3  sing N N 232 
MSE SE  CE   sing N N 233 
MSE CE  HE1  sing N N 234 
MSE CE  HE2  sing N N 235 
MSE CE  HE3  sing N N 236 
PHE N   CA   sing N N 237 
PHE N   H    sing N N 238 
PHE N   H2   sing N N 239 
PHE CA  C    sing N N 240 
PHE CA  CB   sing N N 241 
PHE CA  HA   sing N N 242 
PHE C   O    doub N N 243 
PHE C   OXT  sing N N 244 
PHE CB  CG   sing N N 245 
PHE CB  HB2  sing N N 246 
PHE CB  HB3  sing N N 247 
PHE CG  CD1  doub Y N 248 
PHE CG  CD2  sing Y N 249 
PHE CD1 CE1  sing Y N 250 
PHE CD1 HD1  sing N N 251 
PHE CD2 CE2  doub Y N 252 
PHE CD2 HD2  sing N N 253 
PHE CE1 CZ   doub Y N 254 
PHE CE1 HE1  sing N N 255 
PHE CE2 CZ   sing Y N 256 
PHE CE2 HE2  sing N N 257 
PHE CZ  HZ   sing N N 258 
PHE OXT HXT  sing N N 259 
PRO N   CA   sing N N 260 
PRO N   CD   sing N N 261 
PRO N   H    sing N N 262 
PRO CA  C    sing N N 263 
PRO CA  CB   sing N N 264 
PRO CA  HA   sing N N 265 
PRO C   O    doub N N 266 
PRO C   OXT  sing N N 267 
PRO CB  CG   sing N N 268 
PRO CB  HB2  sing N N 269 
PRO CB  HB3  sing N N 270 
PRO CG  CD   sing N N 271 
PRO CG  HG2  sing N N 272 
PRO CG  HG3  sing N N 273 
PRO CD  HD2  sing N N 274 
PRO CD  HD3  sing N N 275 
PRO OXT HXT  sing N N 276 
SER N   CA   sing N N 277 
SER N   H    sing N N 278 
SER N   H2   sing N N 279 
SER CA  C    sing N N 280 
SER CA  CB   sing N N 281 
SER CA  HA   sing N N 282 
SER C   O    doub N N 283 
SER C   OXT  sing N N 284 
SER CB  OG   sing N N 285 
SER CB  HB2  sing N N 286 
SER CB  HB3  sing N N 287 
SER OG  HG   sing N N 288 
SER OXT HXT  sing N N 289 
THR N   CA   sing N N 290 
THR N   H    sing N N 291 
THR N   H2   sing N N 292 
THR CA  C    sing N N 293 
THR CA  CB   sing N N 294 
THR CA  HA   sing N N 295 
THR C   O    doub N N 296 
THR C   OXT  sing N N 297 
THR CB  OG1  sing N N 298 
THR CB  CG2  sing N N 299 
THR CB  HB   sing N N 300 
THR OG1 HG1  sing N N 301 
THR CG2 HG21 sing N N 302 
THR CG2 HG22 sing N N 303 
THR CG2 HG23 sing N N 304 
THR OXT HXT  sing N N 305 
TRP N   CA   sing N N 306 
TRP N   H    sing N N 307 
TRP N   H2   sing N N 308 
TRP CA  C    sing N N 309 
TRP CA  CB   sing N N 310 
TRP CA  HA   sing N N 311 
TRP C   O    doub N N 312 
TRP C   OXT  sing N N 313 
TRP CB  CG   sing N N 314 
TRP CB  HB2  sing N N 315 
TRP CB  HB3  sing N N 316 
TRP CG  CD1  doub Y N 317 
TRP CG  CD2  sing Y N 318 
TRP CD1 NE1  sing Y N 319 
TRP CD1 HD1  sing N N 320 
TRP CD2 CE2  doub Y N 321 
TRP CD2 CE3  sing Y N 322 
TRP NE1 CE2  sing Y N 323 
TRP NE1 HE1  sing N N 324 
TRP CE2 CZ2  sing Y N 325 
TRP CE3 CZ3  doub Y N 326 
TRP CE3 HE3  sing N N 327 
TRP CZ2 CH2  doub Y N 328 
TRP CZ2 HZ2  sing N N 329 
TRP CZ3 CH2  sing Y N 330 
TRP CZ3 HZ3  sing N N 331 
TRP CH2 HH2  sing N N 332 
TRP OXT HXT  sing N N 333 
TYR N   CA   sing N N 334 
TYR N   H    sing N N 335 
TYR N   H2   sing N N 336 
TYR CA  C    sing N N 337 
TYR CA  CB   sing N N 338 
TYR CA  HA   sing N N 339 
TYR C   O    doub N N 340 
TYR C   OXT  sing N N 341 
TYR CB  CG   sing N N 342 
TYR CB  HB2  sing N N 343 
TYR CB  HB3  sing N N 344 
TYR CG  CD1  doub Y N 345 
TYR CG  CD2  sing Y N 346 
TYR CD1 CE1  sing Y N 347 
TYR CD1 HD1  sing N N 348 
TYR CD2 CE2  doub Y N 349 
TYR CD2 HD2  sing N N 350 
TYR CE1 CZ   doub Y N 351 
TYR CE1 HE1  sing N N 352 
TYR CE2 CZ   sing Y N 353 
TYR CE2 HE2  sing N N 354 
TYR CZ  OH   sing N N 355 
TYR OH  HH   sing N N 356 
TYR OXT HXT  sing N N 357 
VAL N   CA   sing N N 358 
VAL N   H    sing N N 359 
VAL N   H2   sing N N 360 
VAL CA  C    sing N N 361 
VAL CA  CB   sing N N 362 
VAL CA  HA   sing N N 363 
VAL C   O    doub N N 364 
VAL C   OXT  sing N N 365 
VAL CB  CG1  sing N N 366 
VAL CB  CG2  sing N N 367 
VAL CB  HB   sing N N 368 
VAL CG1 HG11 sing N N 369 
VAL CG1 HG12 sing N N 370 
VAL CG1 HG13 sing N N 371 
VAL CG2 HG21 sing N N 372 
VAL CG2 HG22 sing N N 373 
VAL CG2 HG23 sing N N 374 
VAL OXT HXT  sing N N 375 
# 
_atom_sites.entry_id                    3CCY 
_atom_sites.fract_transf_matrix[1][1]   0.01204925 
_atom_sites.fract_transf_matrix[1][2]   0.00961640 
_atom_sites.fract_transf_matrix[1][3]   0.00842676 
_atom_sites.fract_transf_matrix[2][1]   0.00013361 
_atom_sites.fract_transf_matrix[2][2]   0.01146909 
_atom_sites.fract_transf_matrix[2][3]   -0.01327928 
_atom_sites.fract_transf_matrix[3][1]   -0.00432488 
_atom_sites.fract_transf_matrix[3][2]   0.00310624 
_atom_sites.fract_transf_matrix[3][3]   0.00263930 
_atom_sites.fract_transf_vector[1]      0.000232 
_atom_sites.fract_transf_vector[2]      0.205548 
_atom_sites.fract_transf_vector[3]      0.176194 
# 
loop_
_atom_type.symbol 
C  
N  
O  
S  
SE 
# 
loop_
_atom_site.group_PDB 
_atom_site.id 
_atom_site.type_symbol 
_atom_site.label_atom_id 
_atom_site.label_alt_id 
_atom_site.label_comp_id 
_atom_site.label_asym_id 
_atom_site.label_entity_id 
_atom_site.label_seq_id 
_atom_site.pdbx_PDB_ins_code 
_atom_site.Cartn_x 
_atom_site.Cartn_y 
_atom_site.Cartn_z 
_atom_site.occupancy 
_atom_site.B_iso_or_equiv 
_atom_site.pdbx_formal_charge 
_atom_site.auth_seq_id 
_atom_site.auth_comp_id 
_atom_site.auth_asym_id 
_atom_site.auth_atom_id 
_atom_site.pdbx_PDB_model_num 
ATOM   1    N  N   . TYR A 1 12  ? 12.225  0.564   -23.412 1.00 67.50 ? 9   TYR A N   1 
ATOM   2    C  CA  . TYR A 1 12  ? 10.983  0.051   -24.063 1.00 67.48 ? 9   TYR A CA  1 
ATOM   3    C  C   . TYR A 1 12  ? 9.877   -0.176  -23.027 1.00 67.37 ? 9   TYR A C   1 
ATOM   4    O  O   . TYR A 1 12  ? 9.852   -1.201  -22.335 1.00 67.37 ? 9   TYR A O   1 
ATOM   5    C  CB  . TYR A 1 12  ? 11.279  -1.237  -24.830 1.00 67.50 ? 9   TYR A CB  1 
ATOM   6    C  CG  . TYR A 1 12  ? 10.646  -1.278  -26.195 1.00 67.72 ? 9   TYR A CG  1 
ATOM   7    C  CD1 . TYR A 1 12  ? 9.345   -1.748  -26.368 1.00 67.71 ? 9   TYR A CD1 1 
ATOM   8    C  CD2 . TYR A 1 12  ? 11.351  -0.843  -27.319 1.00 68.02 ? 9   TYR A CD2 1 
ATOM   9    C  CE1 . TYR A 1 12  ? 8.762   -1.787  -27.635 1.00 67.84 ? 9   TYR A CE1 1 
ATOM   10   C  CE2 . TYR A 1 12  ? 10.778  -0.877  -28.584 1.00 67.89 ? 9   TYR A CE2 1 
ATOM   11   C  CZ  . TYR A 1 12  ? 9.484   -1.348  -28.735 1.00 67.71 ? 9   TYR A CZ  1 
ATOM   12   O  OH  . TYR A 1 12  ? 8.912   -1.382  -29.987 1.00 67.67 ? 9   TYR A OH  1 
ATOM   13   N  N   . GLU A 1 13  ? 8.955   0.783   -22.954 1.00 67.13 ? 10  GLU A N   1 
ATOM   14   C  CA  . GLU A 1 13  ? 7.979   0.894   -21.860 1.00 66.68 ? 10  GLU A CA  1 
ATOM   15   C  C   . GLU A 1 13  ? 6.801   -0.096  -21.908 1.00 66.15 ? 10  GLU A C   1 
ATOM   16   O  O   . GLU A 1 13  ? 5.834   0.065   -21.164 1.00 66.21 ? 10  GLU A O   1 
ATOM   17   C  CB  . GLU A 1 13  ? 7.436   2.331   -21.810 1.00 66.88 ? 10  GLU A CB  1 
ATOM   18   C  CG  . GLU A 1 13  ? 7.078   2.840   -20.411 1.00 67.53 ? 10  GLU A CG  1 
ATOM   19   C  CD  . GLU A 1 13  ? 8.153   3.733   -19.814 1.00 67.97 ? 10  GLU A CD  1 
ATOM   20   O  OE1 . GLU A 1 13  ? 9.354   3.479   -20.053 1.00 68.11 ? 10  GLU A OE1 1 
ATOM   21   O  OE2 . GLU A 1 13  ? 7.790   4.698   -19.108 1.00 67.94 ? 10  GLU A OE2 1 
ATOM   22   N  N   . ASN A 1 14  ? 6.877   -1.105  -22.774 1.00 65.48 ? 11  ASN A N   1 
ATOM   23   C  CA  . ASN A 1 14  ? 5.790   -2.081  -22.935 1.00 64.60 ? 11  ASN A CA  1 
ATOM   24   C  C   . ASN A 1 14  ? 6.143   -3.405  -22.249 1.00 63.83 ? 11  ASN A C   1 
ATOM   25   O  O   . ASN A 1 14  ? 5.469   -3.839  -21.309 1.00 63.48 ? 11  ASN A O   1 
ATOM   26   C  CB  . ASN A 1 14  ? 5.468   -2.338  -24.425 1.00 64.72 ? 11  ASN A CB  1 
ATOM   27   C  CG  . ASN A 1 14  ? 5.704   -1.114  -25.325 1.00 64.99 ? 11  ASN A CG  1 
ATOM   28   O  OD1 . ASN A 1 14  ? 6.136   -1.260  -26.471 1.00 65.24 ? 11  ASN A OD1 1 
ATOM   29   N  ND2 . ASN A 1 14  ? 5.404   0.081   -24.821 1.00 65.15 ? 11  ASN A ND2 1 
ATOM   30   N  N   . ILE A 1 15  ? 7.213   -4.028  -22.750 1.00 62.81 ? 12  ILE A N   1 
ATOM   31   C  CA  . ILE A 1 15  ? 7.794   -5.262  -22.209 1.00 61.77 ? 12  ILE A CA  1 
ATOM   32   C  C   . ILE A 1 15  ? 8.353   -5.076  -20.786 1.00 60.92 ? 12  ILE A C   1 
ATOM   33   O  O   . ILE A 1 15  ? 8.350   -6.018  -19.988 1.00 60.65 ? 12  ILE A O   1 
ATOM   34   C  CB  . ILE A 1 15  ? 8.879   -5.814  -23.182 1.00 61.87 ? 12  ILE A CB  1 
ATOM   35   C  CG1 . ILE A 1 15  ? 9.820   -6.820  -22.500 1.00 61.80 ? 12  ILE A CG1 1 
ATOM   36   C  CG2 . ILE A 1 15  ? 9.649   -4.668  -23.825 1.00 62.11 ? 12  ILE A CG2 1 
ATOM   37   C  CD1 . ILE A 1 15  ? 9.252   -8.232  -22.366 1.00 62.03 ? 12  ILE A CD1 1 
ATOM   38   N  N   . ARG A 1 16  ? 8.833   -3.863  -20.496 1.00 59.86 ? 13  ARG A N   1 
ATOM   39   C  CA  . ARG A 1 16  ? 9.225   -3.437  -19.147 1.00 58.86 ? 13  ARG A CA  1 
ATOM   40   C  C   . ARG A 1 16  ? 8.203   -3.840  -18.087 1.00 57.89 ? 13  ARG A C   1 
ATOM   41   O  O   . ARG A 1 16  ? 8.540   -4.524  -17.120 1.00 57.62 ? 13  ARG A O   1 
ATOM   42   C  CB  . ARG A 1 16  ? 9.401   -1.914  -19.102 1.00 59.05 ? 13  ARG A CB  1 
ATOM   43   C  CG  . ARG A 1 16  ? 10.833  -1.406  -19.065 1.00 59.40 ? 13  ARG A CG  1 
ATOM   44   C  CD  . ARG A 1 16  ? 11.474  -1.668  -17.710 1.00 60.13 ? 13  ARG A CD  1 
ATOM   45   N  NE  . ARG A 1 16  ? 12.151  -0.492  -17.171 1.00 60.69 ? 13  ARG A NE  1 
ATOM   46   C  CZ  . ARG A 1 16  ? 11.735  0.185   -16.102 1.00 61.34 ? 13  ARG A CZ  1 
ATOM   47   N  NH1 . ARG A 1 16  ? 10.649  -0.197  -15.442 1.00 60.92 ? 13  ARG A NH1 1 
ATOM   48   N  NH2 . ARG A 1 16  ? 12.412  1.245   -15.683 1.00 62.25 ? 13  ARG A NH2 1 
ATOM   49   N  N   . ASP A 1 17  ? 6.956   -3.421  -18.298 1.00 56.74 ? 14  ASP A N   1 
ATOM   50   C  CA  . ASP A 1 17  ? 5.883   -3.594  -17.322 1.00 56.00 ? 14  ASP A CA  1 
ATOM   51   C  C   . ASP A 1 17  ? 5.384   -5.029  -17.228 1.00 54.65 ? 14  ASP A C   1 
ATOM   52   O  O   . ASP A 1 17  ? 4.787   -5.402  -16.224 1.00 54.72 ? 14  ASP A O   1 
ATOM   53   C  CB  . ASP A 1 17  ? 4.703   -2.665  -17.634 1.00 56.54 ? 14  ASP A CB  1 
ATOM   54   C  CG  . ASP A 1 17  ? 5.107   -1.459  -18.466 1.00 58.27 ? 14  ASP A CG  1 
ATOM   55   O  OD1 . ASP A 1 17  ? 6.048   -0.724  -18.066 1.00 59.21 ? 14  ASP A OD1 1 
ATOM   56   O  OD2 . ASP A 1 17  ? 4.478   -1.259  -19.534 1.00 59.85 ? 14  ASP A OD2 1 
ATOM   57   N  N   . THR A 1 18  ? 5.610   -5.823  -18.269 1.00 52.92 ? 15  THR A N   1 
ATOM   58   C  CA  . THR A 1 18  ? 5.266   -7.242  -18.228 1.00 51.28 ? 15  THR A CA  1 
ATOM   59   C  C   . THR A 1 18  ? 6.170   -7.957  -17.222 1.00 49.91 ? 15  THR A C   1 
ATOM   60   O  O   . THR A 1 18  ? 5.696   -8.749  -16.409 1.00 49.59 ? 15  THR A O   1 
ATOM   61   C  CB  . THR A 1 18  ? 5.379   -7.907  -19.615 1.00 51.49 ? 15  THR A CB  1 
ATOM   62   O  OG1 . THR A 1 18  ? 4.801   -7.047  -20.604 1.00 51.66 ? 15  THR A OG1 1 
ATOM   63   C  CG2 . THR A 1 18  ? 4.664   -9.261  -19.632 1.00 51.23 ? 15  THR A CG2 1 
ATOM   64   N  N   . ILE A 1 19  ? 7.469   -7.660  -17.286 1.00 48.22 ? 16  ILE A N   1 
ATOM   65   C  CA  . ILE A 1 19  ? 8.447   -8.176  -16.327 1.00 46.48 ? 16  ILE A CA  1 
ATOM   66   C  C   . ILE A 1 19  ? 8.018   -7.792  -14.912 1.00 45.49 ? 16  ILE A C   1 
ATOM   67   O  O   . ILE A 1 19  ? 7.856   -8.659  -14.057 1.00 45.14 ? 16  ILE A O   1 
ATOM   68   C  CB  . ILE A 1 19  ? 9.881   -7.654  -16.632 1.00 46.18 ? 16  ILE A CB  1 
ATOM   69   C  CG1 . ILE A 1 19  ? 10.303  -8.051  -18.051 1.00 45.96 ? 16  ILE A CG1 1 
ATOM   70   C  CG2 . ILE A 1 19  ? 10.884  -8.184  -15.604 1.00 45.47 ? 16  ILE A CG2 1 
ATOM   71   C  CD1 . ILE A 1 19  ? 11.244  -7.074  -18.701 1.00 44.49 ? 16  ILE A CD1 1 
ATOM   72   N  N   . ILE A 1 20  ? 7.810   -6.495  -14.697 1.00 44.50 ? 17  ILE A N   1 
ATOM   73   C  CA  . ILE A 1 20  ? 7.340   -5.958  -13.424 1.00 43.84 ? 17  ILE A CA  1 
ATOM   74   C  C   . ILE A 1 20  ? 6.040   -6.629  -12.973 1.00 43.65 ? 17  ILE A C   1 
ATOM   75   O  O   . ILE A 1 20  ? 5.927   -7.041  -11.820 1.00 42.85 ? 17  ILE A O   1 
ATOM   76   C  CB  . ILE A 1 20  ? 7.160   -4.408  -13.489 1.00 43.72 ? 17  ILE A CB  1 
ATOM   77   C  CG1 . ILE A 1 20  ? 8.514   -3.706  -13.645 1.00 43.53 ? 17  ILE A CG1 1 
ATOM   78   C  CG2 . ILE A 1 20  ? 6.433   -3.882  -12.251 1.00 43.87 ? 17  ILE A CG2 1 
ATOM   79   C  CD1 . ILE A 1 20  ? 9.353   -3.681  -12.368 1.00 44.80 ? 17  ILE A CD1 1 
ATOM   80   N  N   . GLU A 1 21  ? 5.079   -6.739  -13.896 1.00 43.40 ? 18  GLU A N   1 
ATOM   81   C  CA  . GLU A 1 21  ? 3.769   -7.347  -13.640 1.00 43.33 ? 18  GLU A CA  1 
ATOM   82   C  C   . GLU A 1 21  ? 3.912   -8.812  -13.228 1.00 42.07 ? 18  GLU A C   1 
ATOM   83   O  O   . GLU A 1 21  ? 3.308   -9.255  -12.246 1.00 41.72 ? 18  GLU A O   1 
ATOM   84   C  CB  . GLU A 1 21  ? 2.889   -7.248  -14.899 1.00 43.52 ? 18  GLU A CB  1 
ATOM   85   C  CG  . GLU A 1 21  ? 1.375   -7.472  -14.682 1.00 44.98 ? 18  GLU A CG  1 
ATOM   86   C  CD  . GLU A 1 21  ? 0.535   -7.224  -15.958 1.00 45.70 ? 18  GLU A CD  1 
ATOM   87   O  OE1 . GLU A 1 21  ? -0.680  -6.928  -15.817 1.00 49.09 ? 18  GLU A OE1 1 
ATOM   88   O  OE2 . GLU A 1 21  ? 1.081   -7.321  -17.091 1.00 46.38 ? 18  GLU A OE2 1 
ATOM   89   N  N   . ARG A 1 22  ? 4.727   -9.550  -13.980 1.00 40.87 ? 19  ARG A N   1 
ATOM   90   C  CA  . ARG A 1 22  ? 4.884   -10.987 -13.774 1.00 39.71 ? 19  ARG A CA  1 
ATOM   91   C  C   . ARG A 1 22  ? 5.719   -11.298 -12.519 1.00 38.48 ? 19  ARG A C   1 
ATOM   92   O  O   . ARG A 1 22  ? 5.407   -12.240 -11.780 1.00 38.24 ? 19  ARG A O   1 
ATOM   93   C  CB  . ARG A 1 22  ? 5.453   -11.658 -15.039 1.00 40.28 ? 19  ARG A CB  1 
ATOM   94   C  CG  . ARG A 1 22  ? 4.646   -12.865 -15.505 1.00 41.62 ? 19  ARG A CG  1 
ATOM   95   C  CD  . ARG A 1 22  ? 3.580   -12.501 -16.546 1.00 44.98 ? 19  ARG A CD  1 
ATOM   96   N  NE  . ARG A 1 22  ? 3.992   -12.883 -17.903 1.00 47.56 ? 19  ARG A NE  1 
ATOM   97   C  CZ  . ARG A 1 22  ? 3.266   -12.703 -19.010 1.00 47.76 ? 19  ARG A CZ  1 
ATOM   98   N  NH1 . ARG A 1 22  ? 2.064   -12.135 -18.950 1.00 48.33 ? 19  ARG A NH1 1 
ATOM   99   N  NH2 . ARG A 1 22  ? 3.748   -13.089 -20.181 1.00 46.20 ? 19  ARG A NH2 1 
ATOM   100  N  N   . ALA A 1 23  ? 6.757   -10.491 -12.279 1.00 36.91 ? 20  ALA A N   1 
ATOM   101  C  CA  . ALA A 1 23  ? 7.575   -10.571 -11.061 1.00 35.67 ? 20  ALA A CA  1 
ATOM   102  C  C   . ALA A 1 23  ? 6.773   -10.275 -9.795  1.00 35.10 ? 20  ALA A C   1 
ATOM   103  O  O   . ALA A 1 23  ? 6.904   -10.984 -8.788  1.00 34.31 ? 20  ALA A O   1 
ATOM   104  C  CB  . ALA A 1 23  ? 8.741   -9.613  -11.146 1.00 35.96 ? 20  ALA A CB  1 
ATOM   105  N  N   . ALA A 1 24  ? 5.968   -9.218  -9.846  1.00 33.98 ? 21  ALA A N   1 
ATOM   106  C  CA  . ALA A 1 24  ? 5.100   -8.853  -8.722  1.00 33.98 ? 21  ALA A CA  1 
ATOM   107  C  C   . ALA A 1 24  ? 4.241   -10.044 -8.313  1.00 34.05 ? 21  ALA A C   1 
ATOM   108  O  O   . ALA A 1 24  ? 4.159   -10.375 -7.133  1.00 34.30 ? 21  ALA A O   1 
ATOM   109  C  CB  . ALA A 1 24  ? 4.239   -7.659  -9.083  1.00 33.27 ? 21  ALA A CB  1 
ATOM   110  N  N   . ALA A 1 25  ? 3.630   -10.709 -9.291  1.00 34.66 ? 22  ALA A N   1 
ATOM   111  C  CA  . ALA A 1 25  ? 2.804   -11.879 -8.995  1.00 35.94 ? 22  ALA A CA  1 
ATOM   112  C  C   . ALA A 1 25  ? 3.580   -12.999 -8.276  1.00 36.56 ? 22  ALA A C   1 
ATOM   113  O  O   . ALA A 1 25  ? 3.103   -13.560 -7.292  1.00 37.08 ? 22  ALA A O   1 
ATOM   114  C  CB  . ALA A 1 25  ? 2.120   -12.396 -10.254 1.00 35.70 ? 22  ALA A CB  1 
HETATM 115  N  N   . MSE A 1 26  ? 4.788   -13.303 -8.736  1.00 37.24 ? 23  MSE A N   1 
HETATM 116  C  CA  . MSE A 1 26  ? 5.576   -14.352 -8.089  1.00 38.13 ? 23  MSE A CA  1 
HETATM 117  C  C   . MSE A 1 26  ? 6.100   -13.982 -6.702  1.00 38.95 ? 23  MSE A C   1 
HETATM 118  O  O   . MSE A 1 26  ? 6.013   -14.792 -5.774  1.00 39.13 ? 23  MSE A O   1 
HETATM 119  C  CB  . MSE A 1 26  ? 6.700   -14.813 -8.997  1.00 38.04 ? 23  MSE A CB  1 
HETATM 120  C  CG  . MSE A 1 26  ? 6.216   -15.823 -10.021 1.00 38.12 ? 23  MSE A CG  1 
HETATM 121  SE SE  . MSE A 1 26  ? 7.594   -16.438 -11.211 0.50 38.46 ? 23  MSE A SE  1 
HETATM 122  C  CE  . MSE A 1 26  ? 7.763   -14.826 -12.297 1.00 38.20 ? 23  MSE A CE  1 
ATOM   123  N  N   . PHE A 1 27  ? 6.625   -12.762 -6.561  1.00 39.65 ? 24  PHE A N   1 
ATOM   124  C  CA  . PHE A 1 27  ? 7.104   -12.264 -5.268  1.00 40.72 ? 24  PHE A CA  1 
ATOM   125  C  C   . PHE A 1 27  ? 6.000   -12.298 -4.207  1.00 42.08 ? 24  PHE A C   1 
ATOM   126  O  O   . PHE A 1 27  ? 6.285   -12.418 -3.006  1.00 42.30 ? 24  PHE A O   1 
ATOM   127  C  CB  . PHE A 1 27  ? 7.621   -10.821 -5.379  1.00 40.37 ? 24  PHE A CB  1 
ATOM   128  C  CG  . PHE A 1 27  ? 8.871   -10.648 -6.223  1.00 39.53 ? 24  PHE A CG  1 
ATOM   129  C  CD1 . PHE A 1 27  ? 9.665   -11.728 -6.589  1.00 38.93 ? 24  PHE A CD1 1 
ATOM   130  C  CD2 . PHE A 1 27  ? 9.269   -9.370  -6.601  1.00 39.45 ? 24  PHE A CD2 1 
ATOM   131  C  CE1 . PHE A 1 27  ? 10.815  -11.540 -7.354  1.00 39.13 ? 24  PHE A CE1 1 
ATOM   132  C  CE2 . PHE A 1 27  ? 10.414  -9.170  -7.360  1.00 37.47 ? 24  PHE A CE2 1 
ATOM   133  C  CZ  . PHE A 1 27  ? 11.191  -10.262 -7.738  1.00 39.45 ? 24  PHE A CZ  1 
ATOM   134  N  N   . ALA A 1 28  ? 4.750   -12.145 -4.656  1.00 43.41 ? 25  ALA A N   1 
ATOM   135  C  CA  . ALA A 1 28  ? 3.577   -12.111 -3.770  1.00 44.90 ? 25  ALA A CA  1 
ATOM   136  C  C   . ALA A 1 28  ? 2.993   -13.494 -3.425  1.00 46.22 ? 25  ALA A C   1 
ATOM   137  O  O   . ALA A 1 28  ? 2.377   -13.635 -2.369  1.00 47.19 ? 25  ALA A O   1 
ATOM   138  C  CB  . ALA A 1 28  ? 2.485   -11.176 -4.327  1.00 44.11 ? 25  ALA A CB  1 
ATOM   139  N  N   . ARG A 1 29  ? 3.172   -14.502 -4.291  1.00 47.51 ? 26  ARG A N   1 
ATOM   140  C  CA  . ARG A 1 29  ? 2.824   -15.891 -3.922  1.00 48.78 ? 26  ARG A CA  1 
ATOM   141  C  C   . ARG A 1 29  ? 3.949   -16.522 -3.089  1.00 48.88 ? 26  ARG A C   1 
ATOM   142  O  O   . ARG A 1 29  ? 3.831   -16.605 -1.865  1.00 49.12 ? 26  ARG A O   1 
ATOM   143  C  CB  . ARG A 1 29  ? 2.515   -16.797 -5.129  1.00 49.45 ? 26  ARG A CB  1 
ATOM   144  C  CG  . ARG A 1 29  ? 1.710   -16.199 -6.273  1.00 51.89 ? 26  ARG A CG  1 
ATOM   145  C  CD  . ARG A 1 29  ? 0.291   -15.806 -5.872  1.00 56.03 ? 26  ARG A CD  1 
ATOM   146  N  NE  . ARG A 1 29  ? -0.365  -15.056 -6.947  1.00 58.89 ? 26  ARG A NE  1 
ATOM   147  C  CZ  . ARG A 1 29  ? -0.246  -13.740 -7.131  1.00 59.90 ? 26  ARG A CZ  1 
ATOM   148  N  NH1 . ARG A 1 29  ? 0.496   -13.010 -6.305  1.00 60.20 ? 26  ARG A NH1 1 
ATOM   149  N  NH2 . ARG A 1 29  ? -0.879  -13.149 -8.142  1.00 60.69 ? 26  ARG A NH2 1 
ATOM   150  N  N   . GLN A 1 30  ? 5.036   -16.945 -3.751  1.00 48.81 ? 27  GLN A N   1 
ATOM   151  C  CA  . GLN A 1 30  ? 6.151   -17.648 -3.086  1.00 48.72 ? 27  GLN A CA  1 
ATOM   152  C  C   . GLN A 1 30  ? 7.172   -16.754 -2.384  1.00 48.75 ? 27  GLN A C   1 
ATOM   153  O  O   . GLN A 1 30  ? 7.911   -17.229 -1.513  1.00 48.82 ? 27  GLN A O   1 
ATOM   154  C  CB  . GLN A 1 30  ? 6.885   -18.606 -4.037  1.00 48.82 ? 27  GLN A CB  1 
ATOM   155  C  CG  . GLN A 1 30  ? 7.411   -17.989 -5.320  1.00 49.23 ? 27  GLN A CG  1 
ATOM   156  C  CD  . GLN A 1 30  ? 6.542   -18.326 -6.523  1.00 51.05 ? 27  GLN A CD  1 
ATOM   157  O  OE1 . GLN A 1 30  ? 5.312   -18.182 -6.485  1.00 52.22 ? 27  GLN A OE1 1 
ATOM   158  N  NE2 . GLN A 1 30  ? 7.177   -18.782 -7.599  1.00 50.46 ? 27  GLN A NE2 1 
ATOM   159  N  N   . GLY A 1 31  ? 7.222   -15.477 -2.764  1.00 48.56 ? 28  GLY A N   1 
ATOM   160  C  CA  . GLY A 1 31  ? 8.145   -14.526 -2.144  1.00 48.13 ? 28  GLY A CA  1 
ATOM   161  C  C   . GLY A 1 31  ? 9.374   -14.213 -2.976  1.00 47.97 ? 28  GLY A C   1 
ATOM   162  O  O   . GLY A 1 31  ? 9.596   -14.799 -4.044  1.00 47.65 ? 28  GLY A O   1 
ATOM   163  N  N   . TYR A 1 32  ? 10.187  -13.298 -2.460  1.00 48.01 ? 29  TYR A N   1 
ATOM   164  C  CA  . TYR A 1 32  ? 11.353  -12.798 -3.181  1.00 48.20 ? 29  TYR A CA  1 
ATOM   165  C  C   . TYR A 1 32  ? 12.494  -13.815 -3.311  1.00 48.24 ? 29  TYR A C   1 
ATOM   166  O  O   . TYR A 1 32  ? 12.917  -14.123 -4.426  1.00 48.19 ? 29  TYR A O   1 
ATOM   167  C  CB  . TYR A 1 32  ? 11.846  -11.484 -2.556  1.00 48.39 ? 29  TYR A CB  1 
ATOM   168  C  CG  . TYR A 1 32  ? 13.019  -10.858 -3.280  1.00 48.73 ? 29  TYR A CG  1 
ATOM   169  C  CD1 . TYR A 1 32  ? 12.821  -9.982  -4.351  1.00 48.58 ? 29  TYR A CD1 1 
ATOM   170  C  CD2 . TYR A 1 32  ? 14.330  -11.148 -2.898  1.00 48.98 ? 29  TYR A CD2 1 
ATOM   171  C  CE1 . TYR A 1 32  ? 13.898  -9.406  -5.016  1.00 48.49 ? 29  TYR A CE1 1 
ATOM   172  C  CE2 . TYR A 1 32  ? 15.411  -10.581 -3.559  1.00 48.84 ? 29  TYR A CE2 1 
ATOM   173  C  CZ  . TYR A 1 32  ? 15.191  -9.712  -4.615  1.00 48.55 ? 29  TYR A CZ  1 
ATOM   174  O  OH  . TYR A 1 32  ? 16.268  -9.156  -5.265  1.00 48.60 ? 29  TYR A OH  1 
ATOM   175  N  N   . SER A 1 33  ? 12.990  -14.333 -2.187  1.00 48.23 ? 30  SER A N   1 
ATOM   176  C  CA  . SER A 1 33  ? 14.107  -15.294 -2.212  1.00 48.37 ? 30  SER A CA  1 
ATOM   177  C  C   . SER A 1 33  ? 13.733  -16.585 -2.931  1.00 47.88 ? 30  SER A C   1 
ATOM   178  O  O   . SER A 1 33  ? 14.592  -17.244 -3.513  1.00 47.94 ? 30  SER A O   1 
ATOM   179  C  CB  . SER A 1 33  ? 14.605  -15.608 -0.800  1.00 48.49 ? 30  SER A CB  1 
ATOM   180  O  OG  . SER A 1 33  ? 13.575  -16.196 -0.024  1.00 49.43 ? 30  SER A OG  1 
ATOM   181  N  N   . GLU A 1 34  ? 12.446  -16.927 -2.891  1.00 47.43 ? 31  GLU A N   1 
ATOM   182  C  CA  . GLU A 1 34  ? 11.919  -18.111 -3.565  1.00 47.11 ? 31  GLU A CA  1 
ATOM   183  C  C   . GLU A 1 34  ? 11.896  -17.966 -5.093  1.00 46.35 ? 31  GLU A C   1 
ATOM   184  O  O   . GLU A 1 34  ? 12.085  -18.946 -5.816  1.00 46.28 ? 31  GLU A O   1 
ATOM   185  C  CB  . GLU A 1 34  ? 10.520  -18.442 -3.032  1.00 47.68 ? 31  GLU A CB  1 
ATOM   186  C  CG  . GLU A 1 34  ? 10.511  -19.108 -1.653  1.00 49.29 ? 31  GLU A CG  1 
ATOM   187  C  CD  . GLU A 1 34  ? 10.717  -20.627 -1.721  1.00 51.27 ? 31  GLU A CD  1 
ATOM   188  O  OE1 . GLU A 1 34  ? 11.880  -21.093 -1.602  1.00 51.40 ? 31  GLU A OE1 1 
ATOM   189  O  OE2 . GLU A 1 34  ? 9.710   -21.354 -1.898  1.00 51.97 ? 31  GLU A OE2 1 
ATOM   190  N  N   . THR A 1 35  ? 11.680  -16.738 -5.565  1.00 45.47 ? 32  THR A N   1 
ATOM   191  C  CA  . THR A 1 35  ? 11.581  -16.417 -6.995  1.00 44.59 ? 32  THR A CA  1 
ATOM   192  C  C   . THR A 1 35  ? 12.952  -16.037 -7.568  1.00 44.39 ? 32  THR A C   1 
ATOM   193  O  O   . THR A 1 35  ? 13.594  -15.108 -7.086  1.00 44.30 ? 32  THR A O   1 
ATOM   194  C  CB  . THR A 1 35  ? 10.594  -15.230 -7.226  1.00 44.29 ? 32  THR A CB  1 
ATOM   195  O  OG1 . THR A 1 35  ? 9.346   -15.502 -6.581  1.00 43.62 ? 32  THR A OG1 1 
ATOM   196  C  CG2 . THR A 1 35  ? 10.362  -14.970 -8.714  1.00 43.60 ? 32  THR A CG2 1 
ATOM   197  N  N   . SER A 1 36  ? 13.397  -16.752 -8.598  1.00 44.11 ? 33  SER A N   1 
ATOM   198  C  CA  . SER A 1 36  ? 14.672  -16.437 -9.240  1.00 43.71 ? 33  SER A CA  1 
ATOM   199  C  C   . SER A 1 36  ? 14.473  -15.624 -10.522 1.00 43.81 ? 33  SER A C   1 
ATOM   200  O  O   . SER A 1 36  ? 13.357  -15.495 -11.022 1.00 43.87 ? 33  SER A O   1 
ATOM   201  C  CB  . SER A 1 36  ? 15.464  -17.720 -9.530  1.00 43.70 ? 33  SER A CB  1 
ATOM   202  O  OG  . SER A 1 36  ? 14.822  -18.507 -10.519 1.00 42.23 ? 33  SER A OG  1 
ATOM   203  N  N   . ILE A 1 37  ? 15.570  -15.076 -11.038 1.00 43.83 ? 34  ILE A N   1 
ATOM   204  C  CA  . ILE A 1 37  ? 15.591  -14.365 -12.319 1.00 43.83 ? 34  ILE A CA  1 
ATOM   205  C  C   . ILE A 1 37  ? 15.204  -15.298 -13.472 1.00 43.75 ? 34  ILE A C   1 
ATOM   206  O  O   . ILE A 1 37  ? 14.565  -14.871 -14.435 1.00 43.65 ? 34  ILE A O   1 
ATOM   207  C  CB  . ILE A 1 37  ? 16.996  -13.740 -12.572 1.00 43.93 ? 34  ILE A CB  1 
ATOM   208  C  CG1 . ILE A 1 37  ? 17.434  -12.912 -11.299 1.00 44.22 ? 34  ILE A CG1 1 
ATOM   209  C  CG2 . ILE A 1 37  ? 16.997  -12.833 -13.883 1.00 43.48 ? 34  ILE A CG2 1 
ATOM   210  C  CD1 . ILE A 1 37  ? 18.987  -13.243 -10.963 1.00 44.31 ? 34  ILE A CD1 1 
ATOM   211  N  N   . GLY A 1 38  ? 15.597  -16.568 -13.364 1.00 43.80 ? 35  GLY A N   1 
ATOM   212  C  CA  . GLY A 1 38  ? 15.214  -17.594 -14.332 1.00 43.71 ? 35  GLY A CA  1 
ATOM   213  C  C   . GLY A 1 38  ? 13.711  -17.813 -14.357 1.00 43.82 ? 35  GLY A C   1 
ATOM   214  O  O   . GLY A 1 38  ? 13.113  -17.899 -15.435 1.00 44.08 ? 35  GLY A O   1 
ATOM   215  N  N   . ASP A 1 39  ? 13.112  -17.908 -13.170 1.00 43.55 ? 36  ASP A N   1 
ATOM   216  C  CA  . ASP A 1 39  ? 11.652  -18.003 -13.004 1.00 43.50 ? 36  ASP A CA  1 
ATOM   217  C  C   . ASP A 1 39  ? 10.910  -16.876 -13.739 1.00 43.36 ? 36  ASP A C   1 
ATOM   218  O  O   . ASP A 1 39  ? 9.917   -17.122 -14.429 1.00 43.27 ? 36  ASP A O   1 
ATOM   219  C  CB  . ASP A 1 39  ? 11.280  -17.961 -11.515 1.00 43.64 ? 36  ASP A CB  1 
ATOM   220  C  CG  . ASP A 1 39  ? 11.702  -19.210 -10.758 1.00 43.83 ? 36  ASP A CG  1 
ATOM   221  O  OD1 . ASP A 1 39  ? 11.799  -20.289 -11.377 1.00 46.07 ? 36  ASP A OD1 1 
ATOM   222  O  OD2 . ASP A 1 39  ? 11.919  -19.114 -9.529  1.00 44.51 ? 36  ASP A OD2 1 
ATOM   223  N  N   . ILE A 1 40  ? 11.403  -15.642 -13.579 1.00 43.24 ? 37  ILE A N   1 
ATOM   224  C  CA  . ILE A 1 40  ? 10.852  -14.468 -14.269 1.00 43.21 ? 37  ILE A CA  1 
ATOM   225  C  C   . ILE A 1 40  ? 11.043  -14.566 -15.793 1.00 43.66 ? 37  ILE A C   1 
ATOM   226  O  O   . ILE A 1 40  ? 10.023  -14.274 -16.521 1.00 43.82 ? 37  ILE A O   1 
ATOM   227  C  CB  . ILE A 1 40  ? 11.462  -13.159 -13.701 1.00 43.01 ? 37  ILE A CB  1 
ATOM   228  C  CG1 . ILE A 1 40  ? 11.158  -13.027 -12.177 1.00 42.84 ? 37  ILE A CG1 1 
ATOM   229  C  CG2 . ILE A 1 40  ? 10.926  -11.895 -14.487 1.00 42.42 ? 37  ILE A CG2 1 
ATOM   230  C  CD1 . ILE A 1 40  ? 12.257  -12.154 -11.454 1.00 42.75 ? 37  ILE A CD1 1 
ATOM   231  N  N   . ALA A 1 41  ? 12.273  -14.941 -16.215 1.00 44.34 ? 38  ALA A N   1 
ATOM   232  C  CA  . ALA A 1 41  ? 12.572  -15.021 -17.630 1.00 44.74 ? 38  ALA A CA  1 
ATOM   233  C  C   . ALA A 1 41  ? 11.525  -15.849 -18.366 1.00 45.14 ? 38  ALA A C   1 
ATOM   234  O  O   . ALA A 1 41  ? 10.974  -15.403 -19.398 1.00 44.95 ? 38  ALA A O   1 
ATOM   235  C  CB  . ALA A 1 41  ? 14.008  -15.565 -17.834 1.00 44.70 ? 38  ALA A CB  1 
ATOM   236  N  N   . ARG A 1 42  ? 11.209  -17.031 -17.773 1.00 45.80 ? 39  ARG A N   1 
ATOM   237  C  CA  . ARG A 1 42  ? 10.277  -17.979 -18.375 1.00 46.74 ? 39  ARG A CA  1 
ATOM   238  C  C   . ARG A 1 42  ? 8.797   -17.715 -18.047 1.00 47.18 ? 39  ARG A C   1 
ATOM   239  O  O   . ARG A 1 42  ? 7.916   -18.327 -18.654 1.00 47.08 ? 39  ARG A O   1 
ATOM   240  C  CB  . ARG A 1 42  ? 10.672  -19.412 -18.018 1.00 46.66 ? 39  ARG A CB  1 
ATOM   241  C  CG  . ARG A 1 42  ? 11.987  -19.894 -18.673 1.00 47.54 ? 39  ARG A CG  1 
ATOM   242  C  CD  . ARG A 1 42  ? 12.562  -21.108 -17.944 1.00 47.29 ? 39  ARG A CD  1 
ATOM   243  N  NE  . ARG A 1 42  ? 12.594  -20.912 -16.488 1.00 49.72 ? 39  ARG A NE  1 
ATOM   244  C  CZ  . ARG A 1 42  ? 11.652  -21.331 -15.637 1.00 49.57 ? 39  ARG A CZ  1 
ATOM   245  N  NH1 . ARG A 1 42  ? 10.587  -21.995 -16.077 1.00 49.65 ? 39  ARG A NH1 1 
ATOM   246  N  NH2 . ARG A 1 42  ? 11.779  -21.092 -14.336 1.00 49.68 ? 39  ARG A NH2 1 
ATOM   247  N  N   . ALA A 1 43  ? 8.518   -16.808 -17.107 1.00 47.83 ? 40  ALA A N   1 
ATOM   248  C  CA  . ALA A 1 43  ? 7.136   -16.388 -16.867 1.00 48.56 ? 40  ALA A CA  1 
ATOM   249  C  C   . ALA A 1 43  ? 6.679   -15.407 -17.947 1.00 49.21 ? 40  ALA A C   1 
ATOM   250  O  O   . ALA A 1 43  ? 5.493   -15.355 -18.289 1.00 49.42 ? 40  ALA A O   1 
ATOM   251  C  CB  . ALA A 1 43  ? 6.969   -15.780 -15.481 1.00 48.41 ? 40  ALA A CB  1 
ATOM   252  N  N   . CYS A 1 44  ? 7.626   -14.635 -18.480 1.00 49.85 ? 41  CYS A N   1 
ATOM   253  C  CA  . CYS A 1 44  ? 7.363   -13.750 -19.609 1.00 50.82 ? 41  CYS A CA  1 
ATOM   254  C  C   . CYS A 1 44  ? 7.597   -14.523 -20.898 1.00 51.55 ? 41  CYS A C   1 
ATOM   255  O  O   . CYS A 1 44  ? 7.760   -13.933 -21.974 1.00 51.28 ? 41  CYS A O   1 
ATOM   256  C  CB  . CYS A 1 44  ? 8.273   -12.526 -19.547 1.00 50.68 ? 41  CYS A CB  1 
ATOM   257  S  SG  . CYS A 1 44  ? 8.128   -11.607 -17.995 1.00 52.41 ? 41  CYS A SG  1 
ATOM   258  N  N   . GLU A 1 45  ? 7.599   -15.852 -20.765 1.00 52.47 ? 42  GLU A N   1 
ATOM   259  C  CA  . GLU A 1 45  ? 7.939   -16.780 -21.839 1.00 53.66 ? 42  GLU A CA  1 
ATOM   260  C  C   . GLU A 1 45  ? 9.111   -16.203 -22.622 1.00 54.07 ? 42  GLU A C   1 
ATOM   261  O  O   . GLU A 1 45  ? 8.981   -15.874 -23.802 1.00 54.24 ? 42  GLU A O   1 
ATOM   262  C  CB  . GLU A 1 45  ? 6.716   -17.053 -22.733 1.00 53.72 ? 42  GLU A CB  1 
ATOM   263  C  CG  . GLU A 1 45  ? 5.584   -17.805 -22.016 1.00 54.46 ? 42  GLU A CG  1 
ATOM   264  C  CD  . GLU A 1 45  ? 4.200   -17.496 -22.574 1.00 55.12 ? 42  GLU A CD  1 
ATOM   265  O  OE1 . GLU A 1 45  ? 3.351   -16.979 -21.810 1.00 55.42 ? 42  GLU A OE1 1 
ATOM   266  O  OE2 . GLU A 1 45  ? 3.963   -17.766 -23.772 1.00 54.97 ? 42  GLU A OE2 1 
ATOM   267  N  N   . CYS A 1 46  ? 10.246  -16.052 -21.932 1.00 54.85 ? 43  CYS A N   1 
ATOM   268  C  CA  . CYS A 1 46  ? 11.430  -15.390 -22.501 1.00 55.08 ? 43  CYS A CA  1 
ATOM   269  C  C   . CYS A 1 46  ? 12.783  -15.992 -22.039 1.00 55.03 ? 43  CYS A C   1 
ATOM   270  O  O   . CYS A 1 46  ? 12.847  -16.845 -21.089 1.00 55.19 ? 43  CYS A O   1 
ATOM   271  C  CB  . CYS A 1 46  ? 11.381  -13.882 -22.187 1.00 55.28 ? 43  CYS A CB  1 
ATOM   272  S  SG  . CYS A 1 46  ? 12.299  -12.886 -23.380 1.00 55.70 ? 43  CYS A SG  1 
ATOM   273  N  N   . SER A 1 47  ? 13.861  -15.534 -22.722 1.00 54.78 ? 44  SER A N   1 
ATOM   274  C  CA  . SER A 1 47  ? 15.212  -15.939 -22.341 1.00 54.69 ? 44  SER A CA  1 
ATOM   275  C  C   . SER A 1 47  ? 15.729  -15.066 -21.199 1.00 54.56 ? 44  SER A C   1 
ATOM   276  O  O   . SER A 1 47  ? 15.326  -13.906 -21.071 1.00 54.74 ? 44  SER A O   1 
ATOM   277  C  CB  . SER A 1 47  ? 16.158  -15.868 -23.544 1.00 54.58 ? 44  SER A CB  1 
ATOM   278  O  OG  . SER A 1 47  ? 16.209  -14.555 -24.076 1.00 54.37 ? 44  SER A OG  1 
ATOM   279  N  N   . LYS A 1 48  ? 16.620  -15.626 -20.378 1.00 54.37 ? 45  LYS A N   1 
ATOM   280  C  CA  . LYS A 1 48  ? 17.201  -14.913 -19.230 1.00 54.24 ? 45  LYS A CA  1 
ATOM   281  C  C   . LYS A 1 48  ? 17.987  -13.655 -19.641 1.00 53.99 ? 45  LYS A C   1 
ATOM   282  O  O   . LYS A 1 48  ? 18.117  -12.718 -18.848 1.00 54.29 ? 45  LYS A O   1 
ATOM   283  C  CB  . LYS A 1 48  ? 18.085  -15.848 -18.392 1.00 54.22 ? 45  LYS A CB  1 
ATOM   284  C  CG  . LYS A 1 48  ? 18.196  -15.445 -16.896 1.00 54.65 ? 45  LYS A CG  1 
ATOM   285  C  CD  . LYS A 1 48  ? 19.461  -16.058 -16.246 1.00 54.34 ? 45  LYS A CD  1 
ATOM   286  C  CE  . LYS A 1 48  ? 19.116  -17.356 -15.466 1.00 54.72 ? 45  LYS A CE  1 
ATOM   287  N  NZ  . LYS A 1 48  ? 18.862  -18.599 -16.383 1.00 54.79 ? 45  LYS A NZ  1 
ATOM   288  N  N   . SER A 1 49  ? 18.489  -13.640 -20.880 1.00 53.71 ? 46  SER A N   1 
ATOM   289  C  CA  . SER A 1 49  ? 19.244  -12.500 -21.427 1.00 53.26 ? 46  SER A CA  1 
ATOM   290  C  C   . SER A 1 49  ? 18.403  -11.204 -21.453 1.00 52.78 ? 46  SER A C   1 
ATOM   291  O  O   . SER A 1 49  ? 18.905  -10.158 -20.958 1.00 52.84 ? 46  SER A O   1 
ATOM   292  C  CB  . SER A 1 49  ? 19.752  -12.823 -22.844 1.00 53.20 ? 46  SER A CB  1 
ATOM   293  O  OG  . SER A 1 49  ? 20.194  -14.174 -22.945 1.00 53.52 ? 46  SER A OG  1 
ATOM   294  N  N   . ARG A 1 50  ? 17.192  -11.362 -22.083 1.00 52.11 ? 47  ARG A N   1 
ATOM   295  C  CA  . ARG A 1 50  ? 16.367  -10.201 -22.410 1.00 51.65 ? 47  ARG A CA  1 
ATOM   296  C  C   . ARG A 1 50  ? 15.851  -9.405  -21.200 1.00 51.19 ? 47  ARG A C   1 
ATOM   297  O  O   . ARG A 1 50  ? 15.388  -8.272  -21.350 1.00 51.24 ? 47  ARG A O   1 
ATOM   298  C  CB  . ARG A 1 50  ? 15.214  -10.617 -23.328 1.00 51.71 ? 47  ARG A CB  1 
ATOM   299  C  CG  . ARG A 1 50  ? 15.678  -11.211 -24.660 1.00 52.61 ? 47  ARG A CG  1 
ATOM   300  C  CD  . ARG A 1 50  ? 14.585  -11.190 -25.726 1.00 53.99 ? 47  ARG A CD  1 
ATOM   301  N  NE  . ARG A 1 50  ? 14.211  -9.824  -26.112 1.00 54.43 ? 47  ARG A NE  1 
ATOM   302  C  CZ  . ARG A 1 50  ? 13.125  -9.183  -25.672 1.00 53.92 ? 47  ARG A CZ  1 
ATOM   303  N  NH1 . ARG A 1 50  ? 12.875  -7.942  -26.078 1.00 53.71 ? 47  ARG A NH1 1 
ATOM   304  N  NH2 . ARG A 1 50  ? 12.287  -9.779  -24.829 1.00 53.65 ? 47  ARG A NH2 1 
ATOM   305  N  N   . LEU A 1 51  ? 15.935  -9.991  -20.005 1.00 50.47 ? 48  LEU A N   1 
ATOM   306  C  CA  . LEU A 1 51  ? 15.576  -9.274  -18.772 1.00 49.87 ? 48  LEU A CA  1 
ATOM   307  C  C   . LEU A 1 51  ? 16.552  -8.154  -18.446 1.00 49.44 ? 48  LEU A C   1 
ATOM   308  O  O   . LEU A 1 51  ? 16.148  -7.087  -17.973 1.00 49.01 ? 48  LEU A O   1 
ATOM   309  C  CB  . LEU A 1 51  ? 15.504  -10.228 -17.581 1.00 49.90 ? 48  LEU A CB  1 
ATOM   310  C  CG  . LEU A 1 51  ? 14.125  -10.678 -17.113 1.00 49.90 ? 48  LEU A CG  1 
ATOM   311  C  CD1 . LEU A 1 51  ? 13.499  -11.629 -18.123 1.00 50.43 ? 48  LEU A CD1 1 
ATOM   312  C  CD2 . LEU A 1 51  ? 14.268  -11.342 -15.762 1.00 50.04 ? 48  LEU A CD2 1 
ATOM   313  N  N   . TYR A 1 52  ? 17.827  -8.393  -18.730 1.00 48.95 ? 49  TYR A N   1 
ATOM   314  C  CA  . TYR A 1 52  ? 18.878  -7.462  -18.365 1.00 48.56 ? 49  TYR A CA  1 
ATOM   315  C  C   . TYR A 1 52  ? 18.970  -6.295  -19.299 1.00 48.81 ? 49  TYR A C   1 
ATOM   316  O  O   . TYR A 1 52  ? 19.700  -5.369  -19.045 1.00 48.93 ? 49  TYR A O   1 
ATOM   317  C  CB  . TYR A 1 52  ? 20.216  -8.156  -18.240 1.00 48.24 ? 49  TYR A CB  1 
ATOM   318  C  CG  . TYR A 1 52  ? 20.255  -9.196  -17.171 1.00 47.34 ? 49  TYR A CG  1 
ATOM   319  C  CD1 . TYR A 1 52  ? 19.841  -10.455 -17.413 1.00 46.68 ? 49  TYR A CD1 1 
ATOM   320  C  CD2 . TYR A 1 52  ? 20.713  -8.907  -15.916 1.00 47.32 ? 49  TYR A CD2 1 
ATOM   321  C  CE1 . TYR A 1 52  ? 19.874  -11.392 -16.442 1.00 45.96 ? 49  TYR A CE1 1 
ATOM   322  C  CE2 . TYR A 1 52  ? 20.742  -9.839  -14.950 1.00 46.97 ? 49  TYR A CE2 1 
ATOM   323  C  CZ  . TYR A 1 52  ? 20.324  -11.077 -15.218 1.00 46.64 ? 49  TYR A CZ  1 
ATOM   324  O  OH  . TYR A 1 52  ? 20.352  -12.012 -14.251 1.00 47.07 ? 49  TYR A OH  1 
ATOM   325  N  N   . HIS A 1 53  ? 18.204  -6.350  -20.371 1.00 49.01 ? 50  HIS A N   1 
ATOM   326  C  CA  . HIS A 1 53  ? 18.005  -5.238  -21.306 1.00 49.20 ? 50  HIS A CA  1 
ATOM   327  C  C   . HIS A 1 53  ? 17.228  -4.108  -20.620 1.00 49.03 ? 50  HIS A C   1 
ATOM   328  O  O   . HIS A 1 53  ? 17.316  -2.949  -21.030 1.00 49.20 ? 50  HIS A O   1 
ATOM   329  C  CB  . HIS A 1 53  ? 17.255  -5.732  -22.554 1.00 49.33 ? 50  HIS A CB  1 
ATOM   330  C  CG  . HIS A 1 53  ? 17.285  -4.778  -23.711 1.00 50.18 ? 50  HIS A CG  1 
ATOM   331  N  ND1 . HIS A 1 53  ? 18.226  -4.856  -24.721 1.00 50.96 ? 50  HIS A ND1 1 
ATOM   332  C  CD2 . HIS A 1 53  ? 16.473  -3.742  -24.036 1.00 50.51 ? 50  HIS A CD2 1 
ATOM   333  C  CE1 . HIS A 1 53  ? 18.002  -3.900  -25.606 1.00 50.96 ? 50  HIS A CE1 1 
ATOM   334  N  NE2 . HIS A 1 53  ? 16.941  -3.212  -25.215 1.00 50.79 ? 50  HIS A NE2 1 
ATOM   335  N  N   . TYR A 1 54  ? 16.493  -4.455  -19.563 1.00 48.73 ? 51  TYR A N   1 
ATOM   336  C  CA  . TYR A 1 54  ? 15.664  -3.490  -18.834 1.00 48.27 ? 51  TYR A CA  1 
ATOM   337  C  C   . TYR A 1 54  ? 16.060  -3.339  -17.369 1.00 47.65 ? 51  TYR A C   1 
ATOM   338  O  O   . TYR A 1 54  ? 15.838  -2.279  -16.777 1.00 47.82 ? 51  TYR A O   1 
ATOM   339  C  CB  . TYR A 1 54  ? 14.182  -3.868  -18.940 1.00 48.65 ? 51  TYR A CB  1 
ATOM   340  C  CG  . TYR A 1 54  ? 13.746  -4.218  -20.344 1.00 49.09 ? 51  TYR A CG  1 
ATOM   341  C  CD1 . TYR A 1 54  ? 13.397  -3.221  -21.262 1.00 49.43 ? 51  TYR A CD1 1 
ATOM   342  C  CD2 . TYR A 1 54  ? 13.695  -5.545  -20.763 1.00 49.72 ? 51  TYR A CD2 1 
ATOM   343  C  CE1 . TYR A 1 54  ? 13.002  -3.544  -22.558 1.00 49.51 ? 51  TYR A CE1 1 
ATOM   344  C  CE2 . TYR A 1 54  ? 13.305  -5.879  -22.058 1.00 50.07 ? 51  TYR A CE2 1 
ATOM   345  C  CZ  . TYR A 1 54  ? 12.962  -4.876  -22.948 1.00 49.80 ? 51  TYR A CZ  1 
ATOM   346  O  OH  . TYR A 1 54  ? 12.578  -5.214  -24.230 1.00 50.03 ? 51  TYR A OH  1 
ATOM   347  N  N   . PHE A 1 55  ? 16.636  -4.391  -16.790 1.00 46.86 ? 52  PHE A N   1 
ATOM   348  C  CA  . PHE A 1 55  ? 16.986  -4.405  -15.362 1.00 46.25 ? 52  PHE A CA  1 
ATOM   349  C  C   . PHE A 1 55  ? 18.364  -4.998  -15.089 1.00 45.93 ? 52  PHE A C   1 
ATOM   350  O  O   . PHE A 1 55  ? 18.758  -5.991  -15.709 1.00 45.89 ? 52  PHE A O   1 
ATOM   351  C  CB  . PHE A 1 55  ? 15.947  -5.190  -14.559 1.00 45.93 ? 52  PHE A CB  1 
ATOM   352  C  CG  . PHE A 1 55  ? 14.563  -4.609  -14.613 1.00 45.80 ? 52  PHE A CG  1 
ATOM   353  C  CD1 . PHE A 1 55  ? 13.583  -5.193  -15.411 1.00 45.24 ? 52  PHE A CD1 1 
ATOM   354  C  CD2 . PHE A 1 55  ? 14.230  -3.488  -13.848 1.00 45.23 ? 52  PHE A CD2 1 
ATOM   355  C  CE1 . PHE A 1 55  ? 12.293  -4.664  -15.460 1.00 44.99 ? 52  PHE A CE1 1 
ATOM   356  C  CE2 . PHE A 1 55  ? 12.949  -2.951  -13.893 1.00 44.90 ? 52  PHE A CE2 1 
ATOM   357  C  CZ  . PHE A 1 55  ? 11.980  -3.541  -14.699 1.00 45.09 ? 52  PHE A CZ  1 
ATOM   358  N  N   . ASP A 1 56  ? 19.079  -4.406  -14.133 1.00 45.67 ? 53  ASP A N   1 
ATOM   359  C  CA  . ASP A 1 56  ? 20.444  -4.846  -13.804 1.00 45.34 ? 53  ASP A CA  1 
ATOM   360  C  C   . ASP A 1 56  ? 20.480  -5.999  -12.802 1.00 44.64 ? 53  ASP A C   1 
ATOM   361  O  O   . ASP A 1 56  ? 21.479  -6.705  -12.688 1.00 44.73 ? 53  ASP A O   1 
ATOM   362  C  CB  . ASP A 1 56  ? 21.278  -3.679  -13.258 1.00 45.63 ? 53  ASP A CB  1 
ATOM   363  C  CG  . ASP A 1 56  ? 21.494  -2.572  -14.281 1.00 46.55 ? 53  ASP A CG  1 
ATOM   364  O  OD1 . ASP A 1 56  ? 21.596  -1.399  -13.844 1.00 47.43 ? 53  ASP A OD1 1 
ATOM   365  O  OD2 . ASP A 1 56  ? 21.566  -2.863  -15.502 1.00 47.51 ? 53  ASP A OD2 1 
ATOM   366  N  N   . SER A 1 57  ? 19.389  -6.181  -12.073 1.00 43.86 ? 54  SER A N   1 
ATOM   367  C  CA  . SER A 1 57  ? 19.355  -7.154  -10.997 1.00 43.10 ? 54  SER A CA  1 
ATOM   368  C  C   . SER A 1 57  ? 17.916  -7.531  -10.661 1.00 42.64 ? 54  SER A C   1 
ATOM   369  O  O   . SER A 1 57  ? 16.968  -6.865  -11.082 1.00 42.47 ? 54  SER A O   1 
ATOM   370  C  CB  . SER A 1 57  ? 20.074  -6.582  -9.763  1.00 43.09 ? 54  SER A CB  1 
ATOM   371  O  OG  . SER A 1 57  ? 19.884  -7.389  -8.606  1.00 43.75 ? 54  SER A OG  1 
ATOM   372  N  N   . LYS A 1 58  ? 17.776  -8.618  -9.911  1.00 41.91 ? 55  LYS A N   1 
ATOM   373  C  CA  . LYS A 1 58  ? 16.531  -9.013  -9.284  1.00 41.17 ? 55  LYS A CA  1 
ATOM   374  C  C   . LYS A 1 58  ? 16.095  -7.905  -8.312  1.00 40.89 ? 55  LYS A C   1 
ATOM   375  O  O   . LYS A 1 58  ? 14.904  -7.590  -8.208  1.00 40.80 ? 55  LYS A O   1 
ATOM   376  C  CB  . LYS A 1 58  ? 16.760  -10.342 -8.562  1.00 41.24 ? 55  LYS A CB  1 
ATOM   377  C  CG  . LYS A 1 58  ? 15.533  -11.068 -8.056  1.00 40.87 ? 55  LYS A CG  1 
ATOM   378  C  CD  . LYS A 1 58  ? 15.977  -12.310 -7.280  1.00 40.94 ? 55  LYS A CD  1 
ATOM   379  C  CE  . LYS A 1 58  ? 14.945  -12.701 -6.232  1.00 41.64 ? 55  LYS A CE  1 
ATOM   380  N  NZ  . LYS A 1 58  ? 15.381  -13.813 -5.311  1.00 40.54 ? 55  LYS A NZ  1 
ATOM   381  N  N   . GLU A 1 59  ? 17.071  -7.303  -7.624  1.00 40.23 ? 56  GLU A N   1 
ATOM   382  C  CA  . GLU A 1 59  ? 16.817  -6.186  -6.698  1.00 39.45 ? 56  GLU A CA  1 
ATOM   383  C  C   . GLU A 1 59  ? 16.308  -4.951  -7.424  1.00 38.06 ? 56  GLU A C   1 
ATOM   384  O  O   . GLU A 1 59  ? 15.481  -4.218  -6.883  1.00 37.83 ? 56  GLU A O   1 
ATOM   385  C  CB  . GLU A 1 59  ? 18.075  -5.823  -5.902  1.00 39.75 ? 56  GLU A CB  1 
ATOM   386  C  CG  . GLU A 1 59  ? 18.635  -6.956  -5.056  1.00 40.53 ? 56  GLU A CG  1 
ATOM   387  C  CD  . GLU A 1 59  ? 19.862  -6.547  -4.257  1.00 41.22 ? 56  GLU A CD  1 
ATOM   388  O  OE1 . GLU A 1 59  ? 20.866  -6.097  -4.866  1.00 43.07 ? 56  GLU A OE1 1 
ATOM   389  O  OE2 . GLU A 1 59  ? 19.826  -6.691  -3.013  1.00 44.26 ? 56  GLU A OE2 1 
ATOM   390  N  N   . ALA A 1 60  ? 16.805  -4.728  -8.641  1.00 36.47 ? 57  ALA A N   1 
ATOM   391  C  CA  . ALA A 1 60  ? 16.375  -3.614  -9.486  1.00 35.38 ? 57  ALA A CA  1 
ATOM   392  C  C   . ALA A 1 60  ? 14.898  -3.748  -9.873  1.00 34.94 ? 57  ALA A C   1 
ATOM   393  O  O   . ALA A 1 60  ? 14.150  -2.765  -9.839  1.00 34.80 ? 57  ALA A O   1 
ATOM   394  C  CB  . ALA A 1 60  ? 17.256  -3.514  -10.736 1.00 35.17 ? 57  ALA A CB  1 
ATOM   395  N  N   . VAL A 1 61  ? 14.486  -4.966  -10.233 1.00 33.96 ? 58  VAL A N   1 
ATOM   396  C  CA  . VAL A 1 61  ? 13.074  -5.267  -10.495 1.00 32.47 ? 58  VAL A CA  1 
ATOM   397  C  C   . VAL A 1 61  ? 12.232  -4.940  -9.265  1.00 31.96 ? 58  VAL A C   1 
ATOM   398  O  O   . VAL A 1 61  ? 11.235  -4.247  -9.377  1.00 31.20 ? 58  VAL A O   1 
ATOM   399  C  CB  . VAL A 1 61  ? 12.862  -6.739  -10.930 1.00 32.41 ? 58  VAL A CB  1 
ATOM   400  C  CG1 . VAL A 1 61  ? 11.387  -7.016  -11.200 1.00 32.07 ? 58  VAL A CG1 1 
ATOM   401  C  CG2 . VAL A 1 61  ? 13.692  -7.054  -12.174 1.00 31.84 ? 58  VAL A CG2 1 
ATOM   402  N  N   . LEU A 1 62  ? 12.664  -5.413  -8.098  1.00 31.57 ? 59  LEU A N   1 
ATOM   403  C  CA  . LEU A 1 62  ? 11.968  -5.131  -6.852  1.00 31.57 ? 59  LEU A CA  1 
ATOM   404  C  C   . LEU A 1 62  ? 11.957  -3.642  -6.497  1.00 32.25 ? 59  LEU A C   1 
ATOM   405  O  O   . LEU A 1 62  ? 10.911  -3.098  -6.143  1.00 31.44 ? 59  LEU A O   1 
ATOM   406  C  CB  . LEU A 1 62  ? 12.537  -5.961  -5.683  1.00 31.39 ? 59  LEU A CB  1 
ATOM   407  C  CG  . LEU A 1 62  ? 11.928  -5.768  -4.283  1.00 31.29 ? 59  LEU A CG  1 
ATOM   408  C  CD1 . LEU A 1 62  ? 10.447  -6.131  -4.224  1.00 31.23 ? 59  LEU A CD1 1 
ATOM   409  C  CD2 . LEU A 1 62  ? 12.664  -6.539  -3.218  1.00 30.97 ? 59  LEU A CD2 1 
ATOM   410  N  N   . ARG A 1 63  ? 13.113  -2.992  -6.584  1.00 32.82 ? 60  ARG A N   1 
ATOM   411  C  CA  . ARG A 1 63  ? 13.235  -1.596  -6.182  1.00 34.52 ? 60  ARG A CA  1 
ATOM   412  C  C   . ARG A 1 63  ? 12.308  -0.732  -7.030  1.00 34.33 ? 60  ARG A C   1 
ATOM   413  O  O   . ARG A 1 63  ? 11.591  0.112   -6.494  1.00 34.40 ? 60  ARG A O   1 
ATOM   414  C  CB  . ARG A 1 63  ? 14.695  -1.115  -6.257  1.00 34.28 ? 60  ARG A CB  1 
ATOM   415  C  CG  . ARG A 1 63  ? 14.910  0.346   -5.821  1.00 35.68 ? 60  ARG A CG  1 
ATOM   416  C  CD  . ARG A 1 63  ? 16.335  0.835   -6.080  1.00 36.46 ? 60  ARG A CD  1 
ATOM   417  N  NE  . ARG A 1 63  ? 16.716  0.792   -7.496  1.00 41.85 ? 60  ARG A NE  1 
ATOM   418  C  CZ  . ARG A 1 63  ? 17.684  0.026   -8.013  1.00 43.07 ? 60  ARG A CZ  1 
ATOM   419  N  NH1 . ARG A 1 63  ? 17.944  0.082   -9.314  1.00 43.52 ? 60  ARG A NH1 1 
ATOM   420  N  NH2 . ARG A 1 63  ? 18.398  -0.796  -7.248  1.00 43.95 ? 60  ARG A NH2 1 
ATOM   421  N  N   . ASP A 1 64  ? 12.303  -0.978  -8.338  1.00 34.33 ? 61  ASP A N   1 
ATOM   422  C  CA  . ASP A 1 64  ? 11.435  -0.249  -9.266  1.00 34.91 ? 61  ASP A CA  1 
ATOM   423  C  C   . ASP A 1 64  ? 9.935   -0.417  -8.977  1.00 34.08 ? 61  ASP A C   1 
ATOM   424  O  O   . ASP A 1 64  ? 9.211   0.584   -8.864  1.00 34.60 ? 61  ASP A O   1 
ATOM   425  C  CB  . ASP A 1 64  ? 11.792  -0.601  -10.720 1.00 35.57 ? 61  ASP A CB  1 
ATOM   426  C  CG  . ASP A 1 64  ? 10.908  0.102   -11.740 1.00 38.52 ? 61  ASP A CG  1 
ATOM   427  O  OD1 . ASP A 1 64  ? 11.409  1.021   -12.417 1.00 42.74 ? 61  ASP A OD1 1 
ATOM   428  O  OD2 . ASP A 1 64  ? 9.717   -0.271  -11.878 1.00 42.65 ? 61  ASP A OD2 1 
HETATM 429  N  N   . MSE A 1 65  ? 9.453   -1.646  -8.808  1.00 33.32 ? 62  MSE A N   1 
HETATM 430  C  CA  . MSE A 1 65  ? 8.009   -1.822  -8.547  1.00 31.59 ? 62  MSE A CA  1 
HETATM 431  C  C   . MSE A 1 65  ? 7.559   -1.245  -7.203  1.00 32.37 ? 62  MSE A C   1 
HETATM 432  O  O   . MSE A 1 65  ? 6.415   -0.807  -7.060  1.00 32.15 ? 62  MSE A O   1 
HETATM 433  C  CB  . MSE A 1 65  ? 7.574   -3.290  -8.652  1.00 32.10 ? 62  MSE A CB  1 
HETATM 434  C  CG  . MSE A 1 65  ? 7.786   -4.083  -7.393  1.00 30.36 ? 62  MSE A CG  1 
HETATM 435  SE SE  . MSE A 1 65  ? 7.221   -5.928  -7.473  0.70 29.57 ? 62  MSE A SE  1 
HETATM 436  C  CE  . MSE A 1 65  ? 8.142   -6.526  -9.051  1.00 27.16 ? 62  MSE A CE  1 
ATOM   437  N  N   . LEU A 1 66  ? 8.445   -1.273  -6.218  1.00 31.37 ? 63  LEU A N   1 
ATOM   438  C  CA  . LEU A 1 66  ? 8.145   -0.696  -4.930  1.00 31.96 ? 63  LEU A CA  1 
ATOM   439  C  C   . LEU A 1 66  ? 8.132   0.826   -5.015  1.00 31.17 ? 63  LEU A C   1 
ATOM   440  O  O   . LEU A 1 66  ? 7.287   1.481   -4.430  1.00 29.52 ? 63  LEU A O   1 
ATOM   441  C  CB  . LEU A 1 66  ? 9.155   -1.179  -3.894  1.00 32.03 ? 63  LEU A CB  1 
ATOM   442  C  CG  . LEU A 1 66  ? 9.037   -2.668  -3.531  1.00 34.58 ? 63  LEU A CG  1 
ATOM   443  C  CD1 . LEU A 1 66  ? 9.777   -2.973  -2.237  1.00 35.04 ? 63  LEU A CD1 1 
ATOM   444  C  CD2 . LEU A 1 66  ? 7.568   -3.090  -3.409  1.00 36.29 ? 63  LEU A CD2 1 
ATOM   445  N  N   . THR A 1 67  ? 9.072   1.370   -5.770  1.00 31.61 ? 64  THR A N   1 
ATOM   446  C  CA  . THR A 1 67  ? 9.202   2.819   -5.893  1.00 33.44 ? 64  THR A CA  1 
ATOM   447  C  C   . THR A 1 67  ? 7.999   3.423   -6.619  1.00 33.07 ? 64  THR A C   1 
ATOM   448  O  O   . THR A 1 67  ? 7.404   4.405   -6.155  1.00 33.38 ? 64  THR A O   1 
ATOM   449  C  CB  . THR A 1 67  ? 10.521  3.199   -6.597  1.00 32.88 ? 64  THR A CB  1 
ATOM   450  O  OG1 . THR A 1 67  ? 11.623  2.760   -5.793  1.00 34.02 ? 64  THR A OG1 1 
ATOM   451  C  CG2 . THR A 1 67  ? 10.635  4.692   -6.793  1.00 35.32 ? 64  THR A CG2 1 
ATOM   452  N  N   . THR A 1 68  ? 7.629   2.836   -7.748  1.00 33.70 ? 65  THR A N   1 
ATOM   453  C  CA  . THR A 1 68  ? 6.535   3.388   -8.512  1.00 34.48 ? 65  THR A CA  1 
ATOM   454  C  C   . THR A 1 68  ? 5.235   3.217   -7.729  1.00 34.77 ? 65  THR A C   1 
ATOM   455  O  O   . THR A 1 68  ? 4.372   4.079   -7.770  1.00 35.94 ? 65  THR A O   1 
ATOM   456  C  CB  . THR A 1 68  ? 6.434   2.814   -9.948  1.00 34.92 ? 65  THR A CB  1 
ATOM   457  O  OG1 . THR A 1 68  ? 5.868   1.499   -9.914  1.00 37.20 ? 65  THR A OG1 1 
ATOM   458  C  CG2 . THR A 1 68  ? 7.811   2.792   -10.630 1.00 33.84 ? 65  THR A CG2 1 
ATOM   459  N  N   . HIS A 1 69  ? 5.116   2.128   -6.978  1.00 34.09 ? 66  HIS A N   1 
ATOM   460  C  CA  . HIS A 1 69  ? 3.914   1.892   -6.222  1.00 33.96 ? 66  HIS A CA  1 
ATOM   461  C  C   . HIS A 1 69  ? 3.700   2.866   -5.045  1.00 33.63 ? 66  HIS A C   1 
ATOM   462  O  O   . HIS A 1 69  ? 2.571   3.352   -4.838  1.00 34.03 ? 66  HIS A O   1 
ATOM   463  C  CB  . HIS A 1 69  ? 3.899   0.463   -5.691  1.00 34.54 ? 66  HIS A CB  1 
ATOM   464  C  CG  . HIS A 1 69  ? 2.649   0.129   -4.956  1.00 34.99 ? 66  HIS A CG  1 
ATOM   465  N  ND1 . HIS A 1 69  ? 1.472   -0.167  -5.604  1.00 36.32 ? 66  HIS A ND1 1 
ATOM   466  C  CD2 . HIS A 1 69  ? 2.383   0.051   -3.631  1.00 35.14 ? 66  HIS A CD2 1 
ATOM   467  C  CE1 . HIS A 1 69  ? 0.536   -0.418  -4.708  1.00 35.19 ? 66  HIS A CE1 1 
ATOM   468  N  NE2 . HIS A 1 69  ? 1.061   -0.279  -3.507  1.00 34.32 ? 66  HIS A NE2 1 
ATOM   469  N  N   . VAL A 1 70  ? 4.738   3.101   -4.247  1.00 32.23 ? 67  VAL A N   1 
ATOM   470  C  CA  . VAL A 1 70  ? 4.621   4.055   -3.134  1.00 32.38 ? 67  VAL A CA  1 
ATOM   471  C  C   . VAL A 1 70  ? 4.526   5.488   -3.678  1.00 32.70 ? 67  VAL A C   1 
ATOM   472  O  O   . VAL A 1 70  ? 3.771   6.290   -3.136  1.00 31.39 ? 67  VAL A O   1 
ATOM   473  C  CB  . VAL A 1 70  ? 5.723   3.895   -2.027  1.00 32.54 ? 67  VAL A CB  1 
ATOM   474  C  CG1 . VAL A 1 70  ? 7.072   4.378   -2.474  1.00 30.51 ? 67  VAL A CG1 1 
ATOM   475  C  CG2 . VAL A 1 70  ? 5.297   4.608   -0.694  1.00 32.87 ? 67  VAL A CG2 1 
ATOM   476  N  N   . ASP A 1 71  ? 5.237   5.785   -4.781  1.00 33.47 ? 68  ASP A N   1 
ATOM   477  C  CA  . ASP A 1 71  ? 5.132   7.105   -5.402  1.00 35.08 ? 68  ASP A CA  1 
ATOM   478  C  C   . ASP A 1 71  ? 3.691   7.370   -5.847  1.00 36.03 ? 68  ASP A C   1 
ATOM   479  O  O   . ASP A 1 71  ? 3.158   8.442   -5.619  1.00 36.61 ? 68  ASP A O   1 
ATOM   480  C  CB  . ASP A 1 71  ? 6.115   7.275   -6.582  1.00 34.69 ? 68  ASP A CB  1 
ATOM   481  C  CG  . ASP A 1 71  ? 7.540   7.555   -6.124  1.00 34.57 ? 68  ASP A CG  1 
ATOM   482  O  OD1 . ASP A 1 71  ? 7.762   7.791   -4.920  1.00 34.77 ? 68  ASP A OD1 1 
ATOM   483  O  OD2 . ASP A 1 71  ? 8.457   7.531   -6.969  1.00 36.65 ? 68  ASP A OD2 1 
ATOM   484  N  N   . SER A 1 72  ? 3.052   6.370   -6.435  1.00 37.45 ? 69  SER A N   1 
ATOM   485  C  CA  . SER A 1 72  ? 1.652   6.498   -6.871  1.00 38.34 ? 69  SER A CA  1 
ATOM   486  C  C   . SER A 1 72  ? 0.696   6.732   -5.697  1.00 38.31 ? 69  SER A C   1 
ATOM   487  O  O   . SER A 1 72  ? -0.186  7.607   -5.752  1.00 37.37 ? 69  SER A O   1 
ATOM   488  C  CB  . SER A 1 72  ? 1.235   5.252   -7.635  1.00 39.22 ? 69  SER A CB  1 
ATOM   489  O  OG  . SER A 1 72  ? 0.277   5.568   -8.620  1.00 42.52 ? 69  SER A OG  1 
ATOM   490  N  N   . LEU A 1 73  ? 0.874   5.950   -4.635  1.00 37.70 ? 70  LEU A N   1 
ATOM   491  C  CA  . LEU A 1 73  ? 0.043   6.051   -3.467  1.00 37.77 ? 70  LEU A CA  1 
ATOM   492  C  C   . LEU A 1 73  ? 0.164   7.466   -2.851  1.00 37.09 ? 70  LEU A C   1 
ATOM   493  O  O   . LEU A 1 73  ? -0.841  8.085   -2.479  1.00 35.50 ? 70  LEU A O   1 
ATOM   494  C  CB  . LEU A 1 73  ? 0.469   4.971   -2.474  1.00 38.03 ? 70  LEU A CB  1 
ATOM   495  C  CG  . LEU A 1 73  ? -0.462  4.464   -1.390  1.00 41.12 ? 70  LEU A CG  1 
ATOM   496  C  CD1 . LEU A 1 73  ? -1.943  4.476   -1.776  1.00 42.32 ? 70  LEU A CD1 1 
ATOM   497  C  CD2 . LEU A 1 73  ? -0.002  3.044   -0.971  1.00 40.24 ? 70  LEU A CD2 1 
ATOM   498  N  N   . LEU A 1 74  ? 1.400   7.962   -2.747  1.00 36.19 ? 71  LEU A N   1 
ATOM   499  C  CA  . LEU A 1 74  ? 1.658   9.300   -2.222  1.00 36.68 ? 71  LEU A CA  1 
ATOM   500  C  C   . LEU A 1 74  ? 0.995   10.398  -3.048  1.00 36.62 ? 71  LEU A C   1 
ATOM   501  O  O   . LEU A 1 74  ? 0.394   11.296  -2.486  1.00 36.31 ? 71  LEU A O   1 
ATOM   502  C  CB  . LEU A 1 74  ? 3.175   9.571   -2.088  1.00 37.04 ? 71  LEU A CB  1 
ATOM   503  C  CG  . LEU A 1 74  ? 3.863   8.876   -0.886  1.00 37.59 ? 71  LEU A CG  1 
ATOM   504  C  CD1 . LEU A 1 74  ? 5.381   9.008   -1.007  1.00 37.30 ? 71  LEU A CD1 1 
ATOM   505  C  CD2 . LEU A 1 74  ? 3.409   9.431   0.484   1.00 37.21 ? 71  LEU A CD2 1 
ATOM   506  N  N   . GLU A 1 75  ? 1.085   10.320  -4.372  1.00 37.54 ? 72  GLU A N   1 
ATOM   507  C  CA  . GLU A 1 75  ? 0.496   11.352  -5.212  1.00 38.04 ? 72  GLU A CA  1 
ATOM   508  C  C   . GLU A 1 75  ? -1.014  11.317  -5.075  1.00 36.28 ? 72  GLU A C   1 
ATOM   509  O  O   . GLU A 1 75  ? -1.627  12.360  -4.899  1.00 36.72 ? 72  GLU A O   1 
ATOM   510  C  CB  . GLU A 1 75  ? 0.888   11.222  -6.681  1.00 38.23 ? 72  GLU A CB  1 
ATOM   511  C  CG  . GLU A 1 75  ? 1.096   12.567  -7.440  1.00 43.55 ? 72  GLU A CG  1 
ATOM   512  C  CD  . GLU A 1 75  ? 0.737   13.894  -6.665  1.00 50.18 ? 72  GLU A CD  1 
ATOM   513  O  OE1 . GLU A 1 75  ? -0.459  14.314  -6.692  1.00 50.36 ? 72  GLU A OE1 1 
ATOM   514  O  OE2 . GLU A 1 75  ? 1.675   14.542  -6.084  1.00 49.37 ? 72  GLU A OE2 1 
ATOM   515  N  N   . ARG A 1 76  ? -1.607  10.124  -5.089  1.00 35.03 ? 73  ARG A N   1 
ATOM   516  C  CA  A ARG A 1 76  ? -3.054  10.041  -5.017  0.50 33.97 ? 73  ARG A CA  1 
ATOM   517  C  CA  B ARG A 1 76  ? -3.069  9.972   -4.995  0.50 33.89 ? 73  ARG A CA  1 
ATOM   518  C  C   . ARG A 1 76  ? -3.606  10.505  -3.682  1.00 33.45 ? 73  ARG A C   1 
ATOM   519  O  O   . ARG A 1 76  ? -4.657  11.142  -3.653  1.00 33.09 ? 73  ARG A O   1 
ATOM   520  C  CB  A ARG A 1 76  ? -3.546  8.685   -5.502  0.50 33.87 ? 73  ARG A CB  1 
ATOM   521  C  CB  B ARG A 1 76  ? -3.504  8.524   -5.224  0.50 33.57 ? 73  ARG A CB  1 
ATOM   522  C  CG  A ARG A 1 76  ? -3.196  8.545   -7.004  0.50 34.41 ? 73  ARG A CG  1 
ATOM   523  C  CG  B ARG A 1 76  ? -3.471  8.105   -6.699  0.50 33.62 ? 73  ARG A CG  1 
ATOM   524  C  CD  A ARG A 1 76  ? -3.503  7.211   -7.591  0.50 35.49 ? 73  ARG A CD  1 
ATOM   525  C  CD  B ARG A 1 76  ? -3.912  6.670   -6.939  0.50 34.49 ? 73  ARG A CD  1 
ATOM   526  N  NE  A ARG A 1 76  ? -4.939  6.980   -7.644  0.50 35.03 ? 73  ARG A NE  1 
ATOM   527  N  NE  B ARG A 1 76  ? -5.373  6.425   -7.055  0.50 36.78 ? 73  ARG A NE  1 
ATOM   528  C  CZ  A ARG A 1 76  ? -5.491  5.783   -7.778  0.50 31.43 ? 73  ARG A CZ  1 
ATOM   529  C  CZ  B ARG A 1 76  ? -6.344  7.338   -7.198  0.50 33.86 ? 73  ARG A CZ  1 
ATOM   530  N  NH1 A ARG A 1 76  ? -4.718  4.716   -7.903  0.50 31.16 ? 73  ARG A NH1 1 
ATOM   531  N  NH1 B ARG A 1 76  ? -6.083  8.643   -7.268  0.50 30.16 ? 73  ARG A NH1 1 
ATOM   532  N  NH2 A ARG A 1 76  ? -6.811  5.663   -7.759  0.50 29.22 ? 73  ARG A NH2 1 
ATOM   533  N  NH2 B ARG A 1 76  ? -7.604  6.922   -7.259  0.50 31.49 ? 73  ARG A NH2 1 
ATOM   534  N  N   . CYS A 1 77  ? -2.874  10.223  -2.601  1.00 32.71 ? 74  CYS A N   1 
ATOM   535  C  CA  A CYS A 1 77  ? -3.205  10.745  -1.283  0.50 32.97 ? 74  CYS A CA  1 
ATOM   536  C  CA  B CYS A 1 77  ? -3.177  10.743  -1.260  0.50 33.75 ? 74  CYS A CA  1 
ATOM   537  C  C   . CYS A 1 77  ? -3.205  12.265  -1.237  1.00 33.27 ? 74  CYS A C   1 
ATOM   538  O  O   . CYS A 1 77  ? -4.056  12.878  -0.590  1.00 33.37 ? 74  CYS A O   1 
ATOM   539  C  CB  A CYS A 1 77  ? -2.181  10.263  -0.269  0.50 32.67 ? 74  CYS A CB  1 
ATOM   540  C  CB  B CYS A 1 77  ? -2.113  10.303  -0.254  0.50 33.59 ? 74  CYS A CB  1 
ATOM   541  S  SG  A CYS A 1 77  ? -2.796  10.239  1.411   0.40 30.81 ? 74  CYS A SG  1 
ATOM   542  S  SG  B CYS A 1 77  ? -2.357  8.722   0.480   0.60 36.49 ? 74  CYS A SG  1 
ATOM   543  N  N   . ARG A 1 78  ? -2.216  12.869  -1.866  1.00 34.41 ? 75  ARG A N   1 
ATOM   544  C  CA  . ARG A 1 78  ? -2.144  14.314  -1.928  1.00 36.18 ? 75  ARG A CA  1 
ATOM   545  C  C   . ARG A 1 78  ? -3.364  14.898  -2.630  1.00 35.49 ? 75  ARG A C   1 
ATOM   546  O  O   . ARG A 1 78  ? -3.938  15.875  -2.139  1.00 34.99 ? 75  ARG A O   1 
ATOM   547  C  CB  . ARG A 1 78  ? -0.857  14.784  -2.626  1.00 35.81 ? 75  ARG A CB  1 
ATOM   548  C  CG  . ARG A 1 78  ? 0.364   14.605  -1.757  1.00 37.14 ? 75  ARG A CG  1 
ATOM   549  C  CD  . ARG A 1 78  ? 1.665   15.073  -2.473  1.00 40.01 ? 75  ARG A CD  1 
ATOM   550  N  NE  . ARG A 1 78  ? 2.767   14.291  -1.894  1.00 46.58 ? 75  ARG A NE  1 
ATOM   551  C  CZ  . ARG A 1 78  ? 3.546   13.462  -2.592  1.00 47.78 ? 75  ARG A CZ  1 
ATOM   552  N  NH1 . ARG A 1 78  ? 4.520   12.805  -1.962  1.00 48.22 ? 75  ARG A NH1 1 
ATOM   553  N  NH2 . ARG A 1 78  ? 3.379   13.319  -3.920  1.00 40.82 ? 75  ARG A NH2 1 
ATOM   554  N  N   . GLN A 1 79  ? -3.758  14.316  -3.762  1.00 36.27 ? 76  GLN A N   1 
ATOM   555  C  CA  . GLN A 1 79  ? -4.953  14.793  -4.480  1.00 37.46 ? 76  GLN A CA  1 
ATOM   556  C  C   . GLN A 1 79  ? -6.188  14.718  -3.583  1.00 36.55 ? 76  GLN A C   1 
ATOM   557  O  O   . GLN A 1 79  ? -7.018  15.607  -3.609  1.00 36.03 ? 76  GLN A O   1 
ATOM   558  C  CB  . GLN A 1 79  ? -5.234  14.000  -5.752  1.00 38.22 ? 76  GLN A CB  1 
ATOM   559  C  CG  . GLN A 1 79  ? -4.145  13.938  -6.786  1.00 40.05 ? 76  GLN A CG  1 
ATOM   560  C  CD  . GLN A 1 79  ? -4.411  12.813  -7.817  1.00 43.16 ? 76  GLN A CD  1 
ATOM   561  O  OE1 . GLN A 1 79  ? -5.472  12.771  -8.464  1.00 49.67 ? 76  GLN A OE1 1 
ATOM   562  N  NE2 . GLN A 1 79  ? -3.441  11.898  -7.967  1.00 49.76 ? 76  GLN A NE2 1 
ATOM   563  N  N   . VAL A 1 80  ? -6.317  13.644  -2.810  1.00 36.05 ? 77  VAL A N   1 
ATOM   564  C  CA  . VAL A 1 80  ? -7.385  13.534  -1.835  1.00 35.96 ? 77  VAL A CA  1 
ATOM   565  C  C   . VAL A 1 80  ? -7.278  14.637  -0.776  1.00 36.47 ? 77  VAL A C   1 
ATOM   566  O  O   . VAL A 1 80  ? -8.270  15.320  -0.489  1.00 36.03 ? 77  VAL A O   1 
ATOM   567  C  CB  . VAL A 1 80  ? -7.418  12.129  -1.184  1.00 36.08 ? 77  VAL A CB  1 
ATOM   568  C  CG1 . VAL A 1 80  ? -8.357  12.085  0.003   1.00 37.88 ? 77  VAL A CG1 1 
ATOM   569  C  CG2 . VAL A 1 80  ? -7.877  11.074  -2.202  1.00 36.35 ? 77  VAL A CG2 1 
ATOM   570  N  N   . LEU A 1 81  ? -6.081  14.803  -0.213  1.00 35.78 ? 78  LEU A N   1 
ATOM   571  C  CA  . LEU A 1 81  ? -5.860  15.803  0.815   1.00 38.94 ? 78  LEU A CA  1 
ATOM   572  C  C   . LEU A 1 81  ? -6.233  17.164  0.291   1.00 38.60 ? 78  LEU A C   1 
ATOM   573  O  O   . LEU A 1 81  ? -7.006  17.852  0.943   1.00 39.22 ? 78  LEU A O   1 
ATOM   574  C  CB  . LEU A 1 81  ? -4.411  15.811  1.355   1.00 38.58 ? 78  LEU A CB  1 
ATOM   575  C  CG  . LEU A 1 81  ? -4.034  14.690  2.313   1.00 42.74 ? 78  LEU A CG  1 
ATOM   576  C  CD1 . LEU A 1 81  ? -2.628  14.949  2.828   1.00 43.57 ? 78  LEU A CD1 1 
ATOM   577  C  CD2 . LEU A 1 81  ? -5.026  14.586  3.469   1.00 44.59 ? 78  LEU A CD2 1 
ATOM   578  N  N   . TYR A 1 82  ? -5.745  17.520  -0.897  1.00 39.35 ? 79  TYR A N   1 
ATOM   579  C  CA  . TYR A 1 82  ? -6.035  18.833  -1.485  1.00 42.12 ? 79  TYR A CA  1 
ATOM   580  C  C   . TYR A 1 82  ? -7.460  18.999  -2.033  1.00 43.85 ? 79  TYR A C   1 
ATOM   581  O  O   . TYR A 1 82  ? -7.784  20.064  -2.541  1.00 43.44 ? 79  TYR A O   1 
ATOM   582  C  CB  . TYR A 1 82  ? -5.010  19.216  -2.579  1.00 42.15 ? 79  TYR A CB  1 
ATOM   583  C  CG  . TYR A 1 82  ? -3.586  19.192  -2.109  1.00 43.85 ? 79  TYR A CG  1 
ATOM   584  C  CD1 . TYR A 1 82  ? -3.290  19.298  -0.760  1.00 42.42 ? 79  TYR A CD1 1 
ATOM   585  C  CD2 . TYR A 1 82  ? -2.522  19.106  -3.014  1.00 45.41 ? 79  TYR A CD2 1 
ATOM   586  C  CE1 . TYR A 1 82  ? -2.000  19.279  -0.302  1.00 46.05 ? 79  TYR A CE1 1 
ATOM   587  C  CE2 . TYR A 1 82  ? -1.199  19.088  -2.555  1.00 46.10 ? 79  TYR A CE2 1 
ATOM   588  C  CZ  . TYR A 1 82  ? -0.954  19.180  -1.191  1.00 45.93 ? 79  TYR A CZ  1 
ATOM   589  O  OH  . TYR A 1 82  ? 0.322   19.165  -0.666  1.00 46.59 ? 79  TYR A OH  1 
ATOM   590  N  N   . GLY A 1 83  ? -8.298  17.964  -1.917  1.00 45.69 ? 80  GLY A N   1 
ATOM   591  C  CA  . GLY A 1 83  ? -9.661  18.007  -2.436  1.00 49.17 ? 80  GLY A CA  1 
ATOM   592  C  C   . GLY A 1 83  ? -10.702 18.522  -1.454  1.00 51.36 ? 80  GLY A C   1 
ATOM   593  O  O   . GLY A 1 83  ? -11.086 19.694  -1.503  1.00 52.00 ? 80  GLY A O   1 
ATOM   594  N  N   . SER A 1 84  ? -11.167 17.654  -0.554  1.00 53.88 ? 81  SER A N   1 
ATOM   595  C  CA  . SER A 1 84  ? -12.303 18.008  0.321   1.00 55.29 ? 81  SER A CA  1 
ATOM   596  C  C   . SER A 1 84  ? -11.930 19.063  1.346   1.00 55.92 ? 81  SER A C   1 
ATOM   597  O  O   . SER A 1 84  ? -10.755 19.239  1.698   1.00 56.07 ? 81  SER A O   1 
ATOM   598  C  CB  . SER A 1 84  ? -12.912 16.788  1.020   1.00 55.71 ? 81  SER A CB  1 
ATOM   599  O  OG  . SER A 1 84  ? -14.071 17.166  1.763   1.00 56.70 ? 81  SER A OG  1 
ATOM   600  N  N   . ASN A 1 85  ? -12.957 19.775  1.798   1.00 56.37 ? 82  ASN A N   1 
ATOM   601  C  CA  . ASN A 1 85  ? -12.816 20.786  2.830   1.00 56.33 ? 82  ASN A CA  1 
ATOM   602  C  C   . ASN A 1 85  ? -12.842 20.098  4.205   1.00 55.31 ? 82  ASN A C   1 
ATOM   603  O  O   . ASN A 1 85  ? -12.086 20.463  5.107   1.00 55.64 ? 82  ASN A O   1 
ATOM   604  C  CB  . ASN A 1 85  ? -13.960 21.801  2.706   1.00 56.76 ? 82  ASN A CB  1 
ATOM   605  C  CG  . ASN A 1 85  ? -13.499 23.227  2.882   1.00 59.23 ? 82  ASN A CG  1 
ATOM   606  O  OD1 . ASN A 1 85  ? -12.864 23.575  3.892   1.00 61.13 ? 82  ASN A OD1 1 
ATOM   607  N  ND2 . ASN A 1 85  ? -13.831 24.081  1.903   1.00 60.63 ? 82  ASN A ND2 1 
ATOM   608  N  N   . GLU A 1 86  ? -13.695 19.086  4.330   1.00 53.60 ? 83  GLU A N   1 
ATOM   609  C  CA  . GLU A 1 86  ? -14.048 18.510  5.615   1.00 52.90 ? 83  GLU A CA  1 
ATOM   610  C  C   . GLU A 1 86  ? -13.085 17.405  6.062   1.00 50.35 ? 83  GLU A C   1 
ATOM   611  O  O   . GLU A 1 86  ? -12.837 16.467  5.310   1.00 49.47 ? 83  GLU A O   1 
ATOM   612  C  CB  . GLU A 1 86  ? -15.470 17.938  5.558   1.00 52.88 ? 83  GLU A CB  1 
ATOM   613  C  CG  . GLU A 1 86  ? -16.567 18.946  5.211   1.00 55.87 ? 83  GLU A CG  1 
ATOM   614  C  CD  . GLU A 1 86  ? -17.954 18.462  5.630   1.00 56.84 ? 83  GLU A CD  1 
ATOM   615  O  OE1 . GLU A 1 86  ? -18.769 18.112  4.731   1.00 61.31 ? 83  GLU A OE1 1 
ATOM   616  O  OE2 . GLU A 1 86  ? -18.229 18.423  6.861   1.00 60.81 ? 83  GLU A OE2 1 
ATOM   617  N  N   . PRO A 1 87  ? -12.540 17.513  7.294   1.00 48.45 ? 84  PRO A N   1 
ATOM   618  C  CA  . PRO A 1 87  ? -11.694 16.425  7.805   1.00 47.07 ? 84  PRO A CA  1 
ATOM   619  C  C   . PRO A 1 87  ? -12.322 15.019  7.797   1.00 45.89 ? 84  PRO A C   1 
ATOM   620  O  O   . PRO A 1 87  ? -11.614 14.061  7.499   1.00 45.13 ? 84  PRO A O   1 
ATOM   621  C  CB  . PRO A 1 87  ? -11.338 16.885  9.226   1.00 46.86 ? 84  PRO A CB  1 
ATOM   622  C  CG  . PRO A 1 87  ? -11.402 18.378  9.154   1.00 46.98 ? 84  PRO A CG  1 
ATOM   623  C  CD  . PRO A 1 87  ? -12.594 18.644  8.241   1.00 48.17 ? 84  PRO A CD  1 
ATOM   624  N  N   . LYS A 1 88  ? -13.610 14.866  8.119   1.00 44.96 ? 85  LYS A N   1 
ATOM   625  C  CA  . LYS A 1 88  ? -14.155 13.497  8.206   1.00 44.53 ? 85  LYS A CA  1 
ATOM   626  C  C   . LYS A 1 88  ? -14.236 12.862  6.822   1.00 43.06 ? 85  LYS A C   1 
ATOM   627  O  O   . LYS A 1 88  ? -13.938 11.667  6.663   1.00 42.62 ? 85  LYS A O   1 
ATOM   628  C  CB  . LYS A 1 88  ? -15.494 13.390  8.964   1.00 45.09 ? 85  LYS A CB  1 
ATOM   629  C  CG  . LYS A 1 88  ? -15.772 11.931  9.479   1.00 47.43 ? 85  LYS A CG  1 
ATOM   630  C  CD  . LYS A 1 88  ? -16.830 11.813  10.618  1.00 46.58 ? 85  LYS A CD  1 
ATOM   631  C  CE  . LYS A 1 88  ? -17.338 10.353  10.748  1.00 48.88 ? 85  LYS A CE  1 
ATOM   632  N  NZ  . LYS A 1 88  ? -17.916 9.951   12.116  1.00 48.83 ? 85  LYS A NZ  1 
ATOM   633  N  N   . THR A 1 89  ? -14.579 13.680  5.832   1.00 40.97 ? 86  THR A N   1 
ATOM   634  C  CA  . THR A 1 89  ? -14.624 13.225  4.442   1.00 40.38 ? 86  THR A CA  1 
ATOM   635  C  C   . THR A 1 89  ? -13.244 12.823  3.922   1.00 39.01 ? 86  THR A C   1 
ATOM   636  O  O   . THR A 1 89  ? -13.124 11.759  3.322   1.00 36.91 ? 86  THR A O   1 
ATOM   637  C  CB  . THR A 1 89  ? -15.283 14.300  3.541   1.00 41.28 ? 86  THR A CB  1 
ATOM   638  O  OG1 . THR A 1 89  ? -16.664 14.419  3.928   1.00 43.07 ? 86  THR A OG1 1 
ATOM   639  C  CG2 . THR A 1 89  ? -15.210 13.933  2.041   1.00 41.02 ? 86  THR A CG2 1 
ATOM   640  N  N   . ARG A 1 90  ? -12.232 13.693  4.128   1.00 38.12 ? 87  ARG A N   1 
ATOM   641  C  CA  . ARG A 1 90  ? -10.855 13.439  3.673   1.00 36.50 ? 87  ARG A CA  1 
ATOM   642  C  C   . ARG A 1 90  ? -10.360 12.130  4.220   1.00 34.92 ? 87  ARG A C   1 
ATOM   643  O  O   . ARG A 1 90  ? -9.722  11.370  3.494   1.00 35.03 ? 87  ARG A O   1 
ATOM   644  C  CB  . ARG A 1 90  ? -9.892  14.575  4.058   1.00 36.79 ? 87  ARG A CB  1 
ATOM   645  C  CG  . ARG A 1 90  ? -10.014 15.852  3.149   1.00 39.37 ? 87  ARG A CG  1 
ATOM   646  C  CD  . ARG A 1 90  ? -8.773  16.794  3.230   1.00 38.57 ? 87  ARG A CD  1 
ATOM   647  N  NE  . ARG A 1 90  ? -8.459  17.116  4.612   1.00 41.68 ? 87  ARG A NE  1 
ATOM   648  C  CZ  . ARG A 1 90  ? -8.921  18.171  5.283   1.00 38.16 ? 87  ARG A CZ  1 
ATOM   649  N  NH1 . ARG A 1 90  ? -9.701  19.060  4.704   1.00 36.34 ? 87  ARG A NH1 1 
ATOM   650  N  NH2 . ARG A 1 90  ? -8.580  18.321  6.551   1.00 38.30 ? 87  ARG A NH2 1 
ATOM   651  N  N   . PHE A 1 91  ? -10.635 11.858  5.504   1.00 33.97 ? 88  PHE A N   1 
ATOM   652  C  CA  . PHE A 1 91  ? -10.178 10.635  6.140   1.00 33.20 ? 88  PHE A CA  1 
ATOM   653  C  C   . PHE A 1 91  ? -10.809 9.415   5.461   1.00 33.19 ? 88  PHE A C   1 
ATOM   654  O  O   . PHE A 1 91  ? -10.095 8.479   5.089   1.00 32.33 ? 88  PHE A O   1 
ATOM   655  C  CB  . PHE A 1 91  ? -10.435 10.597  7.663   1.00 34.02 ? 88  PHE A CB  1 
ATOM   656  C  CG  . PHE A 1 91  ? -9.972  9.308   8.327   1.00 35.66 ? 88  PHE A CG  1 
ATOM   657  C  CD1 . PHE A 1 91  ? -8.615  8.975   8.395   1.00 38.19 ? 88  PHE A CD1 1 
ATOM   658  C  CD2 . PHE A 1 91  ? -10.890 8.420   8.883   1.00 33.38 ? 88  PHE A CD2 1 
ATOM   659  C  CE1 . PHE A 1 91  ? -8.202  7.768   8.993   1.00 37.19 ? 88  PHE A CE1 1 
ATOM   660  C  CE2 . PHE A 1 91  ? -10.503 7.223   9.467   1.00 36.59 ? 88  PHE A CE2 1 
ATOM   661  C  CZ  . PHE A 1 91  ? -9.140  6.880   9.525   1.00 36.40 ? 88  PHE A CZ  1 
ATOM   662  N  N   . LEU A 1 92  ? -12.134 9.435   5.300   1.00 33.04 ? 89  LEU A N   1 
ATOM   663  C  CA  . LEU A 1 92  ? -12.853 8.317   4.653   1.00 33.09 ? 89  LEU A CA  1 
ATOM   664  C  C   . LEU A 1 92  ? -12.354 8.135   3.192   1.00 33.70 ? 89  LEU A C   1 
ATOM   665  O  O   . LEU A 1 92  ? -12.178 7.013   2.747   1.00 32.70 ? 89  LEU A O   1 
ATOM   666  C  CB  . LEU A 1 92  ? -14.386 8.562   4.663   1.00 33.44 ? 89  LEU A CB  1 
ATOM   667  C  CG  . LEU A 1 92  ? -15.211 7.553   3.852   1.00 33.00 ? 89  LEU A CG  1 
ATOM   668  C  CD1 . LEU A 1 92  ? -15.004 6.134   4.363   1.00 28.62 ? 89  LEU A CD1 1 
ATOM   669  C  CD2 . LEU A 1 92  ? -16.724 7.917   3.764   1.00 33.60 ? 89  LEU A CD2 1 
ATOM   670  N  N   . GLN A 1 93  ? -12.111 9.242   2.482   1.00 32.79 ? 90  GLN A N   1 
ATOM   671  C  CA  . GLN A 1 93  ? -11.574 9.161   1.123   1.00 34.28 ? 90  GLN A CA  1 
ATOM   672  C  C   . GLN A 1 93  ? -10.168 8.537   1.061   1.00 33.77 ? 90  GLN A C   1 
ATOM   673  O  O   . GLN A 1 93  ? -9.841  7.777   0.140   1.00 33.37 ? 90  GLN A O   1 
ATOM   674  C  CB  . GLN A 1 93  ? -11.644 10.521  0.407   1.00 33.05 ? 90  GLN A CB  1 
ATOM   675  C  CG  . GLN A 1 93  ? -13.051 10.904  -0.057  1.00 34.78 ? 90  GLN A CG  1 
ATOM   676  C  CD  . GLN A 1 93  ? -13.137 12.315  -0.649  1.00 37.41 ? 90  GLN A CD  1 
ATOM   677  O  OE1 . GLN A 1 93  ? -14.114 12.651  -1.343  1.00 42.50 ? 90  GLN A OE1 1 
ATOM   678  N  NE2 . GLN A 1 93  ? -12.125 13.140  -0.398  1.00 40.39 ? 90  GLN A NE2 1 
ATOM   679  N  N   . ILE A 1 94  ? -9.325  8.849   2.039   1.00 33.58 ? 91  ILE A N   1 
ATOM   680  C  CA  . ILE A 1 94  ? -8.029  8.209   2.128   1.00 33.48 ? 91  ILE A CA  1 
ATOM   681  C  C   . ILE A 1 94  ? -8.166  6.699   2.330   1.00 33.23 ? 91  ILE A C   1 
ATOM   682  O  O   . ILE A 1 94  ? -7.480  5.918   1.682   1.00 32.82 ? 91  ILE A O   1 
ATOM   683  C  CB  . ILE A 1 94  ? -7.165  8.795   3.309   1.00 34.85 ? 91  ILE A CB  1 
ATOM   684  C  CG1 . ILE A 1 94  ? -6.717  10.211  2.987   1.00 33.99 ? 91  ILE A CG1 1 
ATOM   685  C  CG2 . ILE A 1 94  ? -5.993  7.816   3.678   1.00 33.86 ? 91  ILE A CG2 1 
ATOM   686  C  CD1 . ILE A 1 94  ? -6.159  10.952  4.236   1.00 37.49 ? 91  ILE A CD1 1 
ATOM   687  N  N   . VAL A 1 95  ? -9.048  6.266   3.222   1.00 32.09 ? 92  VAL A N   1 
ATOM   688  C  CA  . VAL A 1 95  ? -9.168  4.821   3.443   1.00 32.95 ? 92  VAL A CA  1 
ATOM   689  C  C   . VAL A 1 95  ? -9.712  4.111   2.157   1.00 31.62 ? 92  VAL A C   1 
ATOM   690  O  O   . VAL A 1 95  ? -9.271  3.034   1.804   1.00 29.67 ? 92  VAL A O   1 
ATOM   691  C  CB  . VAL A 1 95  ? -10.082 4.508   4.659   1.00 31.13 ? 92  VAL A CB  1 
ATOM   692  C  CG1 . VAL A 1 95  ? -10.218 2.959   4.883   1.00 33.51 ? 92  VAL A CG1 1 
ATOM   693  C  CG2 . VAL A 1 95  ? -9.525  5.215   5.915   1.00 36.30 ? 92  VAL A CG2 1 
ATOM   694  N  N   . LYS A 1 96  ? -10.677 4.738   1.498   1.00 30.32 ? 93  LYS A N   1 
ATOM   695  C  CA  . LYS A 1 96  ? -11.276 4.196   0.261   1.00 30.66 ? 93  LYS A CA  1 
ATOM   696  C  C   . LYS A 1 96  ? -10.187 4.105   -0.804  1.00 30.89 ? 93  LYS A C   1 
ATOM   697  O  O   . LYS A 1 96  ? -10.140 3.139   -1.553  1.00 30.62 ? 93  LYS A O   1 
ATOM   698  C  CB  . LYS A 1 96  ? -12.362 5.125   -0.243  1.00 30.04 ? 93  LYS A CB  1 
ATOM   699  C  CG  . LYS A 1 96  ? -13.688 4.997   0.461   1.00 29.62 ? 93  LYS A CG  1 
ATOM   700  C  CD  . LYS A 1 96  ? -14.786 5.853   -0.232  1.00 31.28 ? 93  LYS A CD  1 
ATOM   701  C  CE  . LYS A 1 96  ? -16.094 5.560   0.551   1.00 33.89 ? 93  LYS A CE  1 
ATOM   702  N  NZ  . LYS A 1 96  ? -17.245 6.173   -0.053  1.00 36.92 ? 93  LYS A NZ  1 
ATOM   703  N  N   . LEU A 1 97  ? -9.298  5.098   -0.848  1.00 31.52 ? 94  LEU A N   1 
ATOM   704  C  CA  . LEU A 1 97  ? -8.161  5.054   -1.798  1.00 32.56 ? 94  LEU A CA  1 
ATOM   705  C  C   . LEU A 1 97  ? -7.254  3.837   -1.558  1.00 33.15 ? 94  LEU A C   1 
ATOM   706  O  O   . LEU A 1 97  ? -6.894  3.121   -2.512  1.00 30.92 ? 94  LEU A O   1 
ATOM   707  C  CB  . LEU A 1 97  ? -7.336  6.346   -1.740  1.00 32.04 ? 94  LEU A CB  1 
ATOM   708  C  CG  . LEU A 1 97  ? -5.970  6.363   -2.410  1.00 32.75 ? 94  LEU A CG  1 
ATOM   709  C  CD1 . LEU A 1 97  ? -6.197  6.328   -3.921  1.00 29.96 ? 94  LEU A CD1 1 
ATOM   710  C  CD2 . LEU A 1 97  ? -5.163  7.614   -1.997  1.00 32.40 ? 94  LEU A CD2 1 
ATOM   711  N  N   . PHE A 1 98  ? -6.880  3.614   -0.296  1.00 34.32 ? 95  PHE A N   1 
ATOM   712  C  CA  . PHE A 1 98  ? -5.965  2.499   0.006   1.00 36.34 ? 95  PHE A CA  1 
ATOM   713  C  C   . PHE A 1 98  ? -6.578  1.170   -0.390  1.00 35.97 ? 95  PHE A C   1 
ATOM   714  O  O   . PHE A 1 98  ? -5.902  0.305   -0.979  1.00 36.46 ? 95  PHE A O   1 
ATOM   715  C  CB  . PHE A 1 98  ? -5.463  2.522   1.476   1.00 37.85 ? 95  PHE A CB  1 
ATOM   716  C  CG  . PHE A 1 98  ? -4.609  3.737   1.818   1.00 41.01 ? 95  PHE A CG  1 
ATOM   717  C  CD1 . PHE A 1 98  ? -4.226  4.637   0.840   1.00 46.46 ? 95  PHE A CD1 1 
ATOM   718  C  CD2 . PHE A 1 98  ? -4.166  3.961   3.100   1.00 46.89 ? 95  PHE A CD2 1 
ATOM   719  C  CE1 . PHE A 1 98  ? -3.441  5.742   1.154   1.00 48.36 ? 95  PHE A CE1 1 
ATOM   720  C  CE2 . PHE A 1 98  ? -3.366  5.077   3.416   1.00 45.06 ? 95  PHE A CE2 1 
ATOM   721  C  CZ  . PHE A 1 98  ? -3.005  5.949   2.451   1.00 44.45 ? 95  PHE A CZ  1 
ATOM   722  N  N   . LEU A 1 99  ? -7.868  1.004   -0.123  1.00 36.16 ? 96  LEU A N   1 
ATOM   723  C  CA  . LEU A 1 99  ? -8.538  -0.240  -0.462  1.00 36.28 ? 96  LEU A CA  1 
ATOM   724  C  C   . LEU A 1 99  ? -8.816  -0.375  -1.943  1.00 36.31 ? 96  LEU A C   1 
ATOM   725  O  O   . LEU A 1 99  ? -8.855  -1.482  -2.469  1.00 36.47 ? 96  LEU A O   1 
ATOM   726  C  CB  . LEU A 1 99  ? -9.803  -0.451  0.396   1.00 37.47 ? 96  LEU A CB  1 
ATOM   727  C  CG  . LEU A 1 99  ? -9.484  -0.691  1.878   1.00 37.99 ? 96  LEU A CG  1 
ATOM   728  C  CD1 . LEU A 1 99  ? -10.763 -0.920  2.635   1.00 38.92 ? 96  LEU A CD1 1 
ATOM   729  C  CD2 . LEU A 1 99  ? -8.531  -1.890  2.104   1.00 41.33 ? 96  LEU A CD2 1 
ATOM   730  N  N   . GLU A 1 100 ? -8.980  0.753   -2.632  1.00 35.08 ? 97  GLU A N   1 
ATOM   731  C  CA  . GLU A 1 100 ? -9.094  0.741   -4.074  1.00 35.45 ? 97  GLU A CA  1 
ATOM   732  C  C   . GLU A 1 100 ? -7.787  0.205   -4.718  1.00 35.85 ? 97  GLU A C   1 
ATOM   733  O  O   . GLU A 1 100 ? -7.818  -0.631  -5.643  1.00 35.74 ? 97  GLU A O   1 
ATOM   734  C  CB  . GLU A 1 100 ? -9.451  2.146   -4.579  1.00 35.85 ? 97  GLU A CB  1 
ATOM   735  C  CG  . GLU A 1 100 ? -9.478  2.295   -6.091  1.00 38.08 ? 97  GLU A CG  1 
ATOM   736  C  CD  . GLU A 1 100 ? -9.022  3.672   -6.560  1.00 42.69 ? 97  GLU A CD  1 
ATOM   737  O  OE1 . GLU A 1 100 ? -9.474  4.721   -6.016  1.00 45.40 ? 97  GLU A OE1 1 
ATOM   738  O  OE2 . GLU A 1 100 ? -8.212  3.712   -7.500  1.00 44.09 ? 97  GLU A OE2 1 
ATOM   739  N  N   . ILE A 1 101 ? -6.658  0.711   -4.228  1.00 36.00 ? 98  ILE A N   1 
ATOM   740  C  CA  . ILE A 1 101 ? -5.339  0.298   -4.687  1.00 37.86 ? 98  ILE A CA  1 
ATOM   741  C  C   . ILE A 1 101 ? -5.072  -1.212  -4.444  1.00 39.26 ? 98  ILE A C   1 
ATOM   742  O  O   . ILE A 1 101 ? -4.488  -1.898  -5.297  1.00 39.48 ? 98  ILE A O   1 
ATOM   743  C  CB  . ILE A 1 101 ? -4.273  1.287   -4.174  1.00 37.21 ? 98  ILE A CB  1 
ATOM   744  C  CG1 . ILE A 1 101 ? -4.529  2.649   -4.858  1.00 37.25 ? 98  ILE A CG1 1 
ATOM   745  C  CG2 . ILE A 1 101 ? -2.855  0.776   -4.437  1.00 37.50 ? 98  ILE A CG2 1 
ATOM   746  C  CD1 . ILE A 1 101 ? -3.619  3.782   -4.419  1.00 40.70 ? 98  ILE A CD1 1 
ATOM   747  N  N   . TYR A 1 102 ? -5.596  -1.750  -3.341  1.00 40.53 ? 99  TYR A N   1 
ATOM   748  C  CA  . TYR A 1 102 ? -5.691  -3.220  -3.145  1.00 41.36 ? 99  TYR A CA  1 
ATOM   749  C  C   . TYR A 1 102 ? -6.552  -3.980  -4.195  1.00 42.54 ? 99  TYR A C   1 
ATOM   750  O  O   . TYR A 1 102 ? -6.122  -4.983  -4.798  1.00 42.84 ? 99  TYR A O   1 
ATOM   751  C  CB  . TYR A 1 102 ? -6.216  -3.487  -1.741  1.00 42.16 ? 99  TYR A CB  1 
ATOM   752  C  CG  . TYR A 1 102 ? -6.321  -4.954  -1.406  1.00 41.65 ? 99  TYR A CG  1 
ATOM   753  C  CD1 . TYR A 1 102 ? -5.186  -5.683  -0.994  1.00 41.07 ? 99  TYR A CD1 1 
ATOM   754  C  CD2 . TYR A 1 102 ? -7.555  -5.612  -1.482  1.00 40.98 ? 99  TYR A CD2 1 
ATOM   755  C  CE1 . TYR A 1 102 ? -5.272  -7.031  -0.680  1.00 40.53 ? 99  TYR A CE1 1 
ATOM   756  C  CE2 . TYR A 1 102 ? -7.650  -6.958  -1.160  1.00 41.67 ? 99  TYR A CE2 1 
ATOM   757  C  CZ  . TYR A 1 102 ? -6.507  -7.663  -0.766  1.00 41.47 ? 99  TYR A CZ  1 
ATOM   758  O  OH  . TYR A 1 102 ? -6.612  -8.983  -0.470  1.00 38.76 ? 99  TYR A OH  1 
ATOM   759  N  N   . ALA A 1 103 ? -7.769  -3.501  -4.419  1.00 43.03 ? 100 ALA A N   1 
ATOM   760  C  CA  . ALA A 1 103 ? -8.642  -4.031  -5.448  1.00 43.78 ? 100 ALA A CA  1 
ATOM   761  C  C   . ALA A 1 103 ? -7.991  -4.031  -6.848  1.00 44.21 ? 100 ALA A C   1 
ATOM   762  O  O   . ALA A 1 103 ? -8.227  -4.938  -7.660  1.00 44.74 ? 100 ALA A O   1 
ATOM   763  C  CB  . ALA A 1 103 ? -9.960  -3.225  -5.478  1.00 44.05 ? 100 ALA A CB  1 
ATOM   764  N  N   . THR A 1 104 ? -7.182  -3.014  -7.140  1.00 43.99 ? 101 THR A N   1 
ATOM   765  C  CA  . THR A 1 104 ? -6.599  -2.916  -8.474  1.00 43.83 ? 101 THR A CA  1 
ATOM   766  C  C   . THR A 1 104 ? -5.190  -3.505  -8.523  1.00 42.92 ? 101 THR A C   1 
ATOM   767  O  O   . THR A 1 104 ? -4.877  -4.227  -9.446  1.00 43.57 ? 101 THR A O   1 
ATOM   768  C  CB  . THR A 1 104 ? -6.661  -1.475  -9.042  1.00 44.09 ? 101 THR A CB  1 
ATOM   769  O  OG1 . THR A 1 104 ? -5.981  -0.592  -8.169  1.00 46.14 ? 101 THR A OG1 1 
ATOM   770  C  CG2 . THR A 1 104 ? -8.088  -1.009  -9.126  1.00 43.79 ? 101 THR A CG2 1 
ATOM   771  N  N   . SER A 1 105 ? -4.389  -3.248  -7.494  1.00 42.12 ? 102 SER A N   1 
ATOM   772  C  CA  . SER A 1 105 ? -2.950  -3.527  -7.496  1.00 41.55 ? 102 SER A CA  1 
ATOM   773  C  C   . SER A 1 105 ? -2.518  -4.456  -6.366  1.00 39.89 ? 102 SER A C   1 
ATOM   774  O  O   . SER A 1 105 ? -1.493  -4.210  -5.727  1.00 40.52 ? 102 SER A O   1 
ATOM   775  C  CB  . SER A 1 105 ? -2.166  -2.209  -7.372  1.00 41.45 ? 102 SER A CB  1 
ATOM   776  O  OG  . SER A 1 105 ? -2.061  -1.565  -8.623  1.00 43.22 ? 102 SER A OG  1 
ATOM   777  N  N   . ARG A 1 106 ? -3.278  -5.522  -6.137  1.00 38.88 ? 103 ARG A N   1 
ATOM   778  C  CA  . ARG A 1 106 ? -3.040  -6.423  -5.003  1.00 37.62 ? 103 ARG A CA  1 
ATOM   779  C  C   . ARG A 1 106 ? -1.582  -6.923  -4.906  1.00 36.83 ? 103 ARG A C   1 
ATOM   780  O  O   . ARG A 1 106 ? -0.936  -6.802  -3.846  1.00 35.57 ? 103 ARG A O   1 
ATOM   781  C  CB  . ARG A 1 106 ? -3.998  -7.622  -5.037  1.00 37.73 ? 103 ARG A CB  1 
ATOM   782  C  CG  . ARG A 1 106 ? -3.906  -8.429  -3.729  1.00 37.50 ? 103 ARG A CG  1 
ATOM   783  C  CD  . ARG A 1 106 ? -4.793  -9.679  -3.668  1.00 38.79 ? 103 ARG A CD  1 
ATOM   784  N  NE  . ARG A 1 106 ? -4.576  -10.320 -2.364  1.00 39.24 ? 103 ARG A NE  1 
ATOM   785  C  CZ  . ARG A 1 106 ? -3.583  -11.172 -2.122  1.00 40.34 ? 103 ARG A CZ  1 
ATOM   786  N  NH1 . ARG A 1 106 ? -2.749  -11.527 -3.095  1.00 40.43 ? 103 ARG A NH1 1 
ATOM   787  N  NH2 . ARG A 1 106 ? -3.423  -11.685 -0.912  1.00 41.46 ? 103 ARG A NH2 1 
ATOM   788  N  N   . ASP A 1 107 ? -1.079  -7.489  -6.005  1.00 34.97 ? 104 ASP A N   1 
ATOM   789  C  CA  . ASP A 1 107 ? 0.280   -8.016  -6.041  1.00 35.13 ? 104 ASP A CA  1 
ATOM   790  C  C   . ASP A 1 107 ? 1.345   -7.014  -5.599  1.00 34.82 ? 104 ASP A C   1 
ATOM   791  O  O   . ASP A 1 107 ? 2.164   -7.328  -4.745  1.00 33.25 ? 104 ASP A O   1 
ATOM   792  C  CB  . ASP A 1 107 ? 0.621   -8.514  -7.447  1.00 34.94 ? 104 ASP A CB  1 
ATOM   793  C  CG  . ASP A 1 107 ? -0.102  -9.783  -7.804  1.00 36.32 ? 104 ASP A CG  1 
ATOM   794  O  OD1 . ASP A 1 107 ? -0.583  -10.485 -6.883  1.00 37.20 ? 104 ASP A OD1 1 
ATOM   795  O  OD2 . ASP A 1 107 ? -0.192  -10.076 -9.017  1.00 40.15 ? 104 ASP A OD2 1 
ATOM   796  N  N   . ARG A 1 108 ? 1.368   -5.841  -6.237  1.00 35.92 ? 105 ARG A N   1 
ATOM   797  C  CA  . ARG A 1 108 ? 2.355   -4.800  -5.905  1.00 38.08 ? 105 ARG A CA  1 
ATOM   798  C  C   . ARG A 1 108 ? 2.136   -4.298  -4.467  1.00 38.68 ? 105 ARG A C   1 
ATOM   799  O  O   . ARG A 1 108 ? 3.087   -4.002  -3.762  1.00 38.50 ? 105 ARG A O   1 
ATOM   800  C  CB  . ARG A 1 108 ? 2.320   -3.641  -6.924  1.00 37.82 ? 105 ARG A CB  1 
ATOM   801  C  CG  . ARG A 1 108 ? 3.032   -3.910  -8.297  1.00 38.96 ? 105 ARG A CG  1 
ATOM   802  C  CD  . ARG A 1 108 ? 2.872   -2.684  -9.197  1.00 39.79 ? 105 ARG A CD  1 
ATOM   803  N  NE  . ARG A 1 108 ? 3.287   -2.832  -10.605 1.00 44.78 ? 105 ARG A NE  1 
ATOM   804  C  CZ  . ARG A 1 108 ? 2.659   -3.574  -11.527 1.00 46.03 ? 105 ARG A CZ  1 
ATOM   805  N  NH1 . ARG A 1 108 ? 3.113   -3.620  -12.772 1.00 45.40 ? 105 ARG A NH1 1 
ATOM   806  N  NH2 . ARG A 1 108 ? 1.594   -4.295  -11.214 1.00 48.42 ? 105 ARG A NH2 1 
ATOM   807  N  N   . HIS A 1 109 ? 0.876   -4.255  -4.032  1.00 40.44 ? 106 HIS A N   1 
ATOM   808  C  CA  . HIS A 1 109 ? 0.510   -3.900  -2.643  1.00 42.23 ? 106 HIS A CA  1 
ATOM   809  C  C   . HIS A 1 109 ? 1.104   -4.904  -1.639  1.00 42.07 ? 106 HIS A C   1 
ATOM   810  O  O   . HIS A 1 109 ? 1.854   -4.543  -0.727  1.00 41.58 ? 106 HIS A O   1 
ATOM   811  C  CB  . HIS A 1 109 ? -1.019  -3.877  -2.545  1.00 43.51 ? 106 HIS A CB  1 
ATOM   812  C  CG  . HIS A 1 109 ? -1.570  -3.077  -1.404  1.00 49.04 ? 106 HIS A CG  1 
ATOM   813  N  ND1 . HIS A 1 109 ? -1.854  -3.635  -0.170  1.00 55.52 ? 106 HIS A ND1 1 
ATOM   814  C  CD2 . HIS A 1 109 ? -1.941  -1.773  -1.327  1.00 53.49 ? 106 HIS A CD2 1 
ATOM   815  C  CE1 . HIS A 1 109 ? -2.365  -2.700  0.619   1.00 58.32 ? 106 HIS A CE1 1 
ATOM   816  N  NE2 . HIS A 1 109 ? -2.438  -1.564  -0.061  1.00 56.30 ? 106 HIS A NE2 1 
ATOM   817  N  N   . VAL A 1 110 ? 0.784   -6.181  -1.820  1.00 42.02 ? 107 VAL A N   1 
ATOM   818  C  CA  . VAL A 1 110 ? 1.359   -7.238  -0.985  1.00 41.15 ? 107 VAL A CA  1 
ATOM   819  C  C   . VAL A 1 110 ? 2.894   -7.118  -0.941  1.00 41.89 ? 107 VAL A C   1 
ATOM   820  O  O   . VAL A 1 110 ? 3.489   -7.151  0.146   1.00 41.32 ? 107 VAL A O   1 
ATOM   821  C  CB  . VAL A 1 110 ? 0.929   -8.664  -1.452  1.00 40.81 ? 107 VAL A CB  1 
ATOM   822  C  CG1 . VAL A 1 110 ? 1.655   -9.756  -0.650  1.00 39.90 ? 107 VAL A CG1 1 
ATOM   823  C  CG2 . VAL A 1 110 ? -0.575  -8.837  -1.355  1.00 39.48 ? 107 VAL A CG2 1 
ATOM   824  N  N   . VAL A 1 111 ? 3.523   -6.939  -2.111  1.00 41.64 ? 108 VAL A N   1 
ATOM   825  C  CA  . VAL A 1 111 ? 4.996   -6.824  -2.195  1.00 42.01 ? 108 VAL A CA  1 
ATOM   826  C  C   . VAL A 1 111 ? 5.537   -5.618  -1.367  1.00 42.71 ? 108 VAL A C   1 
ATOM   827  O  O   . VAL A 1 111 ? 6.582   -5.746  -0.710  1.00 41.74 ? 108 VAL A O   1 
ATOM   828  C  CB  . VAL A 1 111 ? 5.520   -6.860  -3.681  1.00 41.90 ? 108 VAL A CB  1 
ATOM   829  C  CG1 . VAL A 1 111 ? 7.007   -6.581  -3.752  1.00 42.14 ? 108 VAL A CG1 1 
ATOM   830  C  CG2 . VAL A 1 111 ? 5.270   -8.223  -4.321  1.00 40.95 ? 108 VAL A CG2 1 
HETATM 831  N  N   . MSE A 1 112 ? 4.828   -4.479  -1.397  1.00 43.40 ? 109 MSE A N   1 
HETATM 832  C  CA  A MSE A 1 112 ? 5.137   -3.313  -0.538  0.50 44.32 ? 109 MSE A CA  1 
HETATM 833  C  CA  B MSE A 1 112 ? 5.183   -3.347  -0.544  0.50 45.62 ? 109 MSE A CA  1 
HETATM 834  C  C   . MSE A 1 112 ? 5.143   -3.781  0.926   1.00 46.10 ? 109 MSE A C   1 
HETATM 835  O  O   . MSE A 1 112 ? 6.168   -3.720  1.621   1.00 46.48 ? 109 MSE A O   1 
HETATM 836  C  CB  A MSE A 1 112 ? 4.112   -2.150  -0.745  0.50 44.20 ? 109 MSE A CB  1 
HETATM 837  C  CB  B MSE A 1 112 ? 4.258   -2.144  -0.790  0.50 45.88 ? 109 MSE A CB  1 
HETATM 838  C  CG  A MSE A 1 112 ? 4.430   -0.780  -0.010  0.50 42.85 ? 109 MSE A CG  1 
HETATM 839  C  CG  B MSE A 1 112 ? 4.726   -0.811  -0.158  0.50 47.82 ? 109 MSE A CG  1 
HETATM 840  SE SE  A MSE A 1 112 ? 3.228   0.823   -0.237  0.35 41.90 ? 109 MSE A SE  1 
HETATM 841  SE SE  B MSE A 1 112 ? 6.471   -0.130  -0.792  0.50 55.44 ? 109 MSE A SE  1 
HETATM 842  C  CE  A MSE A 1 112 ? 1.559   -0.022  0.325   0.50 38.94 ? 109 MSE A CE  1 
HETATM 843  C  CE  B MSE A 1 112 ? 7.637   -0.965  0.540   0.50 51.33 ? 109 MSE A CE  1 
ATOM   844  N  N   . LEU A 1 113 ? 3.980   -4.270  1.368   1.00 47.63 ? 110 LEU A N   1 
ATOM   845  C  CA  . LEU A 1 113 ? 3.735   -4.718  2.751   1.00 49.30 ? 110 LEU A CA  1 
ATOM   846  C  C   . LEU A 1 113 ? 4.593   -5.885  3.216   1.00 50.14 ? 110 LEU A C   1 
ATOM   847  O  O   . LEU A 1 113 ? 4.563   -6.221  4.392   1.00 51.67 ? 110 LEU A O   1 
ATOM   848  C  CB  . LEU A 1 113 ? 2.246   -5.066  2.946   1.00 48.66 ? 110 LEU A CB  1 
ATOM   849  C  CG  . LEU A 1 113 ? 1.255   -3.928  2.643   1.00 50.21 ? 110 LEU A CG  1 
ATOM   850  C  CD1 . LEU A 1 113 ? -0.198  -4.336  2.821   1.00 50.19 ? 110 LEU A CD1 1 
ATOM   851  C  CD2 . LEU A 1 113 ? 1.563   -2.651  3.477   1.00 53.05 ? 110 LEU A CD2 1 
ATOM   852  N  N   . THR A 1 114 ? 5.375   -6.488  2.324   1.00 51.32 ? 111 THR A N   1 
ATOM   853  C  CA  . THR A 1 114 ? 5.976   -7.802  2.607   1.00 52.06 ? 111 THR A CA  1 
ATOM   854  C  C   . THR A 1 114 ? 7.460   -7.969  2.255   1.00 52.65 ? 111 THR A C   1 
ATOM   855  O  O   . THR A 1 114 ? 8.148   -8.790  2.866   1.00 52.57 ? 111 THR A O   1 
ATOM   856  C  CB  . THR A 1 114 ? 5.131   -8.936  1.923   1.00 52.34 ? 111 THR A CB  1 
ATOM   857  O  OG1 . THR A 1 114 ? 4.073   -9.348  2.802   1.00 52.53 ? 111 THR A OG1 1 
ATOM   858  C  CG2 . THR A 1 114 ? 5.978   -10.158 1.524   1.00 52.97 ? 111 THR A CG2 1 
ATOM   859  N  N   . CYS A 1 115 ? 7.947   -7.209  1.271   1.00 53.42 ? 112 CYS A N   1 
ATOM   860  C  CA  . CYS A 1 115 ? 9.242   -7.519  0.629   1.00 54.09 ? 112 CYS A CA  1 
ATOM   861  C  C   . CYS A 1 115 ? 10.346  -6.471  0.780   1.00 54.23 ? 112 CYS A C   1 
ATOM   862  O  O   . CYS A 1 115 ? 11.450  -6.653  0.264   1.00 53.98 ? 112 CYS A O   1 
ATOM   863  C  CB  . CYS A 1 115 ? 9.035   -7.811  -0.855  1.00 54.34 ? 112 CYS A CB  1 
ATOM   864  S  SG  . CYS A 1 115 ? 8.481   -9.472  -1.232  1.00 55.91 ? 112 CYS A SG  1 
ATOM   865  N  N   . LEU A 1 116 ? 10.044  -5.378  1.475   1.00 54.82 ? 113 LEU A N   1 
ATOM   866  C  CA  . LEU A 1 116 ? 10.993  -4.286  1.652   1.00 55.82 ? 113 LEU A CA  1 
ATOM   867  C  C   . LEU A 1 116 ? 12.394  -4.709  2.151   1.00 56.31 ? 113 LEU A C   1 
ATOM   868  O  O   . LEU A 1 116 ? 13.394  -4.102  1.764   1.00 56.24 ? 113 LEU A O   1 
ATOM   869  C  CB  . LEU A 1 116 ? 10.382  -3.207  2.556   1.00 55.75 ? 113 LEU A CB  1 
ATOM   870  C  CG  . LEU A 1 116 ? 11.100  -1.860  2.645   1.00 56.20 ? 113 LEU A CG  1 
ATOM   871  C  CD1 . LEU A 1 116 ? 11.343  -1.265  1.266   1.00 56.73 ? 113 LEU A CD1 1 
ATOM   872  C  CD2 . LEU A 1 116 ? 10.301  -0.905  3.491   1.00 56.38 ? 113 LEU A CD2 1 
ATOM   873  N  N   . ASP A 1 117 ? 12.468  -5.753  2.981   1.00 56.95 ? 114 ASP A N   1 
ATOM   874  C  CA  . ASP A 1 117 ? 13.752  -6.173  3.567   1.00 57.68 ? 114 ASP A CA  1 
ATOM   875  C  C   . ASP A 1 117 ? 14.708  -6.817  2.565   1.00 57.88 ? 114 ASP A C   1 
ATOM   876  O  O   . ASP A 1 117 ? 15.929  -6.808  2.767   1.00 58.11 ? 114 ASP A O   1 
ATOM   877  C  CB  . ASP A 1 117 ? 13.560  -7.075  4.800   1.00 57.94 ? 114 ASP A CB  1 
ATOM   878  C  CG  . ASP A 1 117 ? 12.667  -8.277  4.528   1.00 58.76 ? 114 ASP A CG  1 
ATOM   879  O  OD1 . ASP A 1 117 ? 11.519  -8.080  4.054   1.00 58.67 ? 114 ASP A OD1 1 
ATOM   880  O  OD2 . ASP A 1 117 ? 13.104  -9.417  4.819   1.00 58.39 ? 114 ASP A OD2 1 
ATOM   881  N  N   . ALA A 1 118 ? 14.154  -7.362  1.482   1.00 57.88 ? 115 ALA A N   1 
ATOM   882  C  CA  . ALA A 1 118 ? 14.959  -8.018  0.452   1.00 57.77 ? 115 ALA A CA  1 
ATOM   883  C  C   . ALA A 1 118 ? 15.946  -7.060  -0.219  1.00 57.68 ? 115 ALA A C   1 
ATOM   884  O  O   . ALA A 1 118 ? 16.878  -7.490  -0.894  1.00 57.58 ? 115 ALA A O   1 
ATOM   885  C  CB  . ALA A 1 118 ? 14.058  -8.672  -0.577  1.00 57.85 ? 115 ALA A CB  1 
ATOM   886  N  N   . LEU A 1 119 ? 15.734  -5.761  -0.016  1.00 57.67 ? 116 LEU A N   1 
ATOM   887  C  CA  . LEU A 1 119 ? 16.591  -4.719  -0.581  1.00 57.69 ? 116 LEU A CA  1 
ATOM   888  C  C   . LEU A 1 119 ? 17.840  -4.453  0.282   1.00 58.09 ? 116 LEU A C   1 
ATOM   889  O  O   . LEU A 1 119 ? 17.883  -4.892  1.436   1.00 58.10 ? 116 LEU A O   1 
ATOM   890  C  CB  . LEU A 1 119 ? 15.778  -3.434  -0.780  1.00 57.33 ? 116 LEU A CB  1 
ATOM   891  C  CG  . LEU A 1 119 ? 14.747  -3.499  -1.910  1.00 56.75 ? 116 LEU A CG  1 
ATOM   892  C  CD1 . LEU A 1 119 ? 13.972  -2.207  -2.003  1.00 54.52 ? 116 LEU A CD1 1 
ATOM   893  C  CD2 . LEU A 1 119 ? 15.419  -3.831  -3.253  1.00 55.26 ? 116 LEU A CD2 1 
ATOM   894  N  N   . PRO A 1 120 ? 18.870  -3.773  -0.289  1.00 58.43 ? 117 PRO A N   1 
ATOM   895  C  CA  . PRO A 1 120 ? 20.040  -3.261  0.460   1.00 58.77 ? 117 PRO A CA  1 
ATOM   896  C  C   . PRO A 1 120 ? 19.691  -2.308  1.626   1.00 58.97 ? 117 PRO A C   1 
ATOM   897  O  O   . PRO A 1 120 ? 18.722  -2.549  2.350   1.00 59.24 ? 117 PRO A O   1 
ATOM   898  C  CB  . PRO A 1 120 ? 20.853  -2.521  -0.615  1.00 58.63 ? 117 PRO A CB  1 
ATOM   899  C  CG  . PRO A 1 120 ? 20.447  -3.137  -1.893  1.00 58.67 ? 117 PRO A CG  1 
ATOM   900  C  CD  . PRO A 1 120 ? 19.002  -3.507  -1.736  1.00 58.40 ? 117 PRO A CD  1 
ATOM   901  N  N   . GLU A 1 121 ? 20.479  -1.249  1.814   1.00 59.09 ? 118 GLU A N   1 
ATOM   902  C  CA  . GLU A 1 121 ? 20.253  -0.337  2.937   1.00 59.13 ? 118 GLU A CA  1 
ATOM   903  C  C   . GLU A 1 121 ? 19.827  1.062   2.536   1.00 58.80 ? 118 GLU A C   1 
ATOM   904  O  O   . GLU A 1 121 ? 18.890  1.612   3.113   1.00 58.83 ? 118 GLU A O   1 
ATOM   905  C  CB  . GLU A 1 121 ? 21.459  -0.290  3.883   1.00 59.48 ? 118 GLU A CB  1 
ATOM   906  C  CG  . GLU A 1 121 ? 21.520  -1.466  4.857   1.00 60.70 ? 118 GLU A CG  1 
ATOM   907  C  CD  . GLU A 1 121 ? 20.157  -1.819  5.452   1.00 62.15 ? 118 GLU A CD  1 
ATOM   908  O  OE1 . GLU A 1 121 ? 19.615  -2.888  5.092   1.00 62.42 ? 118 GLU A OE1 1 
ATOM   909  O  OE2 . GLU A 1 121 ? 19.626  -1.023  6.264   1.00 62.28 ? 118 GLU A OE2 1 
ATOM   910  N  N   . ASP A 1 122 ? 20.515  1.632   1.552   1.00 58.29 ? 119 ASP A N   1 
ATOM   911  C  CA  . ASP A 1 122 ? 20.214  2.986   1.082   1.00 57.76 ? 119 ASP A CA  1 
ATOM   912  C  C   . ASP A 1 122 ? 18.818  3.106   0.442   1.00 57.05 ? 119 ASP A C   1 
ATOM   913  O  O   . ASP A 1 122 ? 18.084  4.065   0.710   1.00 56.93 ? 119 ASP A O   1 
ATOM   914  C  CB  . ASP A 1 122 ? 21.312  3.499   0.129   1.00 58.10 ? 119 ASP A CB  1 
ATOM   915  C  CG  . ASP A 1 122 ? 21.766  2.446   -0.888  1.00 59.09 ? 119 ASP A CG  1 
ATOM   916  O  OD1 . ASP A 1 122 ? 22.541  1.535   -0.510  1.00 60.11 ? 119 ASP A OD1 1 
ATOM   917  O  OD2 . ASP A 1 122 ? 21.364  2.544   -2.072  1.00 59.61 ? 119 ASP A OD2 1 
ATOM   918  N  N   . GLN A 1 123 ? 18.459  2.129   -0.392  1.00 55.95 ? 120 GLN A N   1 
ATOM   919  C  CA  . GLN A 1 123 ? 17.181  2.169   -1.105  1.00 54.85 ? 120 GLN A CA  1 
ATOM   920  C  C   . GLN A 1 123 ? 16.038  1.698   -0.219  1.00 53.60 ? 120 GLN A C   1 
ATOM   921  O  O   . GLN A 1 123 ? 14.900  2.142   -0.375  1.00 53.14 ? 120 GLN A O   1 
ATOM   922  C  CB  . GLN A 1 123 ? 17.240  1.402   -2.441  1.00 55.26 ? 120 GLN A CB  1 
ATOM   923  C  CG  . GLN A 1 123 ? 17.757  -0.032  -2.360  1.00 55.80 ? 120 GLN A CG  1 
ATOM   924  C  CD  . GLN A 1 123 ? 18.499  -0.462  -3.614  1.00 56.27 ? 120 GLN A CD  1 
ATOM   925  O  OE1 . GLN A 1 123 ? 17.962  -1.188  -4.449  1.00 56.03 ? 120 GLN A OE1 1 
ATOM   926  N  NE2 . GLN A 1 123 ? 19.744  -0.014  -3.750  1.00 57.35 ? 120 GLN A NE2 1 
ATOM   927  N  N   . ARG A 1 124 ? 16.354  0.809   0.719   1.00 52.20 ? 121 ARG A N   1 
ATOM   928  C  CA  . ARG A 1 124 ? 15.398  0.379   1.730   1.00 50.91 ? 121 ARG A CA  1 
ATOM   929  C  C   . ARG A 1 124 ? 14.939  1.611   2.493   1.00 50.07 ? 121 ARG A C   1 
ATOM   930  O  O   . ARG A 1 124 ? 13.747  1.811   2.693   1.00 50.00 ? 121 ARG A O   1 
ATOM   931  C  CB  . ARG A 1 124 ? 16.057  -0.592  2.693   1.00 51.02 ? 121 ARG A CB  1 
ATOM   932  C  CG  . ARG A 1 124 ? 15.162  -1.621  3.297   1.00 51.35 ? 121 ARG A CG  1 
ATOM   933  C  CD  . ARG A 1 124 ? 15.800  -2.144  4.556   1.00 54.08 ? 121 ARG A CD  1 
ATOM   934  N  NE  . ARG A 1 124 ? 15.842  -3.602  4.595   1.00 56.83 ? 121 ARG A NE  1 
ATOM   935  C  CZ  . ARG A 1 124 ? 16.576  -4.309  5.453   1.00 59.88 ? 121 ARG A CZ  1 
ATOM   936  N  NH1 . ARG A 1 124 ? 16.550  -5.638  5.412   1.00 60.97 ? 121 ARG A NH1 1 
ATOM   937  N  NH2 . ARG A 1 124 ? 17.349  -3.698  6.351   1.00 61.14 ? 121 ARG A NH2 1 
ATOM   938  N  N   . LYS A 1 125 ? 15.896  2.446   2.886   1.00 49.00 ? 122 LYS A N   1 
ATOM   939  C  CA  . LYS A 1 125 ? 15.607  3.605   3.720   1.00 48.01 ? 122 LYS A CA  1 
ATOM   940  C  C   . LYS A 1 125 ? 15.005  4.782   2.965   1.00 46.44 ? 122 LYS A C   1 
ATOM   941  O  O   . LYS A 1 125 ? 14.271  5.578   3.553   1.00 45.77 ? 122 LYS A O   1 
ATOM   942  C  CB  . LYS A 1 125 ? 16.844  4.031   4.505   1.00 48.27 ? 122 LYS A CB  1 
ATOM   943  C  CG  . LYS A 1 125 ? 17.162  3.097   5.673   1.00 50.23 ? 122 LYS A CG  1 
ATOM   944  C  CD  . LYS A 1 125 ? 18.473  3.474   6.339   1.00 52.76 ? 122 LYS A CD  1 
ATOM   945  C  CE  . LYS A 1 125 ? 18.722  2.634   7.594   1.00 54.04 ? 122 LYS A CE  1 
ATOM   946  N  NZ  . LYS A 1 125 ? 20.109  2.860   8.083   1.00 53.94 ? 122 LYS A NZ  1 
ATOM   947  N  N   . ALA A 1 126 ? 15.326  4.903   1.678   1.00 44.60 ? 123 ALA A N   1 
ATOM   948  C  CA  . ALA A 1 126 ? 14.603  5.822   0.801   1.00 43.08 ? 123 ALA A CA  1 
ATOM   949  C  C   . ALA A 1 126 ? 13.118  5.432   0.723   1.00 42.12 ? 123 ALA A C   1 
ATOM   950  O  O   . ALA A 1 126 ? 12.246  6.298   0.760   1.00 41.74 ? 123 ALA A O   1 
ATOM   951  C  CB  . ALA A 1 126 ? 15.222  5.842   -0.582  1.00 43.16 ? 123 ALA A CB  1 
ATOM   952  N  N   . LEU A 1 127 ? 12.846  4.129   0.624   1.00 41.03 ? 124 LEU A N   1 
ATOM   953  C  CA  . LEU A 1 127 ? 11.467  3.617   0.569   1.00 39.89 ? 124 LEU A CA  1 
ATOM   954  C  C   . LEU A 1 127 ? 10.797  3.637   1.929   1.00 39.15 ? 124 LEU A C   1 
ATOM   955  O  O   . LEU A 1 127 ? 9.616   3.925   2.020   1.00 37.81 ? 124 LEU A O   1 
ATOM   956  C  CB  . LEU A 1 127 ? 11.409  2.212   -0.045  1.00 39.89 ? 124 LEU A CB  1 
ATOM   957  C  CG  . LEU A 1 127 ? 11.682  2.176   -1.554  1.00 40.64 ? 124 LEU A CG  1 
ATOM   958  C  CD1 . LEU A 1 127 ? 12.179  0.814   -1.978  1.00 40.65 ? 124 LEU A CD1 1 
ATOM   959  C  CD2 . LEU A 1 127 ? 10.427  2.562   -2.332  1.00 41.13 ? 124 LEU A CD2 1 
ATOM   960  N  N   . ILE A 1 128 ? 11.556  3.343   2.986   1.00 38.61 ? 125 ILE A N   1 
ATOM   961  C  CA  . ILE A 1 128 ? 11.035  3.480   4.346   1.00 38.85 ? 125 ILE A CA  1 
ATOM   962  C  C   . ILE A 1 128 ? 10.640  4.948   4.596   1.00 37.67 ? 125 ILE A C   1 
ATOM   963  O  O   . ILE A 1 128 ? 9.657   5.219   5.288   1.00 37.73 ? 125 ILE A O   1 
ATOM   964  C  CB  . ILE A 1 128 ? 12.057  3.017   5.429   1.00 39.11 ? 125 ILE A CB  1 
ATOM   965  C  CG1 . ILE A 1 128 ? 12.155  1.484   5.432   1.00 41.18 ? 125 ILE A CG1 1 
ATOM   966  C  CG2 . ILE A 1 128 ? 11.593  3.455   6.842   1.00 40.05 ? 125 ILE A CG2 1 
ATOM   967  C  CD1 . ILE A 1 128 ? 13.383  0.924   6.179   1.00 39.78 ? 125 ILE A CD1 1 
ATOM   968  N  N   . ALA A 1 129 ? 11.420  5.879   4.050   1.00 36.12 ? 126 ALA A N   1 
ATOM   969  C  CA  . ALA A 1 129 ? 11.096  7.290   4.192   1.00 35.92 ? 126 ALA A CA  1 
ATOM   970  C  C   . ALA A 1 129 ? 9.751   7.635   3.529   1.00 34.63 ? 126 ALA A C   1 
ATOM   971  O  O   . ALA A 1 129 ? 8.985   8.436   4.055   1.00 34.83 ? 126 ALA A O   1 
ATOM   972  C  CB  . ALA A 1 129 ? 12.193  8.154   3.637   1.00 34.94 ? 126 ALA A CB  1 
ATOM   973  N  N   . LYS A 1 130 ? 9.482   7.047   2.364   1.00 34.30 ? 127 LYS A N   1 
ATOM   974  C  CA  . LYS A 1 130 ? 8.217   7.264   1.663   1.00 33.74 ? 127 LYS A CA  1 
ATOM   975  C  C   . LYS A 1 130 ? 7.030   6.659   2.397   1.00 33.68 ? 127 LYS A C   1 
ATOM   976  O  O   . LYS A 1 130 ? 5.955   7.232   2.398   1.00 33.10 ? 127 LYS A O   1 
ATOM   977  C  CB  . LYS A 1 130 ? 8.306   6.784   0.228   1.00 33.75 ? 127 LYS A CB  1 
ATOM   978  C  CG  . LYS A 1 130 ? 9.166   7.730   -0.629  1.00 35.48 ? 127 LYS A CG  1 
ATOM   979  C  CD  . LYS A 1 130 ? 9.413   7.165   -2.015  1.00 36.79 ? 127 LYS A CD  1 
ATOM   980  C  CE  . LYS A 1 130 ? 10.312  8.081   -2.853  1.00 40.47 ? 127 LYS A CE  1 
ATOM   981  N  NZ  . LYS A 1 130 ? 9.497   9.098   -3.559  1.00 41.69 ? 127 LYS A NZ  1 
ATOM   982  N  N   . GLN A 1 131 ? 7.240   5.498   3.023   1.00 34.42 ? 128 GLN A N   1 
ATOM   983  C  CA  A GLN A 1 131 ? 6.214   4.869   3.840   0.40 35.17 ? 128 GLN A CA  1 
ATOM   984  C  CA  B GLN A 1 131 ? 6.223   4.863   3.843   0.60 35.37 ? 128 GLN A CA  1 
ATOM   985  C  C   . GLN A 1 131 ? 5.901   5.735   5.059   1.00 34.85 ? 128 GLN A C   1 
ATOM   986  O  O   . GLN A 1 131 ? 4.773   5.803   5.496   1.00 35.25 ? 128 GLN A O   1 
ATOM   987  C  CB  A GLN A 1 131 ? 6.659   3.468   4.283   0.40 35.74 ? 128 GLN A CB  1 
ATOM   988  C  CB  B GLN A 1 131 ? 6.703   3.474   4.297   0.60 35.80 ? 128 GLN A CB  1 
ATOM   989  C  CG  A GLN A 1 131 ? 6.815   2.464   3.138   0.40 37.51 ? 128 GLN A CG  1 
ATOM   990  C  CG  B GLN A 1 131 ? 6.338   2.342   3.328   0.60 36.80 ? 128 GLN A CG  1 
ATOM   991  C  CD  A GLN A 1 131 ? 5.530   2.203   2.355   0.40 38.98 ? 128 GLN A CD  1 
ATOM   992  C  CD  B GLN A 1 131 ? 6.849   0.981   3.802   0.60 36.70 ? 128 GLN A CD  1 
ATOM   993  O  OE1 A GLN A 1 131 ? 5.545   2.189   1.125   0.40 41.35 ? 128 GLN A OE1 1 
ATOM   994  O  OE1 B GLN A 1 131 ? 7.918   0.887   4.396   0.60 38.42 ? 128 GLN A OE1 1 
ATOM   995  N  NE2 A GLN A 1 131 ? 4.419   1.980   3.060   0.40 39.78 ? 128 GLN A NE2 1 
ATOM   996  N  NE2 B GLN A 1 131 ? 6.082   -0.066  3.548   0.60 36.98 ? 128 GLN A NE2 1 
ATOM   997  N  N   . ARG A 1 132 ? 6.910   6.399   5.602   1.00 35.16 ? 129 ARG A N   1 
ATOM   998  C  CA  . ARG A 1 132 ? 6.703   7.307   6.729   1.00 36.07 ? 129 ARG A CA  1 
ATOM   999  C  C   . ARG A 1 132 ? 5.865   8.542   6.332   1.00 35.44 ? 129 ARG A C   1 
ATOM   1000 O  O   . ARG A 1 132 ? 5.022   9.004   7.107   1.00 35.05 ? 129 ARG A O   1 
ATOM   1001 C  CB  . ARG A 1 132 ? 8.043   7.733   7.294   1.00 36.48 ? 129 ARG A CB  1 
ATOM   1002 C  CG  . ARG A 1 132 ? 8.643   6.723   8.256   1.00 41.32 ? 129 ARG A CG  1 
ATOM   1003 C  CD  . ARG A 1 132 ? 10.038  7.165   8.623   1.00 47.11 ? 129 ARG A CD  1 
ATOM   1004 N  NE  . ARG A 1 132 ? 10.774  6.160   9.385   1.00 54.18 ? 129 ARG A NE  1 
ATOM   1005 C  CZ  . ARG A 1 132 ? 12.091  5.973   9.291   1.00 56.99 ? 129 ARG A CZ  1 
ATOM   1006 N  NH1 . ARG A 1 132 ? 12.812  6.702   8.435   1.00 57.53 ? 129 ARG A NH1 1 
ATOM   1007 N  NH2 . ARG A 1 132 ? 12.685  5.042   10.033  1.00 58.05 ? 129 ARG A NH2 1 
ATOM   1008 N  N   . GLU A 1 133 ? 6.093   9.059   5.122   1.00 34.44 ? 130 GLU A N   1 
ATOM   1009 C  CA  . GLU A 1 133 ? 5.267   10.129  4.556   1.00 34.92 ? 130 GLU A CA  1 
ATOM   1010 C  C   . GLU A 1 133 ? 3.786   9.768   4.513   1.00 33.96 ? 130 GLU A C   1 
ATOM   1011 O  O   . GLU A 1 133 ? 2.936   10.571  4.862   1.00 33.91 ? 130 GLU A O   1 
ATOM   1012 C  CB  . GLU A 1 133 ? 5.737   10.481  3.133   1.00 34.79 ? 130 GLU A CB  1 
ATOM   1013 C  CG  . GLU A 1 133 ? 7.119   11.063  3.087   1.00 35.96 ? 130 GLU A CG  1 
ATOM   1014 C  CD  . GLU A 1 133 ? 7.521   11.513  1.683   1.00 38.05 ? 130 GLU A CD  1 
ATOM   1015 O  OE1 . GLU A 1 133 ? 6.770   12.288  1.063   1.00 44.26 ? 130 GLU A OE1 1 
ATOM   1016 O  OE2 . GLU A 1 133 ? 8.578   11.082  1.195   1.00 43.45 ? 130 GLU A OE2 1 
ATOM   1017 N  N   . LEU A 1 134 ? 3.505   8.555   4.044   1.00 33.90 ? 131 LEU A N   1 
ATOM   1018 C  CA  . LEU A 1 134 ? 2.186   8.026   3.890   1.00 35.02 ? 131 LEU A CA  1 
ATOM   1019 C  C   . LEU A 1 134 ? 1.491   7.869   5.230   1.00 34.52 ? 131 LEU A C   1 
ATOM   1020 O  O   . LEU A 1 134 ? 0.354   8.303   5.390   1.00 34.24 ? 131 LEU A O   1 
ATOM   1021 C  CB  . LEU A 1 134 ? 2.285   6.663   3.243   1.00 36.16 ? 131 LEU A CB  1 
ATOM   1022 C  CG  . LEU A 1 134 ? 0.971   5.991   2.879   1.00 41.12 ? 131 LEU A CG  1 
ATOM   1023 C  CD1 . LEU A 1 134 ? 0.347   6.682   1.681   1.00 41.14 ? 131 LEU A CD1 1 
ATOM   1024 C  CD2 . LEU A 1 134 ? 1.280   4.500   2.593   1.00 44.54 ? 131 LEU A CD2 1 
ATOM   1025 N  N   . ILE A 1 135 ? 2.187   7.246   6.172   1.00 33.43 ? 132 ILE A N   1 
ATOM   1026 C  CA  . ILE A 1 135 ? 1.738   7.171   7.546   1.00 33.68 ? 132 ILE A CA  1 
ATOM   1027 C  C   . ILE A 1 135 ? 1.420   8.577   8.120   1.00 33.25 ? 132 ILE A C   1 
ATOM   1028 O  O   . ILE A 1 135 ? 0.385   8.767   8.781   1.00 32.44 ? 132 ILE A O   1 
ATOM   1029 C  CB  . ILE A 1 135 ? 2.797   6.436   8.386   1.00 33.98 ? 132 ILE A CB  1 
ATOM   1030 C  CG1 . ILE A 1 135 ? 2.899   4.986   7.899   1.00 36.37 ? 132 ILE A CG1 1 
ATOM   1031 C  CG2 . ILE A 1 135 ? 2.497   6.521   9.918   1.00 34.41 ? 132 ILE A CG2 1 
ATOM   1032 C  CD1 . ILE A 1 135 ? 3.922   4.168   8.577   1.00 36.16 ? 132 ILE A CD1 1 
ATOM   1033 N  N   . ALA A 1 136 ? 2.309   9.539   7.855   1.00 32.18 ? 133 ALA A N   1 
ATOM   1034 C  CA  . ALA A 1 136 ? 2.158   10.916  8.348   1.00 32.73 ? 133 ALA A CA  1 
ATOM   1035 C  C   . ALA A 1 136 ? 0.844   11.521  7.831   1.00 32.67 ? 133 ALA A C   1 
ATOM   1036 O  O   . ALA A 1 136 ? 0.107   12.167  8.586   1.00 33.47 ? 133 ALA A O   1 
ATOM   1037 C  CB  . ALA A 1 136 ? 3.356   11.790  7.949   1.00 32.13 ? 133 ALA A CB  1 
ATOM   1038 N  N   . TYR A 1 137 ? 0.529   11.282  6.571   1.00 32.39 ? 134 TYR A N   1 
ATOM   1039 C  CA  . TYR A 1 137 ? -0.719  11.786  6.014   1.00 33.78 ? 134 TYR A CA  1 
ATOM   1040 C  C   . TYR A 1 137 ? -1.921  11.283  6.832   1.00 34.03 ? 134 TYR A C   1 
ATOM   1041 O  O   . TYR A 1 137 ? -2.847  12.035  7.110   1.00 34.90 ? 134 TYR A O   1 
ATOM   1042 C  CB  . TYR A 1 137 ? -0.894  11.382  4.545   1.00 35.12 ? 134 TYR A CB  1 
ATOM   1043 C  CG  . TYR A 1 137 ? -0.040  12.153  3.561   1.00 35.91 ? 134 TYR A CG  1 
ATOM   1044 C  CD1 . TYR A 1 137 ? 0.265   13.482  3.778   1.00 38.44 ? 134 TYR A CD1 1 
ATOM   1045 C  CD2 . TYR A 1 137 ? 0.424   11.553  2.371   1.00 40.25 ? 134 TYR A CD2 1 
ATOM   1046 C  CE1 . TYR A 1 137 ? 1.029   14.214  2.878   1.00 39.31 ? 134 TYR A CE1 1 
ATOM   1047 C  CE2 . TYR A 1 137 ? 1.205   12.297  1.430   1.00 38.28 ? 134 TYR A CE2 1 
ATOM   1048 C  CZ  . TYR A 1 137 ? 1.496   13.620  1.713   1.00 38.82 ? 134 TYR A CZ  1 
ATOM   1049 O  OH  . TYR A 1 137 ? 2.272   14.393  0.869   1.00 40.55 ? 134 TYR A OH  1 
ATOM   1050 N  N   . VAL A 1 138 ? -1.913  10.002  7.189   1.00 32.87 ? 135 VAL A N   1 
ATOM   1051 C  CA  . VAL A 1 138 ? -3.037  9.402   7.899   1.00 32.48 ? 135 VAL A CA  1 
ATOM   1052 C  C   . VAL A 1 138 ? -3.078  9.926   9.353   1.00 31.19 ? 135 VAL A C   1 
ATOM   1053 O  O   . VAL A 1 138 ? -4.147  10.261  9.869   1.00 30.93 ? 135 VAL A O   1 
ATOM   1054 C  CB  . VAL A 1 138 ? -2.926  7.863   7.905   1.00 32.85 ? 135 VAL A CB  1 
ATOM   1055 C  CG1 . VAL A 1 138 ? -4.001  7.237   8.876   1.00 30.81 ? 135 VAL A CG1 1 
ATOM   1056 C  CG2 . VAL A 1 138 ? -3.107  7.343   6.441   1.00 35.39 ? 135 VAL A CG2 1 
ATOM   1057 N  N   . ARG A 1 139 ? -1.915  9.970   9.986   1.00 30.91 ? 136 ARG A N   1 
ATOM   1058 C  CA  A ARG A 1 139 ? -1.809  10.457  11.364  0.50 31.46 ? 136 ARG A CA  1 
ATOM   1059 C  CA  B ARG A 1 139 ? -1.796  10.456  11.353  0.50 31.23 ? 136 ARG A CA  1 
ATOM   1060 C  C   . ARG A 1 139 ? -2.360  11.863  11.467  1.00 30.82 ? 136 ARG A C   1 
ATOM   1061 O  O   . ARG A 1 139 ? -3.187  12.142  12.353  1.00 31.87 ? 136 ARG A O   1 
ATOM   1062 C  CB  A ARG A 1 139 ? -0.372  10.463  11.858  0.50 30.94 ? 136 ARG A CB  1 
ATOM   1063 C  CB  B ARG A 1 139 ? -0.343  10.465  11.769  0.50 30.41 ? 136 ARG A CB  1 
ATOM   1064 C  CG  A ARG A 1 139 ? -0.258  10.823  13.362  0.50 32.94 ? 136 ARG A CG  1 
ATOM   1065 C  CG  B ARG A 1 139 ? -0.117  10.975  13.191  0.50 31.70 ? 136 ARG A CG  1 
ATOM   1066 C  CD  A ARG A 1 139 ? 1.071   11.489  13.687  0.50 35.98 ? 136 ARG A CD  1 
ATOM   1067 C  CD  B ARG A 1 139 ? 1.307   10.703  13.618  0.50 32.02 ? 136 ARG A CD  1 
ATOM   1068 N  NE  A ARG A 1 139 ? 1.042   12.933  13.442  0.50 39.98 ? 136 ARG A NE  1 
ATOM   1069 N  NE  B ARG A 1 139 ? 2.286   11.509  12.894  0.50 32.66 ? 136 ARG A NE  1 
ATOM   1070 C  CZ  A ARG A 1 139 ? 1.288   13.863  14.357  0.50 40.50 ? 136 ARG A CZ  1 
ATOM   1071 C  CZ  B ARG A 1 139 ? 3.206   11.040  12.053  0.50 31.62 ? 136 ARG A CZ  1 
ATOM   1072 N  NH1 A ARG A 1 139 ? 1.600   13.532  15.615  0.50 42.43 ? 136 ARG A NH1 1 
ATOM   1073 N  NH1 B ARG A 1 139 ? 3.302   9.746   11.787  0.50 30.71 ? 136 ARG A NH1 1 
ATOM   1074 N  NH2 A ARG A 1 139 ? 1.217   15.134  14.015  0.50 41.30 ? 136 ARG A NH2 1 
ATOM   1075 N  NH2 B ARG A 1 139 ? 4.046   11.883  11.485  0.50 29.72 ? 136 ARG A NH2 1 
ATOM   1076 N  N   . ASP A 1 140 ? -1.889  12.728  10.575  1.00 31.43 ? 137 ASP A N   1 
ATOM   1077 C  CA  . ASP A 1 140 ? -2.278  14.128  10.566  1.00 32.78 ? 137 ASP A CA  1 
ATOM   1078 C  C   . ASP A 1 140 ? -3.780  14.247  10.282  1.00 31.82 ? 137 ASP A C   1 
ATOM   1079 O  O   . ASP A 1 140 ? -4.442  15.087  10.880  1.00 31.70 ? 137 ASP A O   1 
ATOM   1080 C  CB  . ASP A 1 140 ? -1.467  14.933  9.561   1.00 32.63 ? 137 ASP A CB  1 
ATOM   1081 C  CG  . ASP A 1 140 ? 0.008   15.098  9.962   1.00 37.28 ? 137 ASP A CG  1 
ATOM   1082 O  OD1 . ASP A 1 140 ? 0.416   14.640  11.039  1.00 36.23 ? 137 ASP A OD1 1 
ATOM   1083 O  OD2 . ASP A 1 140 ? 0.768   15.721  9.177   1.00 42.79 ? 137 ASP A OD2 1 
ATOM   1084 N  N   . ALA A 1 141 ? -4.326  13.401  9.409   1.00 32.59 ? 138 ALA A N   1 
ATOM   1085 C  CA  . ALA A 1 141 ? -5.768  13.491  9.093   1.00 32.29 ? 138 ALA A CA  1 
ATOM   1086 C  C   . ALA A 1 141 ? -6.629  13.075  10.290  1.00 33.38 ? 138 ALA A C   1 
ATOM   1087 O  O   . ALA A 1 141 ? -7.707  13.644  10.503  1.00 33.60 ? 138 ALA A O   1 
ATOM   1088 C  CB  . ALA A 1 141 ? -6.118  12.632  7.868   1.00 32.90 ? 138 ALA A CB  1 
ATOM   1089 N  N   . LEU A 1 142 ? -6.165  12.076  11.048  1.00 32.88 ? 139 LEU A N   1 
ATOM   1090 C  CA  . LEU A 1 142 ? -6.811  11.676  12.311  1.00 32.09 ? 139 LEU A CA  1 
ATOM   1091 C  C   . LEU A 1 142 ? -6.787  12.800  13.365  1.00 31.31 ? 139 LEU A C   1 
ATOM   1092 O  O   . LEU A 1 142 ? -7.808  13.082  14.009  1.00 30.81 ? 139 LEU A O   1 
ATOM   1093 C  CB  . LEU A 1 142 ? -6.152  10.403  12.894  1.00 33.58 ? 139 LEU A CB  1 
ATOM   1094 C  CG  . LEU A 1 142 ? -6.510  9.063   12.227  1.00 33.44 ? 139 LEU A CG  1 
ATOM   1095 C  CD1 . LEU A 1 142 ? -5.733  7.947   12.873  1.00 35.96 ? 139 LEU A CD1 1 
ATOM   1096 C  CD2 . LEU A 1 142 ? -8.008  8.814   12.408  1.00 36.97 ? 139 LEU A CD2 1 
ATOM   1097 N  N   . LEU A 1 143 ? -5.631  13.426  13.545  1.00 30.10 ? 140 LEU A N   1 
ATOM   1098 C  CA  . LEU A 1 143 ? -5.517  14.529  14.482  1.00 30.95 ? 140 LEU A CA  1 
ATOM   1099 C  C   . LEU A 1 143 ? -6.283  15.792  14.020  1.00 30.69 ? 140 LEU A C   1 
ATOM   1100 O  O   . LEU A 1 143 ? -6.558  16.661  14.844  1.00 29.90 ? 140 LEU A O   1 
ATOM   1101 C  CB  . LEU A 1 143 ? -4.052  14.888  14.755  1.00 30.06 ? 140 LEU A CB  1 
ATOM   1102 C  CG  . LEU A 1 143 ? -3.252  13.780  15.440  1.00 32.65 ? 140 LEU A CG  1 
ATOM   1103 C  CD1 . LEU A 1 143 ? -1.795  14.126  15.386  1.00 31.74 ? 140 LEU A CD1 1 
ATOM   1104 C  CD2 . LEU A 1 143 ? -3.672  13.551  16.909  1.00 30.81 ? 140 LEU A CD2 1 
ATOM   1105 N  N   . GLN A 1 144 ? -6.640  15.887  12.735  1.00 30.01 ? 141 GLN A N   1 
ATOM   1106 C  CA  . GLN A 1 144 ? -7.568  16.939  12.313  1.00 30.05 ? 141 GLN A CA  1 
ATOM   1107 C  C   . GLN A 1 144 ? -9.011  16.640  12.762  1.00 29.95 ? 141 GLN A C   1 
ATOM   1108 O  O   . GLN A 1 144 ? -9.811  17.542  12.867  1.00 28.82 ? 141 GLN A O   1 
ATOM   1109 C  CB  . GLN A 1 144 ? -7.507  17.210  10.811  1.00 30.11 ? 141 GLN A CB  1 
ATOM   1110 C  CG  . GLN A 1 144 ? -6.264  17.983  10.468  1.00 28.95 ? 141 GLN A CG  1 
ATOM   1111 C  CD  . GLN A 1 144 ? -6.116  18.262  8.996   1.00 31.25 ? 141 GLN A CD  1 
ATOM   1112 O  OE1 . GLN A 1 144 ? -6.132  17.360  8.171   1.00 30.18 ? 141 GLN A OE1 1 
ATOM   1113 N  NE2 . GLN A 1 144 ? -5.931  19.522  8.664   1.00 28.07 ? 141 GLN A NE2 1 
ATOM   1114 N  N   . LEU A 1 145 ? -9.313  15.382  13.013  1.00 30.15 ? 142 LEU A N   1 
ATOM   1115 C  CA  . LEU A 1 145 ? -10.594 14.992  13.619  1.00 32.41 ? 142 LEU A CA  1 
ATOM   1116 C  C   . LEU A 1 145 ? -10.567 15.209  15.120  1.00 32.65 ? 142 LEU A C   1 
ATOM   1117 O  O   . LEU A 1 145 ? -11.595 15.522  15.704  1.00 33.80 ? 142 LEU A O   1 
ATOM   1118 C  CB  . LEU A 1 145 ? -10.925 13.516  13.372  1.00 31.10 ? 142 LEU A CB  1 
ATOM   1119 C  CG  . LEU A 1 145 ? -11.012 13.123  11.896  1.00 34.61 ? 142 LEU A CG  1 
ATOM   1120 C  CD1 . LEU A 1 145 ? -11.014 11.603  11.788  1.00 33.30 ? 142 LEU A CD1 1 
ATOM   1121 C  CD2 . LEU A 1 145 ? -12.232 13.717  11.271  1.00 34.38 ? 142 LEU A CD2 1 
ATOM   1122 N  N   . ARG A 1 146 ? -9.401  15.018  15.735  1.00 32.37 ? 143 ARG A N   1 
ATOM   1123 C  CA  . ARG A 1 146 ? -9.246  15.167  17.185  1.00 32.32 ? 143 ARG A CA  1 
ATOM   1124 C  C   . ARG A 1 146 ? -8.061  16.085  17.506  1.00 32.15 ? 143 ARG A C   1 
ATOM   1125 O  O   . ARG A 1 146 ? -7.026  15.594  17.930  1.00 31.65 ? 143 ARG A O   1 
ATOM   1126 C  CB  . ARG A 1 146 ? -9.002  13.788  17.845  1.00 31.75 ? 143 ARG A CB  1 
ATOM   1127 C  CG  . ARG A 1 146 ? -10.215 12.819  17.921  1.00 32.73 ? 143 ARG A CG  1 
ATOM   1128 C  CD  . ARG A 1 146 ? -11.360 13.346  18.818  1.00 31.70 ? 143 ARG A CD  1 
ATOM   1129 N  NE  . ARG A 1 146 ? -10.950 13.657  20.208  1.00 30.55 ? 143 ARG A NE  1 
ATOM   1130 C  CZ  . ARG A 1 146 ? -11.036 12.808  21.235  1.00 31.75 ? 143 ARG A CZ  1 
ATOM   1131 N  NH1 . ARG A 1 146 ? -11.474 11.565  21.056  1.00 28.37 ? 143 ARG A NH1 1 
ATOM   1132 N  NH2 . ARG A 1 146 ? -10.670 13.191  22.461  1.00 28.17 ? 143 ARG A NH2 1 
ATOM   1133 N  N   . PRO A 1 147 ? -8.187  17.416  17.262  1.00 33.78 ? 144 PRO A N   1 
ATOM   1134 C  CA  . PRO A 1 147 ? -7.007  18.255  17.533  1.00 34.28 ? 144 PRO A CA  1 
ATOM   1135 C  C   . PRO A 1 147 ? -6.640  18.238  19.007  1.00 34.96 ? 144 PRO A C   1 
ATOM   1136 O  O   . PRO A 1 147 ? -5.472  18.432  19.325  1.00 33.76 ? 144 PRO A O   1 
ATOM   1137 C  CB  . PRO A 1 147 ? -7.416  19.665  17.088  1.00 34.66 ? 144 PRO A CB  1 
ATOM   1138 C  CG  . PRO A 1 147 ? -8.898  19.617  16.875  1.00 35.29 ? 144 PRO A CG  1 
ATOM   1139 C  CD  . PRO A 1 147 ? -9.330  18.192  16.744  1.00 32.78 ? 144 PRO A CD  1 
ATOM   1140 N  N   . ASP A 1 148 ? -7.611  17.900  19.877  1.00 35.47 ? 145 ASP A N   1 
ATOM   1141 C  CA  . ASP A 1 148 ? -7.355  17.857  21.312  1.00 36.11 ? 145 ASP A CA  1 
ATOM   1142 C  C   . ASP A 1 148 ? -6.372  16.742  21.684  1.00 36.88 ? 145 ASP A C   1 
ATOM   1143 O  O   . ASP A 1 148 ? -5.836  16.730  22.773  1.00 36.68 ? 145 ASP A O   1 
ATOM   1144 C  CB  . ASP A 1 148 ? -8.661  17.771  22.113  1.00 35.85 ? 145 ASP A CB  1 
ATOM   1145 C  CG  . ASP A 1 148 ? -9.498  16.496  21.791  1.00 36.32 ? 145 ASP A CG  1 
ATOM   1146 O  OD1 . ASP A 1 148 ? -9.628  16.063  20.617  1.00 36.22 ? 145 ASP A OD1 1 
ATOM   1147 O  OD2 . ASP A 1 148 ? -10.058 15.944  22.748  1.00 38.19 ? 145 ASP A OD2 1 
HETATM 1148 N  N   . MSE A 1 149 ? -6.133  15.817  20.760  1.00 38.35 ? 146 MSE A N   1 
HETATM 1149 C  CA  . MSE A 1 149 ? -5.230  14.693  21.004  1.00 39.40 ? 146 MSE A CA  1 
HETATM 1150 C  C   . MSE A 1 149 ? -3.802  14.835  20.439  1.00 38.32 ? 146 MSE A C   1 
HETATM 1151 O  O   . MSE A 1 149 ? -2.942  13.959  20.594  1.00 37.50 ? 146 MSE A O   1 
HETATM 1152 C  CB  . MSE A 1 149 ? -5.929  13.416  20.527  1.00 40.24 ? 146 MSE A CB  1 
HETATM 1153 C  CG  . MSE A 1 149 ? -7.099  13.082  21.509  1.00 40.23 ? 146 MSE A CG  1 
HETATM 1154 SE SE  . MSE A 1 149 ? -7.371  11.284  21.795  0.60 47.94 ? 146 MSE A SE  1 
HETATM 1155 C  CE  . MSE A 1 149 ? -7.691  10.987  19.895  1.00 31.43 ? 146 MSE A CE  1 
ATOM   1156 N  N   . ALA A 1 150 ? -3.537  15.965  19.804  1.00 37.89 ? 147 ALA A N   1 
ATOM   1157 C  CA  . ALA A 1 150 ? -2.280  16.150  19.089  1.00 37.84 ? 147 ALA A CA  1 
ATOM   1158 C  C   . ALA A 1 150 ? -1.105  16.376  20.064  1.00 38.13 ? 147 ALA A C   1 
ATOM   1159 O  O   . ALA A 1 150 ? 0.050   16.125  19.718  1.00 38.35 ? 147 ALA A O   1 
ATOM   1160 C  CB  . ALA A 1 150 ? -2.423  17.273  18.072  1.00 36.68 ? 147 ALA A CB  1 
ATOM   1161 N  N   . ALA A 1 151 ? -1.427  16.768  21.306  1.00 38.36 ? 148 ALA A N   1 
ATOM   1162 C  CA  . ALA A 1 151 ? -0.434  17.003  22.364  1.00 37.87 ? 148 ALA A CA  1 
ATOM   1163 C  C   . ALA A 1 151 ? 0.331   15.737  22.736  1.00 38.19 ? 148 ALA A C   1 
ATOM   1164 O  O   . ALA A 1 151 ? 1.492   15.808  23.136  1.00 37.97 ? 148 ALA A O   1 
ATOM   1165 C  CB  . ALA A 1 151 ? -1.109  17.605  23.610  1.00 38.16 ? 148 ALA A CB  1 
ATOM   1166 N  N   . ASN A 1 152 ? -0.315  14.572  22.598  1.00 37.88 ? 149 ASN A N   1 
ATOM   1167 C  CA  . ASN A 1 152 ? 0.333   13.312  22.953  1.00 37.39 ? 149 ASN A CA  1 
ATOM   1168 C  C   . ASN A 1 152 ? 0.803   12.564  21.712  1.00 37.10 ? 149 ASN A C   1 
ATOM   1169 O  O   . ASN A 1 152 ? 0.046   11.774  21.119  1.00 36.11 ? 149 ASN A O   1 
ATOM   1170 C  CB  . ASN A 1 152 ? -0.589  12.430  23.795  1.00 38.06 ? 149 ASN A CB  1 
ATOM   1171 C  CG  . ASN A 1 152 ? 0.139   11.225  24.406  1.00 38.16 ? 149 ASN A CG  1 
ATOM   1172 O  OD1 . ASN A 1 152 ? 1.159   10.743  23.891  1.00 36.50 ? 149 ASN A OD1 1 
ATOM   1173 N  ND2 . ASN A 1 152 ? -0.373  10.760  25.536  1.00 40.48 ? 149 ASN A ND2 1 
ATOM   1174 N  N   . ARG A 1 153 ? 2.057   12.804  21.329  1.00 36.13 ? 150 ARG A N   1 
ATOM   1175 C  CA  . ARG A 1 153 ? 2.581   12.214  20.109  1.00 36.76 ? 150 ARG A CA  1 
ATOM   1176 C  C   . ARG A 1 153 ? 2.785   10.708  20.192  1.00 35.72 ? 150 ARG A C   1 
ATOM   1177 O  O   . ARG A 1 153 ? 2.638   10.016  19.211  1.00 35.79 ? 150 ARG A O   1 
ATOM   1178 C  CB  . ARG A 1 153 ? 3.855   12.932  19.680  1.00 36.61 ? 150 ARG A CB  1 
ATOM   1179 C  CG  . ARG A 1 153 ? 3.526   14.284  19.020  1.00 39.15 ? 150 ARG A CG  1 
ATOM   1180 C  CD  . ARG A 1 153 ? 4.750   15.168  18.752  1.00 38.60 ? 150 ARG A CD  1 
ATOM   1181 N  NE  . ARG A 1 153 ? 4.268   16.354  18.056  1.00 43.01 ? 150 ARG A NE  1 
ATOM   1182 C  CZ  . ARG A 1 153 ? 4.128   16.463  16.735  1.00 41.75 ? 150 ARG A CZ  1 
ATOM   1183 N  NH1 . ARG A 1 153 ? 4.506   15.489  15.906  1.00 41.38 ? 150 ARG A NH1 1 
ATOM   1184 N  NH2 . ARG A 1 153 ? 3.638   17.577  16.248  1.00 42.67 ? 150 ARG A NH2 1 
ATOM   1185 N  N   . THR A 1 154 ? 3.090   10.203  21.382  1.00 35.35 ? 151 THR A N   1 
ATOM   1186 C  CA  . THR A 1 154 ? 3.264   8.769   21.586  1.00 33.81 ? 151 THR A CA  1 
ATOM   1187 C  C   . THR A 1 154 ? 2.014   8.004   21.224  1.00 33.74 ? 151 THR A C   1 
ATOM   1188 O  O   . THR A 1 154 ? 2.065   7.084   20.422  1.00 32.82 ? 151 THR A O   1 
ATOM   1189 C  CB  . THR A 1 154 ? 3.677   8.466   23.032  1.00 33.54 ? 151 THR A CB  1 
ATOM   1190 O  OG1 . THR A 1 154 ? 4.886   9.170   23.319  1.00 34.70 ? 151 THR A OG1 1 
ATOM   1191 C  CG2 . THR A 1 154 ? 3.947   6.974   23.215  1.00 32.22 ? 151 THR A CG2 1 
ATOM   1192 N  N   . LEU A 1 155 ? 0.891   8.402   21.816  1.00 33.97 ? 152 LEU A N   1 
ATOM   1193 C  CA  . LEU A 1 155 ? -0.372  7.753   21.588  1.00 33.69 ? 152 LEU A CA  1 
ATOM   1194 C  C   . LEU A 1 155 ? -0.937  8.065   20.213  1.00 33.28 ? 152 LEU A C   1 
ATOM   1195 O  O   . LEU A 1 155 ? -1.618  7.232   19.651  1.00 33.04 ? 152 LEU A O   1 
ATOM   1196 C  CB  . LEU A 1 155 ? -1.369  8.097   22.711  1.00 34.55 ? 152 LEU A CB  1 
ATOM   1197 C  CG  . LEU A 1 155 ? -1.031  7.635   24.151  1.00 36.61 ? 152 LEU A CG  1 
ATOM   1198 C  CD1 . LEU A 1 155 ? -2.229  7.797   25.104  1.00 38.12 ? 152 LEU A CD1 1 
ATOM   1199 C  CD2 . LEU A 1 155 ? -0.622  6.157   24.125  1.00 38.09 ? 152 LEU A CD2 1 
ATOM   1200 N  N   . ALA A 1 156 ? -0.646  9.251   19.660  1.00 33.24 ? 153 ALA A N   1 
ATOM   1201 C  CA  . ALA A 1 156 ? -1.000  9.522   18.245  1.00 33.23 ? 153 ALA A CA  1 
ATOM   1202 C  C   . ALA A 1 156 ? -0.381  8.503   17.257  1.00 32.89 ? 153 ALA A C   1 
ATOM   1203 O  O   . ALA A 1 156 ? -1.066  8.019   16.338  1.00 33.25 ? 153 ALA A O   1 
ATOM   1204 C  CB  . ALA A 1 156 ? -0.648  10.955  17.849  1.00 32.58 ? 153 ALA A CB  1 
ATOM   1205 N  N   . HIS A 1 157 ? 0.901   8.182   17.450  1.00 32.40 ? 154 HIS A N   1 
ATOM   1206 C  CA  . HIS A 1 157 ? 1.554   7.116   16.693  1.00 31.66 ? 154 HIS A CA  1 
ATOM   1207 C  C   . HIS A 1 157 ? 0.928   5.724   16.945  1.00 31.26 ? 154 HIS A C   1 
ATOM   1208 O  O   . HIS A 1 157 ? 0.652   5.011   15.990  1.00 31.29 ? 154 HIS A O   1 
ATOM   1209 C  CB  . HIS A 1 157 ? 3.060   7.132   16.947  1.00 32.91 ? 154 HIS A CB  1 
ATOM   1210 C  CG  . HIS A 1 157 ? 3.803   5.997   16.317  1.00 34.13 ? 154 HIS A CG  1 
ATOM   1211 N  ND1 . HIS A 1 157 ? 3.980   5.885   14.954  1.00 35.14 ? 154 HIS A ND1 1 
ATOM   1212 C  CD2 . HIS A 1 157 ? 4.419   4.925   16.871  1.00 36.37 ? 154 HIS A CD2 1 
ATOM   1213 C  CE1 . HIS A 1 157 ? 4.684   4.793   14.702  1.00 36.79 ? 154 HIS A CE1 1 
ATOM   1214 N  NE2 . HIS A 1 157 ? 4.944   4.182   15.849  1.00 36.13 ? 154 HIS A NE2 1 
ATOM   1215 N  N   . VAL A 1 158 ? 0.718   5.339   18.199  1.00 29.98 ? 155 VAL A N   1 
ATOM   1216 C  CA  . VAL A 1 158 ? -0.058  4.119   18.519  1.00 30.09 ? 155 VAL A CA  1 
ATOM   1217 C  C   . VAL A 1 158 ? -1.407  4.093   17.789  1.00 30.10 ? 155 VAL A C   1 
ATOM   1218 O  O   . VAL A 1 158 ? -1.712  3.106   17.139  1.00 28.11 ? 155 VAL A O   1 
ATOM   1219 C  CB  . VAL A 1 158 ? -0.276  3.902   20.055  1.00 30.69 ? 155 VAL A CB  1 
ATOM   1220 C  CG1 . VAL A 1 158 ? -1.113  2.668   20.292  1.00 31.13 ? 155 VAL A CG1 1 
ATOM   1221 C  CG2 . VAL A 1 158 ? 1.080   3.721   20.741  1.00 30.82 ? 155 VAL A CG2 1 
ATOM   1222 N  N   . ASP A 1 159 ? -2.193  5.174   17.839  1.00 29.85 ? 156 ASP A N   1 
ATOM   1223 C  CA  . ASP A 1 159 ? -3.536  5.092   17.261  1.00 31.39 ? 156 ASP A CA  1 
ATOM   1224 C  C   . ASP A 1 159 ? -3.456  4.929   15.736  1.00 31.24 ? 156 ASP A C   1 
ATOM   1225 O  O   . ASP A 1 159 ? -4.242  4.180   15.133  1.00 29.87 ? 156 ASP A O   1 
ATOM   1226 C  CB  . ASP A 1 159 ? -4.385  6.345   17.618  1.00 32.01 ? 156 ASP A CB  1 
ATOM   1227 C  CG  . ASP A 1 159 ? -4.659  6.462   19.131  1.00 36.51 ? 156 ASP A CG  1 
ATOM   1228 O  OD1 . ASP A 1 159 ? -4.563  5.443   19.842  1.00 37.96 ? 156 ASP A OD1 1 
ATOM   1229 O  OD2 . ASP A 1 159 ? -4.975  7.562   19.626  1.00 39.26 ? 156 ASP A OD2 1 
ATOM   1230 N  N   . THR A 1 160 ? -2.546  5.685   15.114  1.00 30.19 ? 157 THR A N   1 
ATOM   1231 C  CA  . THR A 1 160 ? -2.306  5.578   13.696  1.00 31.09 ? 157 THR A CA  1 
ATOM   1232 C  C   . THR A 1 160 ? -1.878  4.174   13.239  1.00 30.56 ? 157 THR A C   1 
ATOM   1233 O  O   . THR A 1 160 ? -2.382  3.663   12.248  1.00 31.00 ? 157 THR A O   1 
ATOM   1234 C  CB  . THR A 1 160 ? -1.284  6.662   13.243  1.00 32.34 ? 157 THR A CB  1 
ATOM   1235 O  OG1 . THR A 1 160 ? -1.760  7.941   13.707  1.00 32.06 ? 157 THR A OG1 1 
ATOM   1236 C  CG2 . THR A 1 160 ? -1.166  6.670   11.741  1.00 33.93 ? 157 THR A CG2 1 
HETATM 1237 N  N   . MSE A 1 161 ? -0.946  3.560   13.962  1.00 31.21 ? 158 MSE A N   1 
HETATM 1238 C  CA  . MSE A 1 161 ? -0.444  2.251   13.580  1.00 31.29 ? 158 MSE A CA  1 
HETATM 1239 C  C   . MSE A 1 161 ? -1.502  1.153   13.856  1.00 31.55 ? 158 MSE A C   1 
HETATM 1240 O  O   . MSE A 1 161 ? -1.539  0.154   13.172  1.00 30.91 ? 158 MSE A O   1 
HETATM 1241 C  CB  . MSE A 1 161 ? 0.896   1.952   14.305  1.00 30.83 ? 158 MSE A CB  1 
HETATM 1242 C  CG  . MSE A 1 161 ? 2.028   2.907   13.960  1.00 34.58 ? 158 MSE A CG  1 
HETATM 1243 SE SE  . MSE A 1 161 ? 2.177   3.212   12.042  0.65 35.85 ? 158 MSE A SE  1 
HETATM 1244 C  CE  . MSE A 1 161 ? 2.971   1.497   11.654  1.00 35.34 ? 158 MSE A CE  1 
ATOM   1245 N  N   . LEU A 1 162 ? -2.385  1.367   14.840  1.00 31.07 ? 159 LEU A N   1 
ATOM   1246 C  CA  . LEU A 1 162 ? -3.472  0.407   15.065  1.00 30.16 ? 159 LEU A CA  1 
ATOM   1247 C  C   . LEU A 1 162 ? -4.452  0.464   13.902  1.00 31.07 ? 159 LEU A C   1 
ATOM   1248 O  O   . LEU A 1 162 ? -4.871  -0.566  13.382  1.00 28.90 ? 159 LEU A O   1 
ATOM   1249 C  CB  . LEU A 1 162 ? -4.186  0.675   16.374  1.00 30.99 ? 159 LEU A CB  1 
ATOM   1250 C  CG  . LEU A 1 162 ? -3.355  0.286   17.613  1.00 30.28 ? 159 LEU A CG  1 
ATOM   1251 C  CD1 . LEU A 1 162 ? -3.943  0.876   18.902  1.00 32.55 ? 159 LEU A CD1 1 
ATOM   1252 C  CD2 . LEU A 1 162 ? -3.135  -1.292  17.743  1.00 28.14 ? 159 LEU A CD2 1 
ATOM   1253 N  N   . PHE A 1 163 ? -4.751  1.687   13.470  1.00 30.78 ? 160 PHE A N   1 
ATOM   1254 C  CA  . PHE A 1 163 ? -5.492  1.868   12.258  1.00 32.95 ? 160 PHE A CA  1 
ATOM   1255 C  C   . PHE A 1 163 ? -4.852  1.178   11.032  1.00 32.33 ? 160 PHE A C   1 
ATOM   1256 O  O   . PHE A 1 163 ? -5.557  0.463   10.327  1.00 32.27 ? 160 PHE A O   1 
ATOM   1257 C  CB  . PHE A 1 163 ? -5.729  3.335   11.950  1.00 33.39 ? 160 PHE A CB  1 
ATOM   1258 C  CG  . PHE A 1 163 ? -6.276  3.518   10.576  1.00 38.04 ? 160 PHE A CG  1 
ATOM   1259 C  CD1 . PHE A 1 163 ? -7.624  3.252   10.328  1.00 42.40 ? 160 PHE A CD1 1 
ATOM   1260 C  CD2 . PHE A 1 163 ? -5.430  3.800   9.511   1.00 38.90 ? 160 PHE A CD2 1 
ATOM   1261 C  CE1 . PHE A 1 163 ? -8.134  3.332   9.035   1.00 42.61 ? 160 PHE A CE1 1 
ATOM   1262 C  CE2 . PHE A 1 163 ? -5.945  3.859   8.218   1.00 44.01 ? 160 PHE A CE2 1 
ATOM   1263 C  CZ  . PHE A 1 163 ? -7.289  3.628   8.006   1.00 39.49 ? 160 PHE A CZ  1 
ATOM   1264 N  N   . PHE A 1 164 ? -3.579  1.479   10.733  1.00 31.56 ? 161 PHE A N   1 
ATOM   1265 C  CA  . PHE A 1 164 ? -2.871  0.791   9.623   1.00 33.02 ? 161 PHE A CA  1 
ATOM   1266 C  C   . PHE A 1 164 ? -2.958  -0.731  9.622   1.00 32.29 ? 161 PHE A C   1 
ATOM   1267 O  O   . PHE A 1 164 ? -3.119  -1.356  8.582   1.00 33.13 ? 161 PHE A O   1 
ATOM   1268 C  CB  . PHE A 1 164 ? -1.420  1.249   9.484   1.00 33.39 ? 161 PHE A CB  1 
ATOM   1269 C  CG  . PHE A 1 164 ? -1.289  2.466   8.601   1.00 36.99 ? 161 PHE A CG  1 
ATOM   1270 C  CD1 . PHE A 1 164 ? -1.590  2.386   7.242   1.00 37.31 ? 161 PHE A CD1 1 
ATOM   1271 C  CD2 . PHE A 1 164 ? -0.946  3.703   9.139   1.00 36.76 ? 161 PHE A CD2 1 
ATOM   1272 C  CE1 . PHE A 1 164 ? -1.504  3.519   6.403   1.00 39.97 ? 161 PHE A CE1 1 
ATOM   1273 C  CE2 . PHE A 1 164 ? -0.871  4.844   8.307   1.00 36.67 ? 161 PHE A CE2 1 
ATOM   1274 C  CZ  . PHE A 1 164 ? -1.145  4.742   6.953   1.00 35.46 ? 161 PHE A CZ  1 
ATOM   1275 N  N   . GLY A 1 165 ? -2.809  -1.316  10.787  1.00 32.00 ? 162 GLY A N   1 
ATOM   1276 C  CA  . GLY A 1 165 ? -3.041  -2.755  10.990  1.00 30.61 ? 162 GLY A CA  1 
ATOM   1277 C  C   . GLY A 1 165 ? -4.366  -3.247  10.448  1.00 31.73 ? 162 GLY A C   1 
ATOM   1278 O  O   . GLY A 1 165 ? -4.386  -4.275  9.767   1.00 28.83 ? 162 GLY A O   1 
HETATM 1279 N  N   . MSE A 1 166 ? -5.472  -2.566  10.775  1.00 31.84 ? 163 MSE A N   1 
HETATM 1280 C  CA  . MSE A 1 166 ? -6.781  -2.965  10.222  1.00 36.57 ? 163 MSE A CA  1 
HETATM 1281 C  C   . MSE A 1 166 ? -6.780  -3.074  8.729   1.00 33.49 ? 163 MSE A C   1 
HETATM 1282 O  O   . MSE A 1 166 ? -7.316  -4.042  8.182   1.00 32.81 ? 163 MSE A O   1 
HETATM 1283 C  CB  . MSE A 1 166 ? -7.881  -1.939  10.511  1.00 35.61 ? 163 MSE A CB  1 
HETATM 1284 C  CG  . MSE A 1 166 ? -8.183  -1.741  11.927  1.00 40.85 ? 163 MSE A CG  1 
HETATM 1285 SE SE  . MSE A 1 166 ? -9.798  -0.559  11.994  0.80 49.42 ? 163 MSE A SE  1 
HETATM 1286 C  CE  . MSE A 1 166 ? -9.191  0.639   13.190  1.00 44.34 ? 163 MSE A CE  1 
ATOM   1287 N  N   . ILE A 1 167 ? -6.277  -2.023  8.064   1.00 33.29 ? 164 ILE A N   1 
ATOM   1288 C  CA  . ILE A 1 167 ? -6.277  -2.022  6.594   1.00 33.04 ? 164 ILE A CA  1 
ATOM   1289 C  C   . ILE A 1 167 ? -5.135  -2.789  5.940   1.00 33.06 ? 164 ILE A C   1 
ATOM   1290 O  O   . ILE A 1 167 ? -5.342  -3.365  4.897   1.00 34.22 ? 164 ILE A O   1 
ATOM   1291 C  CB  . ILE A 1 167 ? -6.360  -0.577  5.964   1.00 33.99 ? 164 ILE A CB  1 
ATOM   1292 C  CG1 . ILE A 1 167 ? -5.236  0.357   6.420   1.00 28.14 ? 164 ILE A CG1 1 
ATOM   1293 C  CG2 . ILE A 1 167 ? -7.726  0.051   6.194   1.00 34.43 ? 164 ILE A CG2 1 
ATOM   1294 C  CD1 . ILE A 1 167 ? -5.146  1.542   5.415   1.00 35.44 ? 164 ILE A CD1 1 
ATOM   1295 N  N   . ASN A 1 168 ? -3.933  -2.778  6.517   1.00 32.26 ? 165 ASN A N   1 
ATOM   1296 C  CA  . ASN A 1 168 ? -2.780  -3.494  5.928   1.00 32.38 ? 165 ASN A CA  1 
ATOM   1297 C  C   . ASN A 1 168 ? -2.901  -5.007  6.070   1.00 33.64 ? 165 ASN A C   1 
ATOM   1298 O  O   . ASN A 1 168 ? -2.345  -5.750  5.238   1.00 36.34 ? 165 ASN A O   1 
ATOM   1299 C  CB  . ASN A 1 168 ? -1.427  -3.032  6.517   1.00 32.33 ? 165 ASN A CB  1 
ATOM   1300 C  CG  . ASN A 1 168 ? -1.044  -1.628  6.077   1.00 34.88 ? 165 ASN A CG  1 
ATOM   1301 O  OD1 . ASN A 1 168 ? -1.737  -1.028  5.274   1.00 39.14 ? 165 ASN A OD1 1 
ATOM   1302 N  ND2 . ASN A 1 168 ? 0.057   -1.094  6.606   1.00 36.06 ? 165 ASN A ND2 1 
ATOM   1303 N  N   . TRP A 1 169 ? -3.596  -5.490  7.107   1.00 31.00 ? 166 TRP A N   1 
ATOM   1304 C  CA  . TRP A 1 169 ? -3.795  -6.939  7.301   1.00 30.57 ? 166 TRP A CA  1 
ATOM   1305 C  C   . TRP A 1 169 ? -4.763  -7.573  6.309   1.00 29.41 ? 166 TRP A C   1 
ATOM   1306 O  O   . TRP A 1 169 ? -4.824  -8.799  6.212   1.00 28.34 ? 166 TRP A O   1 
ATOM   1307 C  CB  . TRP A 1 169 ? -4.293  -7.241  8.741   1.00 30.73 ? 166 TRP A CB  1 
ATOM   1308 C  CG  . TRP A 1 169 ? -4.193  -8.668  9.187   1.00 31.21 ? 166 TRP A CG  1 
ATOM   1309 C  CD1 . TRP A 1 169 ? -5.226  -9.510  9.552   1.00 33.28 ? 166 TRP A CD1 1 
ATOM   1310 C  CD2 . TRP A 1 169 ? -3.009  -9.424  9.285   1.00 32.12 ? 166 TRP A CD2 1 
ATOM   1311 N  NE1 . TRP A 1 169 ? -4.726  -10.736 9.892   1.00 36.70 ? 166 TRP A NE1 1 
ATOM   1312 C  CE2 . TRP A 1 169 ? -3.364  -10.706 9.738   1.00 32.72 ? 166 TRP A CE2 1 
ATOM   1313 C  CE3 . TRP A 1 169 ? -1.661  -9.134  9.043   1.00 33.00 ? 166 TRP A CE3 1 
ATOM   1314 C  CZ2 . TRP A 1 169 ? -2.422  -11.709 9.956   1.00 35.88 ? 166 TRP A CZ2 1 
ATOM   1315 C  CZ3 . TRP A 1 169 ? -0.723  -10.135 9.280   1.00 34.12 ? 166 TRP A CZ3 1 
ATOM   1316 C  CH2 . TRP A 1 169 ? -1.110  -11.400 9.711   1.00 33.60 ? 166 TRP A CH2 1 
ATOM   1317 N  N   . THR A 1 170 ? -5.495  -6.745  5.572   1.00 29.15 ? 167 THR A N   1 
ATOM   1318 C  CA  . THR A 1 170 ? -6.522  -7.216  4.625   1.00 29.50 ? 167 THR A CA  1 
ATOM   1319 C  C   . THR A 1 170 ? -6.008  -8.197  3.578   1.00 29.63 ? 167 THR A C   1 
ATOM   1320 O  O   . THR A 1 170 ? -6.715  -9.099  3.163   1.00 29.70 ? 167 THR A O   1 
ATOM   1321 C  CB  . THR A 1 170 ? -7.278  -6.044  3.930   1.00 29.46 ? 167 THR A CB  1 
ATOM   1322 O  OG1 . THR A 1 170 ? -6.351  -5.118  3.353   1.00 29.30 ? 167 THR A OG1 1 
ATOM   1323 C  CG2 . THR A 1 170 ? -8.176  -5.297  4.995   1.00 28.73 ? 167 THR A CG2 1 
ATOM   1324 N  N   . TYR A 1 171 ? -4.768  -8.032  3.170   1.00 29.57 ? 168 TYR A N   1 
ATOM   1325 C  CA  . TYR A 1 171 ? -4.207  -8.937  2.167   1.00 30.99 ? 168 TYR A CA  1 
ATOM   1326 C  C   . TYR A 1 171 ? -4.276  -10.394 2.622   1.00 30.83 ? 168 TYR A C   1 
ATOM   1327 O  O   . TYR A 1 171 ? -4.319  -11.307 1.792   1.00 31.57 ? 168 TYR A O   1 
ATOM   1328 C  CB  . TYR A 1 171 ? -2.788  -8.514  1.763   1.00 31.55 ? 168 TYR A CB  1 
ATOM   1329 C  CG  . TYR A 1 171 ? -1.678  -8.953  2.689   1.00 33.93 ? 168 TYR A CG  1 
ATOM   1330 C  CD1 . TYR A 1 171 ? -0.974  -10.140 2.456   1.00 35.80 ? 168 TYR A CD1 1 
ATOM   1331 C  CD2 . TYR A 1 171 ? -1.297  -8.174  3.767   1.00 34.15 ? 168 TYR A CD2 1 
ATOM   1332 C  CE1 . TYR A 1 171 ? 0.039   -10.545 3.305   1.00 35.26 ? 168 TYR A CE1 1 
ATOM   1333 C  CE2 . TYR A 1 171 ? -0.277  -8.591  4.633   1.00 33.18 ? 168 TYR A CE2 1 
ATOM   1334 C  CZ  . TYR A 1 171 ? 0.376   -9.745  4.383   1.00 34.15 ? 168 TYR A CZ  1 
ATOM   1335 O  OH  . TYR A 1 171 ? 1.370   -10.119 5.247   1.00 35.21 ? 168 TYR A OH  1 
ATOM   1336 N  N   . THR A 1 172 ? -4.302  -10.624 3.931   1.00 30.02 ? 169 THR A N   1 
ATOM   1337 C  CA  . THR A 1 172 ? -4.288  -12.014 4.423   1.00 29.93 ? 169 THR A CA  1 
ATOM   1338 C  C   . THR A 1 172 ? -5.663  -12.691 4.358   1.00 30.72 ? 169 THR A C   1 
ATOM   1339 O  O   . THR A 1 172 ? -5.745  -13.915 4.494   1.00 31.32 ? 169 THR A O   1 
ATOM   1340 C  CB  . THR A 1 172 ? -3.781  -12.141 5.893   1.00 29.91 ? 169 THR A CB  1 
ATOM   1341 O  OG1 . THR A 1 172 ? -4.711  -11.497 6.803   1.00 29.26 ? 169 THR A OG1 1 
ATOM   1342 C  CG2 . THR A 1 172 ? -2.401  -11.504 6.038   1.00 29.51 ? 169 THR A CG2 1 
ATOM   1343 N  N   . TRP A 1 173 ? -6.735  -11.918 4.217   1.00 30.48 ? 170 TRP A N   1 
ATOM   1344 C  CA  . TRP A 1 173 ? -8.088  -12.499 4.393   1.00 30.46 ? 170 TRP A CA  1 
ATOM   1345 C  C   . TRP A 1 173 ? -9.131  -11.975 3.404   1.00 31.36 ? 170 TRP A C   1 
ATOM   1346 O  O   . TRP A 1 173 ? -10.106 -12.678 3.066   1.00 31.73 ? 170 TRP A O   1 
ATOM   1347 C  CB  . TRP A 1 173 ? -8.589  -12.253 5.828   1.00 29.87 ? 170 TRP A CB  1 
ATOM   1348 C  CG  . TRP A 1 173 ? -8.826  -10.772 6.225   1.00 26.82 ? 170 TRP A CG  1 
ATOM   1349 C  CD1 . TRP A 1 173 ? -7.936  -9.914  6.861   1.00 27.07 ? 170 TRP A CD1 1 
ATOM   1350 C  CD2 . TRP A 1 173 ? -10.039 -10.029 6.058   1.00 28.29 ? 170 TRP A CD2 1 
ATOM   1351 N  NE1 . TRP A 1 173 ? -8.532  -8.678  7.067   1.00 28.89 ? 170 TRP A NE1 1 
ATOM   1352 C  CE2 . TRP A 1 173 ? -9.824  -8.731  6.602   1.00 27.41 ? 170 TRP A CE2 1 
ATOM   1353 C  CE3 . TRP A 1 173 ? -11.305 -10.336 5.495   1.00 29.84 ? 170 TRP A CE3 1 
ATOM   1354 C  CZ2 . TRP A 1 173 ? -10.804 -7.750  6.581   1.00 28.47 ? 170 TRP A CZ2 1 
ATOM   1355 C  CZ3 . TRP A 1 173 ? -12.279 -9.347  5.480   1.00 28.56 ? 170 TRP A CZ3 1 
ATOM   1356 C  CH2 . TRP A 1 173 ? -12.017 -8.073  6.035   1.00 29.42 ? 170 TRP A CH2 1 
ATOM   1357 N  N   . TYR A 1 174 ? -8.949  -10.734 2.969   1.00 31.10 ? 171 TYR A N   1 
ATOM   1358 C  CA  . TYR A 1 174 ? -10.002 -10.027 2.209   1.00 30.65 ? 171 TYR A CA  1 
ATOM   1359 C  C   . TYR A 1 174 ? -9.914  -10.243 0.712   1.00 30.91 ? 171 TYR A C   1 
ATOM   1360 O  O   . TYR A 1 174 ? -8.841  -10.117 0.116   1.00 31.75 ? 171 TYR A O   1 
ATOM   1361 C  CB  . TYR A 1 174 ? -9.978  -8.532  2.522   1.00 30.78 ? 171 TYR A CB  1 
ATOM   1362 C  CG  . TYR A 1 174 ? -10.915 -7.727  1.665   1.00 29.66 ? 171 TYR A CG  1 
ATOM   1363 C  CD1 . TYR A 1 174 ? -12.289 -7.849  1.816   1.00 31.06 ? 171 TYR A CD1 1 
ATOM   1364 C  CD2 . TYR A 1 174 ? -10.411 -6.850  0.677   1.00 29.54 ? 171 TYR A CD2 1 
ATOM   1365 C  CE1 . TYR A 1 174 ? -13.187 -7.113  1.020   1.00 27.14 ? 171 TYR A CE1 1 
ATOM   1366 C  CE2 . TYR A 1 174 ? -11.276 -6.132  -0.149  1.00 29.54 ? 171 TYR A CE2 1 
ATOM   1367 C  CZ  . TYR A 1 174 ? -12.665 -6.263  0.041   1.00 30.16 ? 171 TYR A CZ  1 
ATOM   1368 O  OH  . TYR A 1 174 ? -13.521 -5.559  -0.758  1.00 30.37 ? 171 TYR A OH  1 
ATOM   1369 N  N   . LYS A 1 175 ? -11.047 -10.588 0.098   1.00 30.21 ? 172 LYS A N   1 
ATOM   1370 C  CA  . LYS A 1 175 ? -11.118 -10.741 -1.362  1.00 31.17 ? 172 LYS A CA  1 
ATOM   1371 C  C   . LYS A 1 175 ? -11.978 -9.613  -1.957  1.00 30.05 ? 172 LYS A C   1 
ATOM   1372 O  O   . LYS A 1 175 ? -13.171 -9.504  -1.660  1.00 29.22 ? 172 LYS A O   1 
ATOM   1373 C  CB  . LYS A 1 175 ? -11.640 -12.126 -1.732  1.00 32.94 ? 172 LYS A CB  1 
ATOM   1374 C  CG  . LYS A 1 175 ? -10.652 -13.331 -1.526  1.00 36.55 ? 172 LYS A CG  1 
ATOM   1375 C  CD  . LYS A 1 175 ? -9.679  -13.244 -0.319  1.00 40.57 ? 172 LYS A CD  1 
ATOM   1376 C  CE  . LYS A 1 175 ? -9.153  -14.653 0.134   1.00 42.28 ? 172 LYS A CE  1 
ATOM   1377 N  NZ  . LYS A 1 175 ? -7.977  -14.629 1.105   1.00 41.45 ? 172 LYS A NZ  1 
ATOM   1378 N  N   . ALA A 1 176 ? -11.347 -8.758  -2.764  1.00 29.26 ? 173 ALA A N   1 
ATOM   1379 C  CA  . ALA A 1 176 ? -11.981 -7.571  -3.285  1.00 29.52 ? 173 ALA A CA  1 
ATOM   1380 C  C   . ALA A 1 176 ? -13.155 -7.816  -4.273  1.00 30.42 ? 173 ALA A C   1 
ATOM   1381 O  O   . ALA A 1 176 ? -13.919 -6.861  -4.582  1.00 30.82 ? 173 ALA A O   1 
ATOM   1382 C  CB  . ALA A 1 176 ? -10.937 -6.647  -3.924  1.00 30.14 ? 173 ALA A CB  1 
ATOM   1383 N  N   . ASP A 1 177 ? -13.274 -9.043  -4.784  1.00 29.91 ? 174 ASP A N   1 
ATOM   1384 C  CA  . ASP A 1 177 ? -14.375 -9.395  -5.706  1.00 31.31 ? 174 ASP A CA  1 
ATOM   1385 C  C   . ASP A 1 177 ? -15.511 -10.137 -4.998  1.00 30.91 ? 174 ASP A C   1 
ATOM   1386 O  O   . ASP A 1 177 ? -16.385 -10.732 -5.646  1.00 30.41 ? 174 ASP A O   1 
ATOM   1387 C  CB  . ASP A 1 177 ? -13.849 -10.207 -6.910  1.00 31.46 ? 174 ASP A CB  1 
ATOM   1388 C  CG  . ASP A 1 177 ? -13.303 -11.567 -6.524  1.00 34.71 ? 174 ASP A CG  1 
ATOM   1389 O  OD1 . ASP A 1 177 ? -13.236 -11.921 -5.318  1.00 37.28 ? 174 ASP A OD1 1 
ATOM   1390 O  OD2 . ASP A 1 177 ? -12.939 -12.321 -7.450  1.00 41.01 ? 174 ASP A OD2 1 
ATOM   1391 N  N   . GLY A 1 178 ? -15.503 -10.080 -3.670  1.00 30.56 ? 175 GLY A N   1 
ATOM   1392 C  CA  . GLY A 1 178 ? -16.493 -10.829 -2.866  1.00 31.59 ? 175 GLY A CA  1 
ATOM   1393 C  C   . GLY A 1 178 ? -17.713 -10.002 -2.516  1.00 31.85 ? 175 GLY A C   1 
ATOM   1394 O  O   . GLY A 1 178 ? -17.937 -8.914  -3.060  1.00 31.07 ? 175 GLY A O   1 
ATOM   1395 N  N   . SER A 1 179 ? -18.488 -10.515 -1.578  1.00 32.95 ? 176 SER A N   1 
ATOM   1396 C  CA  . SER A 1 179 ? -19.733 -9.890  -1.113  1.00 34.36 ? 176 SER A CA  1 
ATOM   1397 C  C   . SER A 1 179 ? -19.576 -8.415  -0.735  1.00 33.96 ? 176 SER A C   1 
ATOM   1398 O  O   . SER A 1 179 ? -20.349 -7.531  -1.228  1.00 35.36 ? 176 SER A O   1 
ATOM   1399 C  CB  . SER A 1 179 ? -20.214 -10.663 0.107   1.00 34.28 ? 176 SER A CB  1 
ATOM   1400 O  OG  . SER A 1 179 ? -20.739 -11.872 -0.350  1.00 39.73 ? 176 SER A OG  1 
ATOM   1401 N  N   . VAL A 1 180 ? -18.529 -8.149  0.060   1.00 31.08 ? 177 VAL A N   1 
ATOM   1402 C  CA  . VAL A 1 180 ? -18.173 -6.827  0.552   1.00 30.70 ? 177 VAL A CA  1 
ATOM   1403 C  C   . VAL A 1 180 ? -17.179 -6.095  -0.392  1.00 30.74 ? 177 VAL A C   1 
ATOM   1404 O  O   . VAL A 1 180 ? -16.042 -6.536  -0.565  1.00 30.35 ? 177 VAL A O   1 
ATOM   1405 C  CB  . VAL A 1 180 ? -17.546 -6.918  1.979   1.00 31.04 ? 177 VAL A CB  1 
ATOM   1406 C  CG1 . VAL A 1 180 ? -17.347 -5.481  2.581   1.00 30.35 ? 177 VAL A CG1 1 
ATOM   1407 C  CG2 . VAL A 1 180 ? -18.440 -7.780  2.881   1.00 30.32 ? 177 VAL A CG2 1 
ATOM   1408 N  N   . SER A 1 181 ? -17.622 -4.977  -0.975  1.00 30.11 ? 178 SER A N   1 
ATOM   1409 C  CA  . SER A 1 181 ? -16.830 -4.237  -1.953  1.00 31.09 ? 178 SER A CA  1 
ATOM   1410 C  C   . SER A 1 181 ? -15.726 -3.457  -1.259  1.00 31.82 ? 178 SER A C   1 
ATOM   1411 O  O   . SER A 1 181 ? -15.823 -3.196  -0.059  1.00 32.57 ? 178 SER A O   1 
ATOM   1412 C  CB  . SER A 1 181 ? -17.718 -3.266  -2.734  1.00 30.06 ? 178 SER A CB  1 
ATOM   1413 O  OG  . SER A 1 181 ? -18.081 -2.177  -1.893  1.00 29.05 ? 178 SER A OG  1 
ATOM   1414 N  N   . PRO A 1 182 ? -14.651 -3.099  -1.995  1.00 32.04 ? 179 PRO A N   1 
ATOM   1415 C  CA  . PRO A 1 182 ? -13.663 -2.187  -1.387  1.00 31.68 ? 179 PRO A CA  1 
ATOM   1416 C  C   . PRO A 1 182 ? -14.244 -0.934  -0.719  1.00 31.25 ? 179 PRO A C   1 
ATOM   1417 O  O   . PRO A 1 182 ? -13.843 -0.631  0.419   1.00 30.56 ? 179 PRO A O   1 
ATOM   1418 C  CB  . PRO A 1 182 ? -12.702 -1.858  -2.551  1.00 31.64 ? 179 PRO A CB  1 
ATOM   1419 C  CG  . PRO A 1 182 ? -12.710 -3.134  -3.348  1.00 32.27 ? 179 PRO A CG  1 
ATOM   1420 C  CD  . PRO A 1 182 ? -14.225 -3.526  -3.345  1.00 32.00 ? 179 PRO A CD  1 
ATOM   1421 N  N   . ASP A 1 183 ? -15.226 -0.274  -1.349  1.00 29.92 ? 180 ASP A N   1 
ATOM   1422 C  CA  . ASP A 1 183 ? -15.859 0.910   -0.732  1.00 31.10 ? 180 ASP A CA  1 
ATOM   1423 C  C   . ASP A 1 183 ? -16.645 0.555   0.539   1.00 30.63 ? 180 ASP A C   1 
ATOM   1424 O  O   . ASP A 1 183 ? -16.550 1.262   1.518   1.00 31.85 ? 180 ASP A O   1 
ATOM   1425 C  CB  . ASP A 1 183 ? -16.789 1.668   -1.692  1.00 31.14 ? 180 ASP A CB  1 
ATOM   1426 C  CG  . ASP A 1 183 ? -16.156 2.921   -2.259  1.00 35.60 ? 180 ASP A CG  1 
ATOM   1427 O  OD1 . ASP A 1 183 ? -14.877 3.018   -2.367  1.00 34.37 ? 180 ASP A OD1 1 
ATOM   1428 O  OD2 . ASP A 1 183 ? -16.968 3.803   -2.618  1.00 39.80 ? 180 ASP A OD2 1 
ATOM   1429 N  N   . ALA A 1 184 ? -17.436 -0.508  0.501   1.00 29.49 ? 181 ALA A N   1 
ATOM   1430 C  CA  . ALA A 1 184 ? -18.138 -1.026  1.695   1.00 29.66 ? 181 ALA A CA  1 
ATOM   1431 C  C   . ALA A 1 184 ? -17.145 -1.355  2.826   1.00 29.22 ? 181 ALA A C   1 
ATOM   1432 O  O   . ALA A 1 184 ? -17.369 -1.008  3.994   1.00 29.57 ? 181 ALA A O   1 
ATOM   1433 C  CB  . ALA A 1 184 ? -19.019 -2.264  1.321   1.00 29.95 ? 181 ALA A CB  1 
ATOM   1434 N  N   . LEU A 1 185 ? -16.024 -1.991  2.493   1.00 29.39 ? 182 LEU A N   1 
ATOM   1435 C  CA  . LEU A 1 185 ? -15.058 -2.352  3.539   1.00 30.18 ? 182 LEU A CA  1 
ATOM   1436 C  C   . LEU A 1 185 ? -14.473 -1.066  4.176   1.00 29.82 ? 182 LEU A C   1 
ATOM   1437 O  O   . LEU A 1 185 ? -14.285 -0.984  5.411   1.00 29.62 ? 182 LEU A O   1 
ATOM   1438 C  CB  . LEU A 1 185 ? -13.957 -3.279  2.979   1.00 29.53 ? 182 LEU A CB  1 
ATOM   1439 C  CG  . LEU A 1 185 ? -12.830 -3.608  3.956   1.00 32.70 ? 182 LEU A CG  1 
ATOM   1440 C  CD1 . LEU A 1 185 ? -13.395 -4.379  5.152   1.00 29.31 ? 182 LEU A CD1 1 
ATOM   1441 C  CD2 . LEU A 1 185 ? -11.718 -4.463  3.263   1.00 30.32 ? 182 LEU A CD2 1 
ATOM   1442 N  N   . ALA A 1 186 ? -14.195 -0.068  3.335   1.00 29.38 ? 183 ALA A N   1 
ATOM   1443 C  CA  . ALA A 1 186 ? -13.612 1.197   3.768   1.00 28.25 ? 183 ALA A CA  1 
ATOM   1444 C  C   . ALA A 1 186 ? -14.572 1.921   4.702   1.00 29.12 ? 183 ALA A C   1 
ATOM   1445 O  O   . ALA A 1 186 ? -14.145 2.367   5.775   1.00 27.09 ? 183 ALA A O   1 
ATOM   1446 C  CB  . ALA A 1 186 ? -13.271 2.132   2.532   1.00 28.77 ? 183 ALA A CB  1 
ATOM   1447 N  N   . GLU A 1 187 ? -15.847 2.029   4.296   1.00 29.28 ? 184 GLU A N   1 
ATOM   1448 C  CA  . GLU A 1 187 ? -16.899 2.658   5.132   1.00 30.64 ? 184 GLU A CA  1 
ATOM   1449 C  C   . GLU A 1 187 ? -17.055 2.005   6.482   1.00 31.50 ? 184 GLU A C   1 
ATOM   1450 O  O   . GLU A 1 187 ? -17.168 2.693   7.511   1.00 29.54 ? 184 GLU A O   1 
ATOM   1451 C  CB  . GLU A 1 187 ? -18.235 2.725   4.397   1.00 31.28 ? 184 GLU A CB  1 
ATOM   1452 C  CG  . GLU A 1 187 ? -18.091 3.649   3.183   1.00 36.17 ? 184 GLU A CG  1 
ATOM   1453 C  CD  . GLU A 1 187 ? -19.312 3.793   2.301   1.00 44.74 ? 184 GLU A CD  1 
ATOM   1454 O  OE1 . GLU A 1 187 ? -20.139 2.851   2.267   1.00 49.56 ? 184 GLU A OE1 1 
ATOM   1455 O  OE2 . GLU A 1 187 ? -19.417 4.852   1.611   1.00 45.97 ? 184 GLU A OE2 1 
ATOM   1456 N  N   . ARG A 1 188 ? -17.071 0.668   6.464   1.00 31.04 ? 185 ARG A N   1 
ATOM   1457 C  CA  . ARG A 1 188 ? -17.102 -0.145  7.677   1.00 32.00 ? 185 ARG A CA  1 
ATOM   1458 C  C   . ARG A 1 188 ? -15.884 0.103   8.580   1.00 31.95 ? 185 ARG A C   1 
ATOM   1459 O  O   . ARG A 1 188 ? -16.042 0.295   9.781   1.00 32.61 ? 185 ARG A O   1 
ATOM   1460 C  CB  . ARG A 1 188 ? -17.085 -1.627  7.317   1.00 31.15 ? 185 ARG A CB  1 
ATOM   1461 C  CG  . ARG A 1 188 ? -17.346 -2.574  8.556   1.00 35.05 ? 185 ARG A CG  1 
ATOM   1462 C  CD  . ARG A 1 188 ? -18.775 -2.442  8.957   1.00 36.90 ? 185 ARG A CD  1 
ATOM   1463 N  NE  . ARG A 1 188 ? -19.228 -3.470  9.900   1.00 40.91 ? 185 ARG A NE  1 
ATOM   1464 C  CZ  . ARG A 1 188 ? -20.505 -3.627  10.232  1.00 39.41 ? 185 ARG A CZ  1 
ATOM   1465 N  NH1 . ARG A 1 188 ? -21.418 -2.839  9.678   1.00 39.90 ? 185 ARG A NH1 1 
ATOM   1466 N  NH2 . ARG A 1 188 ? -20.867 -4.539  11.105  1.00 35.77 ? 185 ARG A NH2 1 
ATOM   1467 N  N   . THR A 1 189 ? -14.684 -0.006  8.012   1.00 30.79 ? 186 THR A N   1 
ATOM   1468 C  CA  . THR A 1 189 ? -13.414 0.287   8.718   1.00 31.96 ? 186 THR A CA  1 
ATOM   1469 C  C   . THR A 1 189 ? -13.428 1.669   9.423   1.00 31.48 ? 186 THR A C   1 
ATOM   1470 O  O   . THR A 1 189 ? -13.096 1.804   10.607  1.00 30.34 ? 186 THR A O   1 
ATOM   1471 C  CB  . THR A 1 189 ? -12.245 0.216   7.730   1.00 32.08 ? 186 THR A CB  1 
ATOM   1472 O  OG1 . THR A 1 189 ? -12.220 -1.105  7.168   1.00 31.87 ? 186 THR A OG1 1 
ATOM   1473 C  CG2 . THR A 1 189 ? -10.897 0.531   8.416   1.00 35.19 ? 186 THR A CG2 1 
ATOM   1474 N  N   . VAL A 1 190 ? -13.851 2.678   8.701   1.00 30.80 ? 187 VAL A N   1 
ATOM   1475 C  CA  . VAL A 1 190 ? -13.982 4.013   9.281   1.00 31.31 ? 187 VAL A CA  1 
ATOM   1476 C  C   . VAL A 1 190 ? -15.061 4.145   10.353  1.00 31.52 ? 187 VAL A C   1 
ATOM   1477 O  O   . VAL A 1 190 ? -14.806 4.754   11.402  1.00 30.69 ? 187 VAL A O   1 
ATOM   1478 C  CB  . VAL A 1 190 ? -14.204 5.059   8.163   1.00 32.51 ? 187 VAL A CB  1 
ATOM   1479 C  CG1 . VAL A 1 190 ? -14.492 6.451   8.742   1.00 30.09 ? 187 VAL A CG1 1 
ATOM   1480 C  CG2 . VAL A 1 190 ? -12.964 5.119   7.275   1.00 30.14 ? 187 VAL A CG2 1 
ATOM   1481 N  N   . GLN A 1 191 ? -16.267 3.615   10.097  1.00 30.71 ? 188 GLN A N   1 
ATOM   1482 C  CA  . GLN A 1 191 ? -17.327 3.635   11.128  1.00 32.57 ? 188 GLN A CA  1 
ATOM   1483 C  C   . GLN A 1 191 ? -16.806 2.957   12.435  1.00 31.15 ? 188 GLN A C   1 
ATOM   1484 O  O   . GLN A 1 191 ? -16.989 3.476   13.536  1.00 30.42 ? 188 GLN A O   1 
ATOM   1485 C  CB  . GLN A 1 191 ? -18.629 2.911   10.615  1.00 31.39 ? 188 GLN A CB  1 
ATOM   1486 C  CG  . GLN A 1 191 ? -19.368 3.666   9.444   1.00 35.85 ? 188 GLN A CG  1 
ATOM   1487 C  CD  . GLN A 1 191 ? -20.313 2.738   8.588   1.00 38.94 ? 188 GLN A CD  1 
ATOM   1488 O  OE1 . GLN A 1 191 ? -20.585 1.557   8.951   1.00 44.48 ? 188 GLN A OE1 1 
ATOM   1489 N  NE2 . GLN A 1 191 ? -20.787 3.274   7.432   1.00 44.38 ? 188 GLN A NE2 1 
ATOM   1490 N  N   . LEU A 1 192 ? -16.200 1.774   12.297  1.00 29.98 ? 189 LEU A N   1 
ATOM   1491 C  CA  A LEU A 1 192 ? -15.692 1.028   13.447  0.50 29.81 ? 189 LEU A CA  1 
ATOM   1492 C  CA  B LEU A 1 192 ? -15.666 1.023   13.439  0.50 30.19 ? 189 LEU A CA  1 
ATOM   1493 C  C   . LEU A 1 192 ? -14.605 1.828   14.174  1.00 30.09 ? 189 LEU A C   1 
ATOM   1494 O  O   . LEU A 1 192 ? -14.683 2.021   15.415  1.00 30.34 ? 189 LEU A O   1 
ATOM   1495 C  CB  A LEU A 1 192 ? -15.125 -0.333  13.003  0.50 29.18 ? 189 LEU A CB  1 
ATOM   1496 C  CB  B LEU A 1 192 ? -15.038 -0.312  12.983  0.50 29.66 ? 189 LEU A CB  1 
ATOM   1497 C  CG  A LEU A 1 192 ? -16.082 -1.449  12.551  0.50 28.11 ? 189 LEU A CG  1 
ATOM   1498 C  CG  B LEU A 1 192 ? -15.770 -1.608  13.354  0.50 30.67 ? 189 LEU A CG  1 
ATOM   1499 C  CD1 A LEU A 1 192 ? -15.307 -2.484  11.701  0.50 23.96 ? 189 LEU A CD1 1 
ATOM   1500 C  CD1 B LEU A 1 192 ? -15.155 -2.853  12.701  0.50 26.33 ? 189 LEU A CD1 1 
ATOM   1501 C  CD2 A LEU A 1 192 ? -16.698 -2.155  13.763  0.50 25.50 ? 189 LEU A CD2 1 
ATOM   1502 C  CD2 B LEU A 1 192 ? -15.780 -1.743  14.856  0.50 27.13 ? 189 LEU A CD2 1 
ATOM   1503 N  N   . PHE A 1 193 ? -13.590 2.260   13.424  1.00 30.03 ? 190 PHE A N   1 
ATOM   1504 C  CA  . PHE A 1 193 ? -12.427 2.966   14.013  1.00 30.98 ? 190 PHE A CA  1 
ATOM   1505 C  C   . PHE A 1 193 ? -12.849 4.287   14.679  1.00 31.95 ? 190 PHE A C   1 
ATOM   1506 O  O   . PHE A 1 193 ? -12.462 4.544   15.794  1.00 32.24 ? 190 PHE A O   1 
ATOM   1507 C  CB  . PHE A 1 193 ? -11.296 3.240   12.993  1.00 31.66 ? 190 PHE A CB  1 
ATOM   1508 C  CG  . PHE A 1 193 ? -10.039 3.811   13.650  1.00 35.15 ? 190 PHE A CG  1 
ATOM   1509 C  CD1 . PHE A 1 193 ? -9.215  2.996   14.413  1.00 38.78 ? 190 PHE A CD1 1 
ATOM   1510 C  CD2 . PHE A 1 193 ? -9.736  5.160   13.554  1.00 35.35 ? 190 PHE A CD2 1 
ATOM   1511 C  CE1 . PHE A 1 193 ? -8.075  3.512   15.063  1.00 38.89 ? 190 PHE A CE1 1 
ATOM   1512 C  CE2 . PHE A 1 193 ? -8.604  5.673   14.201  1.00 37.14 ? 190 PHE A CE2 1 
ATOM   1513 C  CZ  . PHE A 1 193 ? -7.791  4.839   14.950  1.00 35.49 ? 190 PHE A CZ  1 
ATOM   1514 N  N   . LEU A 1 194 ? -13.654 5.105   13.992  1.00 30.48 ? 191 LEU A N   1 
ATOM   1515 C  CA  . LEU A 1 194 ? -14.063 6.413   14.523  1.00 30.61 ? 191 LEU A CA  1 
ATOM   1516 C  C   . LEU A 1 194 ? -15.148 6.358   15.599  1.00 29.03 ? 191 LEU A C   1 
ATOM   1517 O  O   . LEU A 1 194 ? -15.090 7.081   16.589  1.00 28.61 ? 191 LEU A O   1 
ATOM   1518 C  CB  . LEU A 1 194 ? -14.535 7.349   13.385  1.00 30.26 ? 191 LEU A CB  1 
ATOM   1519 C  CG  . LEU A 1 194 ? -13.441 7.751   12.381  1.00 32.28 ? 191 LEU A CG  1 
ATOM   1520 C  CD1 . LEU A 1 194 ? -13.983 8.858   11.493  1.00 31.90 ? 191 LEU A CD1 1 
ATOM   1521 C  CD2 . LEU A 1 194 ? -12.113 8.193   13.034  1.00 34.52 ? 191 LEU A CD2 1 
ATOM   1522 N  N   . ASP A 1 195 ? -16.150 5.517   15.391  1.00 29.46 ? 192 ASP A N   1 
ATOM   1523 C  CA  . ASP A 1 195 ? -17.328 5.538   16.262  1.00 31.22 ? 192 ASP A CA  1 
ATOM   1524 C  C   . ASP A 1 195 ? -17.507 4.287   17.126  1.00 29.88 ? 192 ASP A C   1 
ATOM   1525 O  O   . ASP A 1 195 ? -18.287 4.293   18.106  1.00 27.98 ? 192 ASP A O   1 
ATOM   1526 C  CB  . ASP A 1 195 ? -18.580 5.876   15.430  1.00 33.18 ? 192 ASP A CB  1 
ATOM   1527 C  CG  . ASP A 1 195 ? -18.542 7.329   14.907  1.00 38.75 ? 192 ASP A CG  1 
ATOM   1528 O  OD1 . ASP A 1 195 ? -18.604 8.265   15.741  1.00 48.90 ? 192 ASP A OD1 1 
ATOM   1529 O  OD2 . ASP A 1 195 ? -18.413 7.548   13.690  1.00 47.47 ? 192 ASP A OD2 1 
ATOM   1530 N  N   . GLY A 1 196 ? -16.761 3.223   16.810  1.00 28.14 ? 193 GLY A N   1 
ATOM   1531 C  CA  . GLY A 1 196 ? -16.733 2.074   17.718  1.00 27.49 ? 193 GLY A CA  1 
ATOM   1532 C  C   . GLY A 1 196 ? -17.698 0.967   17.386  1.00 27.69 ? 193 GLY A C   1 
ATOM   1533 O  O   . GLY A 1 196 ? -18.827 1.209   16.990  1.00 26.87 ? 193 GLY A O   1 
ATOM   1534 N  N   . TYR A 1 197 ? -17.231 -0.274  17.565  1.00 26.80 ? 194 TYR A N   1 
ATOM   1535 C  CA  . TYR A 1 197 ? -18.046 -1.477  17.415  1.00 27.21 ? 194 TYR A CA  1 
ATOM   1536 C  C   . TYR A 1 197 ? -19.380 -1.413  18.179  1.00 28.66 ? 194 TYR A C   1 
ATOM   1537 O  O   . TYR A 1 197 ? -20.435 -1.865  17.673  1.00 27.38 ? 194 TYR A O   1 
ATOM   1538 C  CB  . TYR A 1 197 ? -17.250 -2.679  17.916  1.00 25.93 ? 194 TYR A CB  1 
ATOM   1539 C  CG  . TYR A 1 197 ? -17.927 -3.977  17.656  1.00 28.15 ? 194 TYR A CG  1 
ATOM   1540 C  CD1 . TYR A 1 197 ? -18.457 -4.737  18.699  1.00 26.18 ? 194 TYR A CD1 1 
ATOM   1541 C  CD2 . TYR A 1 197 ? -18.047 -4.449  16.366  1.00 28.86 ? 194 TYR A CD2 1 
ATOM   1542 C  CE1 . TYR A 1 197 ? -19.104 -5.948  18.430  1.00 27.32 ? 194 TYR A CE1 1 
ATOM   1543 C  CE2 . TYR A 1 197 ? -18.699 -5.648  16.096  1.00 31.49 ? 194 TYR A CE2 1 
ATOM   1544 C  CZ  . TYR A 1 197 ? -19.195 -6.398  17.125  1.00 26.72 ? 194 TYR A CZ  1 
ATOM   1545 O  OH  . TYR A 1 197 ? -19.871 -7.597  16.817  1.00 32.19 ? 194 TYR A OH  1 
ATOM   1546 N  N   . LEU A 1 198 ? -19.318 -0.892  19.403  1.00 29.22 ? 195 LEU A N   1 
ATOM   1547 C  CA  . LEU A 1 198 ? -20.502 -0.804  20.267  1.00 32.13 ? 195 LEU A CA  1 
ATOM   1548 C  C   . LEU A 1 198 ? -21.615 0.180   19.815  1.00 33.55 ? 195 LEU A C   1 
ATOM   1549 O  O   . LEU A 1 198 ? -22.757 0.080   20.286  1.00 32.98 ? 195 LEU A O   1 
ATOM   1550 C  CB  . LEU A 1 198 ? -20.083 -0.556  21.711  1.00 31.95 ? 195 LEU A CB  1 
ATOM   1551 C  CG  . LEU A 1 198 ? -19.195 -1.611  22.403  1.00 30.83 ? 195 LEU A CG  1 
ATOM   1552 C  CD1 . LEU A 1 198 ? -18.880 -1.173  23.860  1.00 32.16 ? 195 LEU A CD1 1 
ATOM   1553 C  CD2 . LEU A 1 198 ? -19.821 -3.047  22.427  1.00 31.39 ? 195 LEU A CD2 1 
ATOM   1554 N  N   . ASN A 1 199 ? -21.307 1.087   18.888  1.00 34.25 ? 196 ASN A N   1 
ATOM   1555 C  CA  . ASN A 1 199 ? -22.309 2.063   18.424  1.00 35.77 ? 196 ASN A CA  1 
ATOM   1556 C  C   . ASN A 1 199 ? -22.709 1.859   16.956  1.00 37.09 ? 196 ASN A C   1 
ATOM   1557 O  O   . ASN A 1 199 ? -23.495 2.630   16.389  1.00 36.98 ? 196 ASN A O   1 
ATOM   1558 C  CB  . ASN A 1 199 ? -21.785 3.494   18.612  1.00 36.33 ? 196 ASN A CB  1 
ATOM   1559 C  CG  . ASN A 1 199 ? -21.200 3.714   19.974  1.00 36.59 ? 196 ASN A CG  1 
ATOM   1560 O  OD1 . ASN A 1 199 ? -19.979 3.859   20.134  1.00 39.47 ? 196 ASN A OD1 1 
ATOM   1561 N  ND2 . ASN A 1 199 ? -22.043 3.700   20.974  1.00 34.44 ? 196 ASN A ND2 1 
ATOM   1562 N  N   . LEU A 1 200 ? -22.149 0.833   16.344  1.00 37.33 ? 197 LEU A N   1 
ATOM   1563 C  CA  . LEU A 1 200 ? -22.386 0.556   14.949  1.00 40.29 ? 197 LEU A CA  1 
ATOM   1564 C  C   . LEU A 1 200 ? -23.850 0.144   14.835  1.00 41.37 ? 197 LEU A C   1 
ATOM   1565 O  O   . LEU A 1 200 ? -24.351 -0.636  15.660  1.00 40.47 ? 197 LEU A O   1 
ATOM   1566 C  CB  . LEU A 1 200 ? -21.486 -0.609  14.566  1.00 40.26 ? 197 LEU A CB  1 
ATOM   1567 C  CG  . LEU A 1 200 ? -20.716 -0.843  13.271  1.00 44.21 ? 197 LEU A CG  1 
ATOM   1568 C  CD1 . LEU A 1 200 ? -20.052 0.384   12.678  1.00 44.67 ? 197 LEU A CD1 1 
ATOM   1569 C  CD2 . LEU A 1 200 ? -19.675 -1.876  13.602  1.00 43.76 ? 197 LEU A CD2 1 
ATOM   1570 N  N   . LEU A 1 201 ? -24.551 0.680   13.841  1.00 43.48 ? 198 LEU A N   1 
ATOM   1571 C  CA  . LEU A 1 201 ? -25.939 0.272   13.617  1.00 46.07 ? 198 LEU A CA  1 
ATOM   1572 C  C   . LEU A 1 201 ? -26.007 -1.143  13.083  1.00 47.24 ? 198 LEU A C   1 
ATOM   1573 O  O   . LEU A 1 201 ? -25.222 -1.545  12.212  1.00 46.84 ? 198 LEU A O   1 
ATOM   1574 C  CB  . LEU A 1 201 ? -26.673 1.253   12.701  1.00 46.10 ? 198 LEU A CB  1 
ATOM   1575 C  CG  . LEU A 1 201 ? -27.647 2.231   13.382  1.00 47.31 ? 198 LEU A CG  1 
ATOM   1576 C  CD1 . LEU A 1 201 ? -27.101 2.888   14.668  1.00 48.53 ? 198 LEU A CD1 1 
ATOM   1577 C  CD2 . LEU A 1 201 ? -28.091 3.314   12.387  1.00 47.65 ? 198 LEU A CD2 1 
ATOM   1578 N  N   . SER A 1 202 ? -26.932 -1.912  13.638  1.00 49.60 ? 199 SER A N   1 
ATOM   1579 C  CA  . SER A 1 202 ? -27.134 -3.274  13.191  1.00 52.32 ? 199 SER A CA  1 
ATOM   1580 C  C   . SER A 1 202 ? -28.341 -3.383  12.272  1.00 53.62 ? 199 SER A C   1 
ATOM   1581 O  O   . SER A 1 202 ? -29.461 -3.044  12.670  1.00 54.12 ? 199 SER A O   1 
ATOM   1582 C  CB  . SER A 1 202 ? -27.307 -4.206  14.382  1.00 52.36 ? 199 SER A CB  1 
ATOM   1583 O  OG  . SER A 1 202 ? -27.047 -5.538  13.969  1.00 54.90 ? 199 SER A OG  1 
ATOM   1584 N  N   . ALA A 1 203 ? -28.096 -3.844  11.046  1.00 55.49 ? 200 ALA A N   1 
ATOM   1585 C  CA  . ALA A 1 203 ? -29.153 -4.092  10.039  1.00 56.60 ? 200 ALA A CA  1 
ATOM   1586 C  C   . ALA A 1 203 ? -30.281 -4.989  10.542  1.00 57.21 ? 200 ALA A C   1 
ATOM   1587 O  O   . ALA A 1 203 ? -31.187 -4.539  11.260  1.00 57.84 ? 200 ALA A O   1 
ATOM   1588 C  CB  . ALA A 1 203 ? -28.545 -4.701  8.773   1.00 57.17 ? 200 ALA A CB  1 
HETATM 1589 O  O   . HOH B 2 .   ? -7.703  -6.658  8.788   1.00 18.05 ? 201 HOH A O   1 
HETATM 1590 O  O   . HOH B 2 .   ? -3.151  17.234  12.103  1.00 17.66 ? 202 HOH A O   1 
HETATM 1591 O  O   . HOH B 2 .   ? -2.697  14.744  6.486   1.00 22.62 ? 203 HOH A O   1 
HETATM 1592 O  O   . HOH B 2 .   ? 3.557   13.236  4.886   1.00 28.10 ? 204 HOH A O   1 
HETATM 1593 O  O   . HOH B 2 .   ? -4.606  18.593  14.053  1.00 21.96 ? 205 HOH A O   1 
HETATM 1594 O  O   . HOH B 2 .   ? -10.846 7.956   -2.371  1.00 20.69 ? 206 HOH A O   1 
HETATM 1595 O  O   . HOH B 2 .   ? -8.582  -9.445  -3.563  1.00 25.95 ? 207 HOH A O   1 
HETATM 1596 O  O   . HOH B 2 .   ? -15.416 -9.366  -0.138  1.00 26.52 ? 208 HOH A O   1 
HETATM 1597 O  O   . HOH B 2 .   ? -9.107  20.172  12.610  1.00 31.76 ? 209 HOH A O   1 
HETATM 1598 O  O   . HOH B 2 .   ? -0.115  -5.259  -8.965  1.00 32.14 ? 210 HOH A O   1 
HETATM 1599 O  O   . HOH B 2 .   ? -9.026  14.316  8.242   1.00 31.31 ? 211 HOH A O   1 
HETATM 1600 O  O   . HOH B 2 .   ? -19.711 2.621   14.687  1.00 27.92 ? 212 HOH A O   1 
HETATM 1601 O  O   . HOH B 2 .   ? -4.411  16.886  6.276   1.00 25.01 ? 213 HOH A O   1 
HETATM 1602 O  O   . HOH B 2 .   ? -20.534 -4.576  -0.439  1.00 27.14 ? 214 HOH A O   1 
HETATM 1603 O  O   . HOH B 2 .   ? -6.871  -12.276 0.576   1.00 31.49 ? 215 HOH A O   1 
HETATM 1604 O  O   . HOH B 2 .   ? -5.641  -13.726 8.183   1.00 27.11 ? 216 HOH A O   1 
HETATM 1605 O  O   . HOH B 2 .   ? -15.936 -0.203  -4.219  1.00 25.87 ? 217 HOH A O   1 
HETATM 1606 O  O   . HOH B 2 .   ? -13.090 -5.381  -6.769  1.00 30.16 ? 218 HOH A O   1 
HETATM 1607 O  O   . HOH B 2 .   ? 4.206   4.934   20.047  1.00 45.73 ? 219 HOH A O   1 
HETATM 1608 O  O   . HOH B 2 .   ? -15.274 16.764  9.499   1.00 42.38 ? 220 HOH A O   1 
HETATM 1609 O  O   . HOH B 2 .   ? 5.327   9.051   9.859   1.00 32.74 ? 221 HOH A O   1 
HETATM 1610 O  O   . HOH B 2 .   ? 2.894   11.184  16.688  1.00 35.17 ? 222 HOH A O   1 
HETATM 1611 O  O   . HOH B 2 .   ? 6.008   13.427  6.380   1.00 36.29 ? 223 HOH A O   1 
HETATM 1612 O  O   . HOH B 2 .   ? 9.743   10.570  5.725   1.00 30.74 ? 224 HOH A O   1 
HETATM 1613 O  O   . HOH B 2 .   ? -7.472  -7.329  -5.227  1.00 37.84 ? 225 HOH A O   1 
HETATM 1614 O  O   . HOH B 2 .   ? -4.370  9.920   18.815  1.00 25.50 ? 226 HOH A O   1 
HETATM 1615 O  O   . HOH B 2 .   ? -19.744 3.251   -2.803  1.00 36.90 ? 227 HOH A O   1 
HETATM 1616 O  O   . HOH B 2 .   ? 1.033   -0.029  -8.242  1.00 45.68 ? 228 HOH A O   1 
HETATM 1617 O  O   . HOH B 2 .   ? 4.056   12.032  23.978  1.00 31.40 ? 229 HOH A O   1 
HETATM 1618 O  O   . HOH B 2 .   ? -0.358  -13.495 -2.528  1.00 52.17 ? 230 HOH A O   1 
HETATM 1619 O  O   . HOH B 2 .   ? 7.503   7.648   23.190  1.00 39.98 ? 231 HOH A O   1 
HETATM 1620 O  O   . HOH B 2 .   ? -14.395 15.309  14.996  1.00 38.21 ? 232 HOH A O   1 
HETATM 1621 O  O   . HOH B 2 .   ? -0.295  15.834  6.418   1.00 31.67 ? 233 HOH A O   1 
HETATM 1622 O  O   . HOH B 2 .   ? 12.672  8.944   -0.016  1.00 32.28 ? 234 HOH A O   1 
HETATM 1623 O  O   . HOH B 2 .   ? -3.433  0.681   -8.603  1.00 32.17 ? 235 HOH A O   1 
HETATM 1624 O  O   . HOH B 2 .   ? -2.638  19.670  15.672  1.00 23.01 ? 236 HOH A O   1 
HETATM 1625 O  O   . HOH B 2 .   ? 7.706   11.594  7.059   1.00 43.89 ? 237 HOH A O   1 
HETATM 1626 O  O   . HOH B 2 .   ? -13.323 -11.469 1.715   1.00 32.16 ? 238 HOH A O   1 
HETATM 1627 O  O   . HOH B 2 .   ? 2.622   13.505  25.806  1.00 36.44 ? 239 HOH A O   1 
HETATM 1628 O  O   . HOH B 2 .   ? -21.125 -4.821  2.422   1.00 30.91 ? 240 HOH A O   1 
HETATM 1629 O  O   . HOH B 2 .   ? 0.977   -8.722  -11.173 1.00 40.91 ? 241 HOH A O   1 
HETATM 1630 O  O   . HOH B 2 .   ? -9.331  9.062   -4.673  1.00 42.47 ? 242 HOH A O   1 
HETATM 1631 O  O   . HOH B 2 .   ? 4.515   2.202   20.880  1.00 33.67 ? 243 HOH A O   1 
HETATM 1632 O  O   . HOH B 2 .   ? -10.238 -6.662  -7.680  1.00 32.22 ? 244 HOH A O   1 
HETATM 1633 O  O   . HOH B 2 .   ? -3.076  11.284  21.225  1.00 24.10 ? 245 HOH A O   1 
HETATM 1634 O  O   . HOH B 2 .   ? -21.189 4.278   13.474  1.00 35.86 ? 246 HOH A O   1 
HETATM 1635 O  O   . HOH B 2 .   ? -11.055 5.441   -3.788  1.00 36.58 ? 247 HOH A O   1 
HETATM 1636 O  O   . HOH B 2 .   ? 0.585   16.633  16.947  1.00 34.29 ? 248 HOH A O   1 
HETATM 1637 O  O   . HOH B 2 .   ? -10.132 -9.636  -6.351  1.00 40.36 ? 249 HOH A O   1 
HETATM 1638 O  O   . HOH B 2 .   ? -13.382 1.025   -5.106  1.00 30.92 ? 250 HOH A O   1 
HETATM 1639 O  O   . HOH B 2 .   ? -23.884 -3.441  11.023  1.00 39.76 ? 251 HOH A O   1 
HETATM 1640 O  O   . HOH B 2 .   ? 5.079   12.563  15.708  1.00 37.81 ? 252 HOH A O   1 
HETATM 1641 O  O   . HOH B 2 .   ? 10.998  10.616  0.898   1.00 52.14 ? 253 HOH A O   1 
HETATM 1642 O  O   . HOH B 2 .   ? -25.669 -3.358  8.778   1.00 43.17 ? 254 HOH A O   1 
HETATM 1643 O  O   . HOH B 2 .   ? 2.453   7.192   13.186  1.00 44.21 ? 255 HOH A O   1 
HETATM 1644 O  O   . HOH B 2 .   ? -11.251 -8.580  -9.336  1.00 55.14 ? 256 HOH A O   1 
HETATM 1645 O  O   . HOH B 2 .   ? -2.644  -11.270 -5.859  1.00 39.55 ? 257 HOH A O   1 
HETATM 1646 O  O   . HOH B 2 .   ? -3.668  -15.813 4.492   1.00 45.87 ? 258 HOH A O   1 
HETATM 1647 O  O   . HOH B 2 .   ? -5.491  -6.739  -8.505  1.00 42.32 ? 259 HOH A O   1 
HETATM 1648 O  O   . HOH B 2 .   ? -2.627  -7.409  -8.778  1.00 47.32 ? 260 HOH A O   1 
HETATM 1649 O  O   . HOH B 2 .   ? -7.337  15.169  5.926   1.00 42.14 ? 261 HOH A O   1 
HETATM 1650 O  O   . HOH B 2 .   ? -5.666  -13.250 10.971  1.00 41.90 ? 262 HOH A O   1 
HETATM 1651 O  O   . HOH B 2 .   ? -1.972  0.506   2.743   1.00 50.99 ? 263 HOH A O   1 
HETATM 1652 O  O   . HOH B 2 .   ? -7.737  -15.474 7.482   1.00 47.37 ? 264 HOH A O   1 
HETATM 1653 O  O   . HOH B 2 .   ? -8.896  20.903  20.469  1.00 33.99 ? 265 HOH A O   1 
HETATM 1654 O  O   . HOH B 2 .   ? -6.886  10.578  -5.390  1.00 41.32 ? 266 HOH A O   1 
HETATM 1655 O  O   . HOH B 2 .   ? -8.090  -6.204  -10.083 1.00 48.90 ? 267 HOH A O   1 
HETATM 1656 O  O   . HOH B 2 .   ? 3.118   17.484  20.255  1.00 49.56 ? 268 HOH A O   1 
HETATM 1657 O  O   . HOH B 2 .   ? 3.481   16.072  8.407   1.00 43.35 ? 269 HOH A O   1 
HETATM 1658 O  O   . HOH B 2 .   ? -8.021  20.802  23.459  1.00 40.04 ? 270 HOH A O   1 
HETATM 1659 O  O   . HOH B 2 .   ? -0.518  -13.223 0.202   1.00 60.91 ? 271 HOH A O   1 
HETATM 1660 O  O   . HOH B 2 .   ? -19.793 6.096   11.739  1.00 42.24 ? 272 HOH A O   1 
HETATM 1661 O  O   . HOH B 2 .   ? -19.920 6.239   6.122   1.00 41.46 ? 273 HOH A O   1 
HETATM 1662 O  O   . HOH B 2 .   ? 2.771   1.221   -9.634  1.00 49.71 ? 274 HOH A O   1 
HETATM 1663 O  O   . HOH B 2 .   ? -19.893 -0.642  4.739   1.00 27.56 ? 275 HOH A O   1 
HETATM 1664 O  O   . HOH B 2 .   ? -30.112 -0.418  12.724  1.00 64.55 ? 276 HOH A O   1 
HETATM 1665 O  O   . HOH B 2 .   ? -3.697  -5.053  2.512   1.00 35.63 ? 277 HOH A O   1 
HETATM 1666 O  O   . HOH B 2 .   ? -3.703  20.345  17.783  1.00 47.12 ? 278 HOH A O   1 
HETATM 1667 O  O   . HOH B 2 .   ? -12.866 -13.140 3.512   1.00 49.78 ? 279 HOH A O   1 
HETATM 1668 O  O   . HOH B 2 .   ? 4.727   14.121  2.454   1.00 52.40 ? 280 HOH A O   1 
HETATM 1669 O  O   . HOH B 2 .   ? -0.706  8.439   -9.587  1.00 52.12 ? 281 HOH A O   1 
HETATM 1670 O  O   . HOH B 2 .   ? -16.704 12.267  -0.798  1.00 48.79 ? 282 HOH A O   1 
HETATM 1671 O  O   . HOH B 2 .   ? -21.061 -0.691  7.328   1.00 41.89 ? 283 HOH A O   1 
HETATM 1672 O  O   . HOH B 2 .   ? -2.956  -2.749  -11.881 1.00 52.40 ? 284 HOH A O   1 
HETATM 1673 O  O   . HOH B 2 .   ? -12.543 1.766   -2.381  1.00 20.31 ? 285 HOH A O   1 
HETATM 1674 O  O   . HOH B 2 .   ? 12.052  9.135   7.092   1.00 51.86 ? 286 HOH A O   1 
HETATM 1675 O  O   . HOH B 2 .   ? 6.918   10.691  -3.938  1.00 44.54 ? 287 HOH A O   1 
HETATM 1676 O  O   . HOH B 2 .   ? -21.341 1.033   3.508   1.00 35.86 ? 288 HOH A O   1 
HETATM 1677 O  O   . HOH B 2 .   ? -10.904 15.074  -1.235  1.00 36.73 ? 289 HOH A O   1 
HETATM 1678 O  O   . HOH B 2 .   ? 4.683   10.702  -5.295  1.00 34.36 ? 290 HOH A O   1 
HETATM 1679 O  O   . HOH B 2 .   ? -22.639 6.140   7.697   1.00 56.69 ? 291 HOH A O   1 
HETATM 1680 O  O   . HOH B 2 .   ? -23.749 -1.291  22.252  1.00 45.89 ? 292 HOH A O   1 
HETATM 1681 O  O   . HOH B 2 .   ? -30.226 -6.370  13.015  1.00 46.17 ? 293 HOH A O   1 
HETATM 1682 O  O   . HOH B 2 .   ? -22.923 -0.040  24.359  1.00 49.36 ? 294 HOH A O   1 
HETATM 1683 O  O   . HOH B 2 .   ? 20.183  -10.457 -10.348 1.00 63.07 ? 295 HOH A O   1 
HETATM 1684 O  O   . HOH B 2 .   ? -10.836 14.277  -3.772  1.00 53.41 ? 296 HOH A O   1 
HETATM 1685 O  O   . HOH B 2 .   ? -21.789 2.503   23.950  1.00 50.99 ? 297 HOH A O   1 
HETATM 1686 O  O   . HOH B 2 .   ? -24.032 3.343   13.102  1.00 31.96 ? 298 HOH A O   1 
HETATM 1687 O  O   . HOH B 2 .   ? -11.990 17.644  18.983  1.00 59.31 ? 299 HOH A O   1 
HETATM 1688 O  O   . HOH B 2 .   ? 6.967   -0.218  -12.018 1.00 63.53 ? 300 HOH A O   1 
HETATM 1689 O  O   . HOH B 2 .   ? -13.639 15.902  21.086  1.00 51.71 ? 301 HOH A O   1 
HETATM 1690 O  O   . HOH B 2 .   ? -16.515 9.156   0.210   1.00 43.74 ? 302 HOH A O   1 
HETATM 1691 O  O   . HOH B 2 .   ? -28.425 -1.011  16.034  1.00 52.25 ? 303 HOH A O   1 
HETATM 1692 O  O   . HOH B 2 .   ? 1.499   1.612   6.037   1.00 51.78 ? 304 HOH A O   1 
HETATM 1693 O  O   . HOH B 2 .   ? -14.558 -13.758 -3.766  1.00 46.30 ? 305 HOH A O   1 
HETATM 1694 O  O   . HOH B 2 .   ? 6.409   6.069   11.314  1.00 44.28 ? 306 HOH A O   1 
HETATM 1695 O  O   . HOH B 2 .   ? -3.825  -1.271  2.617   1.00 37.58 ? 307 HOH A O   1 
HETATM 1696 O  O   . HOH B 2 .   ? -7.704  1.784   -8.765  1.00 46.69 ? 308 HOH A O   1 
HETATM 1697 O  O   . HOH B 2 .   ? 6.940   -2.496  3.910   1.00 59.18 ? 309 HOH A O   1 
HETATM 1698 O  O   . HOH B 2 .   ? 6.976   1.702   7.481   1.00 42.77 ? 310 HOH A O   1 
HETATM 1699 O  O   . HOH B 2 .   ? -22.539 -1.570  2.748   1.00 48.39 ? 311 HOH A O   1 
HETATM 1700 O  O   . HOH B 2 .   ? 4.777   6.527   -9.562  1.00 41.15 ? 312 HOH A O   1 
HETATM 1701 O  O   . HOH B 2 .   ? 14.473  6.223   5.971   1.00 48.69 ? 313 HOH A O   1 
HETATM 1702 O  O   . HOH B 2 .   ? -20.799 4.040   -0.495  1.00 44.54 ? 314 HOH A O   1 
HETATM 1703 O  O   . HOH B 2 .   ? -7.648  17.434  -5.232  1.00 38.45 ? 315 HOH A O   1 
# 
